data_7SL7
#
_entry.id   7SL7
#
_cell.length_a   1.00
_cell.length_b   1.00
_cell.length_c   1.00
_cell.angle_alpha   90.00
_cell.angle_beta   90.00
_cell.angle_gamma   90.00
#
_symmetry.space_group_name_H-M   'P 1'
#
loop_
_entity.id
_entity.type
_entity.pdbx_description
1 polymer 'Insulin receptor'
2 polymer 'Insulin B chain'
3 polymer 'Insulin A chain (L13R)'
4 polymer 'Insulin A chain (V3E)'
#
loop_
_entity_poly.entity_id
_entity_poly.type
_entity_poly.pdbx_seq_one_letter_code
_entity_poly.pdbx_strand_id
1 'polypeptide(L)'
;MGFGRGCETTAVPLLVAVAALLVGTAGHLYPGEVCPGMDIRNNLTRLHELENCSVIEGHLQILLMFKTRPEDFRDLSFPK
LIMITDYLLLFRVYGLESLKDLFPNLTVIRGSRLFFNYALVIFEMVHLKELGLYNLMNITRGSVRIEKNNELCYLATIDW
SRILDSVEDNYIVLNKDDNEECGDVCPGTAKGKTNCPATVINGQFVERCWTHSHCQKVCPTICKSHGCTAEGLCCHKECL
GNCSEPDDPTKCVACRNFYLDGQCVETCPPPYYHFQDWRCVNFSFCQDLHFKCRNSRKPGCHQYVIHNNKCIPECPSGYT
MNSSNLMCTPCLGPCPKVCQILEGEKTIDSVTSAQELRGCTVINGSLIINIRGGNNLAAELEANLGLIEEISGFLKIRRS
YALVSLSFFRKLHLIRGETLEIGNYSFYALDNQNLRQLWDWSKHNLTITQGKLFFHYNPKLCLSEIHKMEEVSGTKGRQE
RNDIALKTNGDQASCENELLKFSFIRTSFDKILLRWEPYWPPDFRDLLGFMLFYKEAPYQNVTEFDGQDACGSNSWTVVD
IDPPQRSNDPKSQTPSHPGWLMRGLKPWTQYAIFVKTLVTFSDERRTYGAKSDIIYVQTDATNPSVPLDPISVSNSSSQI
ILKWKPPSDPNGNITHYLVYWERQAEDSELFELDYCLKGLKLPSRTWSPPFESDDSQKHNQSEYDDSASECCSCPKTDSQ
ILKELEESSFRKTFEDYLHNVVFVPRPSRKRRSLEEVGNVTATTLTLPDFPNVSSTIVPTSQEEHRPFEKVVNKESLVIS
GLRHFTGYRIELQACNQDSPDERCSVAAYVSARTMPEAKADDIVGPVTHEIFENNVVHLMWQEPKEPNGLIVLYEVSYRR
YGDEELHLCVSRKHFALERGCRLRGLSPGNYSVRVRATSLAGNGSWTEPTYFYVTDYLDVPSNIAKIIIGPLIFVFLFSV
VIGSIYLFLRKRQPDGPMGPLYASSNPEYLSASDVFPSSVYVPDEWEVPREKITLLRELGQGSFGMVYEGNAKDIIKGEA
ETRVAVKTVNESASLRERIEFLNEASVMKGFTCHHVVRLLGVVSKGQPTLVVMELMAHGDLKSHLRSLRPDAENNPGRPP
PTLQEMIQMTAEIADGMAYLNAKKFVHRDLAARNCMVAHDFTVKIGDFGMTRDIYETDYYRKGGKGLLPVRWMSPESLKD
GVFTASSDMWSFGVVLWEITSLAEQPYQGLSNEQVLKFVMDGGYLDPPDNCPERLTDLMRMCWQFNPKMRPTFLEIVNLL
KDDLHPSFPEVSFFYSEENKAPESEELEMEFEDMENVPLDRSSHCQREEAGGREGGSSLSIKRTYDEHIPYTHMNGGKKN
GRVLTLPRSNPS
;
A,B
2 'polypeptide(L)' FVNQHLCGSHLVEALYLVCGERGFFYTPKT G,H,I,J
3 'polypeptide(L)' GIVEQCCTSICSRYQLENYCN C,D
4 'polypeptide(L)' GIEEQCCTSICSLYQLENYCN E,F
#
# COMPACT_ATOMS: atom_id res chain seq x y z
N HIS A 28 17.01 -32.63 -53.19
CA HIS A 28 15.71 -33.25 -53.05
C HIS A 28 15.54 -33.89 -51.68
N LEU A 29 15.02 -35.10 -51.65
CA LEU A 29 14.80 -35.80 -50.39
C LEU A 29 16.12 -36.29 -49.80
N TYR A 30 16.02 -37.00 -48.69
CA TYR A 30 17.20 -37.35 -47.91
C TYR A 30 18.03 -38.42 -48.61
N PRO A 31 19.28 -38.14 -48.96
CA PRO A 31 20.16 -39.19 -49.47
C PRO A 31 21.06 -39.78 -48.37
N GLY A 32 21.75 -40.86 -48.69
CA GLY A 32 22.80 -41.37 -47.83
C GLY A 32 22.36 -42.06 -46.55
N GLU A 33 23.19 -41.98 -45.52
CA GLU A 33 22.99 -42.74 -44.29
C GLU A 33 21.96 -42.06 -43.39
N VAL A 34 21.75 -42.67 -42.22
CA VAL A 34 20.77 -42.18 -41.27
C VAL A 34 21.39 -41.78 -39.93
N CYS A 35 22.60 -42.26 -39.61
CA CYS A 35 23.42 -41.83 -38.48
C CYS A 35 22.61 -41.62 -37.20
N PRO A 36 22.20 -42.72 -36.53
CA PRO A 36 21.43 -42.58 -35.28
C PRO A 36 22.05 -41.63 -34.27
N GLY A 37 21.23 -41.07 -33.39
CA GLY A 37 21.63 -40.03 -32.45
C GLY A 37 22.99 -40.22 -31.81
N MET A 38 23.81 -39.18 -31.83
CA MET A 38 25.19 -39.27 -31.40
C MET A 38 25.54 -38.08 -30.51
N ASP A 39 26.64 -38.23 -29.78
CA ASP A 39 27.14 -37.20 -28.88
C ASP A 39 28.62 -36.98 -29.16
N ILE A 40 29.01 -35.71 -29.23
CA ILE A 40 30.37 -35.33 -29.61
C ILE A 40 30.95 -34.44 -28.52
N ARG A 41 32.17 -34.74 -28.10
CA ARG A 41 32.75 -34.08 -26.94
C ARG A 41 34.25 -33.88 -27.11
N ASN A 42 34.74 -32.79 -26.50
CA ASN A 42 36.16 -32.59 -26.18
C ASN A 42 37.04 -32.28 -27.38
N ASN A 43 36.51 -32.39 -28.59
CA ASN A 43 37.27 -32.10 -29.80
C ASN A 43 36.35 -32.23 -31.01
N LEU A 44 36.88 -31.85 -32.17
CA LEU A 44 36.17 -31.96 -33.44
C LEU A 44 36.51 -33.23 -34.19
N THR A 45 37.30 -34.11 -33.60
CA THR A 45 37.78 -35.29 -34.33
C THR A 45 36.63 -36.21 -34.72
N ARG A 46 35.68 -36.43 -33.81
CA ARG A 46 34.60 -37.37 -34.03
C ARG A 46 33.39 -36.76 -34.74
N LEU A 47 33.44 -35.47 -35.08
CA LEU A 47 32.37 -34.85 -35.85
C LEU A 47 32.38 -35.27 -37.32
N HIS A 48 33.47 -35.89 -37.79
CA HIS A 48 33.61 -36.19 -39.21
C HIS A 48 32.74 -37.36 -39.66
N GLU A 49 32.03 -38.04 -38.75
CA GLU A 49 31.12 -39.10 -39.13
C GLU A 49 29.72 -38.60 -39.46
N LEU A 50 29.51 -37.29 -39.39
CA LEU A 50 28.25 -36.68 -39.83
C LEU A 50 28.27 -36.33 -41.31
N GLU A 51 29.36 -36.61 -42.01
CA GLU A 51 29.54 -36.14 -43.38
C GLU A 51 28.55 -36.81 -44.34
N ASN A 52 28.29 -38.10 -44.17
CA ASN A 52 27.59 -38.89 -45.17
C ASN A 52 26.11 -39.08 -44.87
N CYS A 53 25.57 -38.40 -43.86
CA CYS A 53 24.17 -38.57 -43.48
C CYS A 53 23.46 -37.23 -43.50
N SER A 54 22.19 -37.26 -43.93
CA SER A 54 21.36 -36.07 -44.04
C SER A 54 20.34 -35.94 -42.92
N VAL A 55 19.85 -37.06 -42.40
CA VAL A 55 18.89 -37.09 -41.31
C VAL A 55 19.57 -37.71 -40.09
N ILE A 56 19.33 -37.13 -38.93
CA ILE A 56 19.80 -37.69 -37.66
C ILE A 56 18.62 -38.39 -36.99
N GLU A 57 18.70 -39.71 -36.88
CA GLU A 57 17.63 -40.50 -36.28
C GLU A 57 17.85 -40.58 -34.77
N GLY A 58 17.72 -39.43 -34.14
CA GLY A 58 17.96 -39.30 -32.71
C GLY A 58 18.23 -37.84 -32.38
N HIS A 59 19.11 -37.64 -31.40
CA HIS A 59 19.45 -36.31 -30.92
C HIS A 59 20.91 -36.01 -31.23
N LEU A 60 21.19 -34.75 -31.52
CA LEU A 60 22.54 -34.27 -31.81
C LEU A 60 22.98 -33.34 -30.69
N GLN A 61 24.13 -33.66 -30.08
CA GLN A 61 24.66 -32.87 -28.99
C GLN A 61 26.12 -32.52 -29.30
N ILE A 62 26.39 -31.23 -29.51
CA ILE A 62 27.74 -30.72 -29.65
C ILE A 62 28.01 -29.84 -28.44
N LEU A 63 28.89 -30.30 -27.56
CA LEU A 63 29.05 -29.63 -26.28
C LEU A 63 30.41 -29.97 -25.69
N LEU A 64 30.83 -29.16 -24.72
CA LEU A 64 32.05 -29.36 -23.95
C LEU A 64 33.28 -29.41 -24.86
N MET A 65 33.52 -28.30 -25.55
CA MET A 65 34.68 -28.13 -26.41
C MET A 65 35.41 -26.86 -25.97
N PHE A 66 36.46 -27.03 -25.16
CA PHE A 66 37.23 -25.92 -24.63
C PHE A 66 38.50 -25.64 -25.42
N LYS A 67 39.20 -26.69 -25.85
CA LYS A 67 40.43 -26.53 -26.64
C LYS A 67 40.09 -26.40 -28.12
N THR A 68 39.23 -25.44 -28.43
CA THR A 68 38.79 -25.17 -29.79
C THR A 68 38.99 -23.70 -30.11
N ARG A 69 39.19 -23.42 -31.39
CA ARG A 69 39.51 -22.07 -31.85
C ARG A 69 38.55 -21.68 -32.97
N PRO A 70 38.35 -20.37 -33.18
CA PRO A 70 37.48 -19.93 -34.28
C PRO A 70 37.96 -20.36 -35.65
N GLU A 71 39.25 -20.66 -35.82
CA GLU A 71 39.76 -21.13 -37.10
C GLU A 71 39.57 -22.63 -37.30
N ASP A 72 39.01 -23.33 -36.32
CA ASP A 72 38.76 -24.76 -36.44
C ASP A 72 37.38 -25.08 -37.00
N PHE A 73 36.58 -24.06 -37.34
CA PHE A 73 35.23 -24.28 -37.85
C PHE A 73 35.00 -23.74 -39.25
N ARG A 74 35.88 -22.88 -39.77
CA ARG A 74 35.67 -22.31 -41.09
C ARG A 74 35.70 -23.37 -42.18
N ASP A 75 36.64 -24.32 -42.08
CA ASP A 75 36.82 -25.34 -43.10
C ASP A 75 35.90 -26.54 -42.89
N LEU A 76 35.10 -26.55 -41.83
CA LEU A 76 34.22 -27.67 -41.50
C LEU A 76 32.78 -27.25 -41.71
N SER A 77 32.07 -27.99 -42.54
CA SER A 77 30.67 -27.69 -42.83
C SER A 77 29.92 -29.00 -43.10
N PHE A 78 28.62 -28.98 -42.83
CA PHE A 78 27.74 -30.13 -43.06
C PHE A 78 26.52 -29.68 -43.85
N PRO A 79 26.68 -29.43 -45.15
CA PRO A 79 25.51 -29.07 -45.96
C PRO A 79 24.53 -30.20 -46.16
N LYS A 80 24.96 -31.45 -45.94
CA LYS A 80 24.07 -32.58 -46.19
C LYS A 80 22.98 -32.70 -45.14
N LEU A 81 23.25 -32.29 -43.90
CA LEU A 81 22.28 -32.45 -42.82
C LEU A 81 21.02 -31.65 -43.14
N ILE A 82 19.87 -32.29 -42.93
CA ILE A 82 18.58 -31.69 -43.31
C ILE A 82 17.69 -31.51 -42.10
N MET A 83 17.41 -32.59 -41.38
CA MET A 83 16.47 -32.55 -40.27
C MET A 83 16.94 -33.46 -39.14
N ILE A 84 16.55 -33.08 -37.93
CA ILE A 84 16.89 -33.80 -36.70
C ILE A 84 15.61 -34.26 -36.03
N THR A 85 15.55 -35.54 -35.65
CA THR A 85 14.34 -36.12 -35.11
C THR A 85 14.05 -35.71 -33.68
N ASP A 86 15.06 -35.74 -32.80
CA ASP A 86 14.79 -35.53 -31.37
C ASP A 86 15.00 -34.08 -30.96
N TYR A 87 16.23 -33.57 -31.07
CA TYR A 87 16.54 -32.20 -30.68
C TYR A 87 18.01 -31.92 -31.00
N LEU A 88 18.38 -30.65 -30.85
CA LEU A 88 19.75 -30.19 -31.02
C LEU A 88 20.17 -29.47 -29.74
N LEU A 89 21.32 -29.85 -29.20
CA LEU A 89 21.83 -29.28 -27.95
C LEU A 89 23.22 -28.71 -28.20
N LEU A 90 23.48 -27.53 -27.63
CA LEU A 90 24.75 -26.86 -27.75
C LEU A 90 25.12 -26.27 -26.40
N PHE A 91 26.21 -26.75 -25.80
CA PHE A 91 26.57 -26.39 -24.43
C PHE A 91 28.08 -26.19 -24.34
N ARG A 92 28.49 -24.92 -24.28
CA ARG A 92 29.89 -24.55 -24.03
C ARG A 92 30.84 -25.15 -25.07
N VAL A 93 30.68 -24.69 -26.31
CA VAL A 93 31.64 -24.95 -27.37
C VAL A 93 32.34 -23.64 -27.68
N TYR A 94 33.63 -23.57 -27.38
CA TYR A 94 34.40 -22.34 -27.56
C TYR A 94 34.87 -22.21 -29.00
N GLY A 95 34.95 -20.97 -29.47
CA GLY A 95 35.40 -20.67 -30.81
C GLY A 95 34.31 -20.69 -31.86
N LEU A 96 33.15 -21.25 -31.56
CA LEU A 96 32.05 -21.28 -32.52
C LEU A 96 31.33 -19.93 -32.49
N GLU A 97 31.28 -19.26 -33.64
CA GLU A 97 30.66 -17.95 -33.72
C GLU A 97 29.29 -17.97 -34.41
N SER A 98 29.04 -18.94 -35.28
CA SER A 98 27.77 -19.01 -35.99
C SER A 98 27.53 -20.44 -36.45
N LEU A 99 26.26 -20.81 -36.53
CA LEU A 99 25.85 -22.11 -37.05
C LEU A 99 25.57 -22.08 -38.54
N LYS A 100 25.71 -20.92 -39.19
CA LYS A 100 25.41 -20.83 -40.62
C LYS A 100 26.35 -21.66 -41.46
N ASP A 101 27.50 -22.06 -40.93
CA ASP A 101 28.42 -22.94 -41.62
C ASP A 101 28.31 -24.40 -41.19
N LEU A 102 28.03 -24.65 -39.92
CA LEU A 102 27.86 -26.02 -39.45
C LEU A 102 26.63 -26.66 -40.06
N PHE A 103 25.48 -25.98 -39.98
CA PHE A 103 24.20 -26.52 -40.45
C PHE A 103 23.55 -25.49 -41.36
N PRO A 104 24.01 -25.39 -42.61
CA PRO A 104 23.41 -24.44 -43.55
C PRO A 104 22.13 -24.94 -44.20
N ASN A 105 21.70 -26.18 -43.91
CA ASN A 105 20.50 -26.74 -44.53
C ASN A 105 19.58 -27.40 -43.51
N LEU A 106 19.83 -27.22 -42.21
CA LEU A 106 18.93 -27.75 -41.19
C LEU A 106 17.59 -27.03 -41.28
N THR A 107 16.51 -27.80 -41.43
CA THR A 107 15.20 -27.21 -41.68
C THR A 107 14.11 -27.65 -40.73
N VAL A 108 14.16 -28.87 -40.20
CA VAL A 108 13.09 -29.42 -39.38
C VAL A 108 13.68 -30.08 -38.15
N ILE A 109 13.14 -29.75 -36.98
CA ILE A 109 13.43 -30.45 -35.74
C ILE A 109 12.10 -31.04 -35.27
N ARG A 110 11.95 -32.36 -35.40
CA ARG A 110 10.66 -32.98 -35.12
C ARG A 110 10.33 -32.92 -33.63
N GLY A 111 11.34 -33.04 -32.77
CA GLY A 111 11.08 -33.06 -31.35
C GLY A 111 10.35 -34.28 -30.86
N SER A 112 10.67 -35.46 -31.41
CA SER A 112 10.07 -36.69 -30.92
C SER A 112 10.45 -36.95 -29.47
N ARG A 113 11.73 -36.77 -29.14
CA ARG A 113 12.22 -36.80 -27.77
C ARG A 113 12.88 -35.46 -27.46
N LEU A 114 12.44 -34.81 -26.40
CA LEU A 114 12.92 -33.48 -26.04
C LEU A 114 14.00 -33.57 -24.98
N PHE A 115 14.65 -32.42 -24.76
CA PHE A 115 15.64 -32.26 -23.69
C PHE A 115 15.07 -31.23 -22.73
N PHE A 116 14.40 -31.71 -21.68
CA PHE A 116 13.72 -30.87 -20.70
C PHE A 116 12.71 -29.95 -21.41
N ASN A 117 11.72 -30.59 -22.03
CA ASN A 117 10.64 -29.92 -22.77
C ASN A 117 11.17 -28.86 -23.74
N TYR A 118 12.37 -29.07 -24.27
CA TYR A 118 12.96 -28.17 -25.25
C TYR A 118 13.49 -28.96 -26.43
N ALA A 119 13.32 -28.40 -27.62
CA ALA A 119 13.80 -29.02 -28.85
C ALA A 119 15.05 -28.37 -29.42
N LEU A 120 15.38 -27.14 -29.01
CA LEU A 120 16.60 -26.47 -29.44
C LEU A 120 17.18 -25.78 -28.22
N VAL A 121 18.26 -26.35 -27.68
CA VAL A 121 18.90 -25.84 -26.47
C VAL A 121 20.26 -25.27 -26.87
N ILE A 122 20.48 -24.00 -26.56
CA ILE A 122 21.76 -23.33 -26.77
C ILE A 122 22.10 -22.68 -25.43
N PHE A 123 23.01 -23.31 -24.68
CA PHE A 123 23.28 -22.90 -23.31
C PHE A 123 24.77 -22.60 -23.16
N GLU A 124 25.08 -21.43 -22.62
CA GLU A 124 26.46 -21.04 -22.30
C GLU A 124 27.37 -21.13 -23.52
N MET A 125 26.87 -20.66 -24.67
CA MET A 125 27.68 -20.55 -25.88
C MET A 125 28.49 -19.26 -25.83
N VAL A 126 29.66 -19.35 -25.20
CA VAL A 126 30.63 -18.27 -25.27
C VAL A 126 31.20 -18.21 -26.68
N HIS A 127 31.53 -17.01 -27.13
CA HIS A 127 32.10 -16.71 -28.46
C HIS A 127 31.11 -16.88 -29.59
N LEU A 128 29.84 -17.20 -29.30
CA LEU A 128 28.82 -17.32 -30.33
C LEU A 128 28.11 -15.99 -30.50
N LYS A 129 28.02 -15.51 -31.75
CA LYS A 129 27.50 -14.18 -32.01
C LYS A 129 26.17 -14.16 -32.75
N GLU A 130 25.88 -15.17 -33.57
CA GLU A 130 24.62 -15.22 -34.31
C GLU A 130 24.21 -16.67 -34.51
N LEU A 131 22.90 -16.89 -34.65
CA LEU A 131 22.40 -18.24 -34.84
C LEU A 131 22.75 -18.76 -36.23
N GLY A 132 22.26 -18.08 -37.26
CA GLY A 132 22.61 -18.44 -38.63
C GLY A 132 21.90 -19.65 -39.19
N LEU A 133 20.92 -20.20 -38.48
CA LEU A 133 20.14 -21.32 -39.00
C LEU A 133 19.05 -20.78 -39.93
N TYR A 134 19.49 -20.35 -41.11
CA TYR A 134 18.63 -19.64 -42.05
C TYR A 134 17.72 -20.56 -42.86
N ASN A 135 17.77 -21.87 -42.62
CA ASN A 135 16.84 -22.80 -43.25
C ASN A 135 15.87 -23.44 -42.27
N LEU A 136 15.98 -23.13 -40.98
CA LEU A 136 15.08 -23.70 -39.99
C LEU A 136 13.67 -23.19 -40.22
N MET A 137 12.78 -24.09 -40.65
CA MET A 137 11.41 -23.72 -40.99
C MET A 137 10.40 -24.13 -39.93
N ASN A 138 10.42 -25.40 -39.52
CA ASN A 138 9.43 -25.93 -38.58
C ASN A 138 10.11 -26.68 -37.45
N ILE A 139 9.62 -26.46 -36.24
CA ILE A 139 9.97 -27.26 -35.07
C ILE A 139 8.67 -27.90 -34.61
N THR A 140 8.49 -29.18 -34.93
CA THR A 140 7.17 -29.82 -34.78
C THR A 140 6.73 -29.85 -33.33
N ARG A 141 7.61 -30.28 -32.43
CA ARG A 141 7.24 -30.44 -31.02
C ARG A 141 8.37 -29.98 -30.14
N GLY A 142 8.03 -29.29 -29.06
CA GLY A 142 8.99 -28.79 -28.10
C GLY A 142 9.02 -27.28 -28.04
N SER A 143 10.17 -26.77 -27.58
CA SER A 143 10.39 -25.34 -27.48
C SER A 143 11.86 -25.05 -27.70
N VAL A 144 12.22 -23.77 -27.63
CA VAL A 144 13.59 -23.32 -27.84
C VAL A 144 14.04 -22.56 -26.60
N ARG A 145 15.18 -22.95 -26.05
CA ARG A 145 15.79 -22.25 -24.92
C ARG A 145 17.16 -21.72 -25.34
N ILE A 146 17.37 -20.42 -25.15
CA ILE A 146 18.63 -19.77 -25.39
C ILE A 146 18.99 -18.96 -24.16
N GLU A 147 20.10 -19.30 -23.52
CA GLU A 147 20.43 -18.69 -22.24
C GLU A 147 21.94 -18.55 -22.10
N LYS A 148 22.35 -17.48 -21.42
CA LYS A 148 23.75 -17.23 -21.06
C LYS A 148 24.67 -17.24 -22.29
N ASN A 149 24.34 -16.42 -23.28
CA ASN A 149 25.19 -16.22 -24.45
C ASN A 149 25.51 -14.73 -24.52
N ASN A 150 26.65 -14.34 -23.96
CA ASN A 150 27.00 -12.94 -23.79
C ASN A 150 27.29 -12.22 -25.09
N GLU A 151 27.50 -12.96 -26.19
CA GLU A 151 27.82 -12.34 -27.47
C GLU A 151 26.79 -12.64 -28.55
N LEU A 152 25.79 -13.47 -28.28
CA LEU A 152 24.83 -13.85 -29.30
C LEU A 152 23.85 -12.72 -29.54
N CYS A 153 23.68 -12.35 -30.81
CA CYS A 153 22.76 -11.31 -31.24
C CYS A 153 21.84 -11.86 -32.33
N TYR A 154 21.10 -10.96 -32.98
CA TYR A 154 20.17 -11.32 -34.04
C TYR A 154 19.09 -12.28 -33.53
N LEU A 155 18.72 -12.12 -32.25
CA LEU A 155 17.70 -12.95 -31.64
C LEU A 155 16.31 -12.33 -31.73
N ALA A 156 16.20 -11.01 -31.53
CA ALA A 156 14.91 -10.34 -31.66
C ALA A 156 14.45 -10.23 -33.11
N THR A 157 15.33 -10.50 -34.07
CA THR A 157 14.99 -10.44 -35.48
C THR A 157 14.56 -11.80 -36.03
N ILE A 158 14.06 -12.69 -35.19
CA ILE A 158 13.58 -14.00 -35.60
C ILE A 158 12.13 -14.13 -35.18
N ASP A 159 11.26 -14.47 -36.15
CA ASP A 159 9.84 -14.66 -35.88
C ASP A 159 9.62 -16.13 -35.53
N TRP A 160 9.73 -16.44 -34.24
CA TRP A 160 9.60 -17.82 -33.80
C TRP A 160 8.19 -18.36 -34.04
N SER A 161 7.19 -17.48 -34.12
CA SER A 161 5.83 -17.91 -34.41
C SER A 161 5.72 -18.58 -35.77
N ARG A 162 6.57 -18.21 -36.73
CA ARG A 162 6.59 -18.87 -38.02
C ARG A 162 7.32 -20.21 -37.98
N ILE A 163 8.12 -20.44 -36.95
CA ILE A 163 8.91 -21.66 -36.83
C ILE A 163 8.28 -22.65 -35.85
N LEU A 164 7.88 -22.16 -34.68
CA LEU A 164 7.36 -23.00 -33.62
C LEU A 164 5.91 -22.65 -33.34
N ASP A 165 5.10 -23.67 -33.09
CA ASP A 165 3.68 -23.45 -32.86
C ASP A 165 3.43 -22.76 -31.52
N SER A 166 3.84 -23.39 -30.43
CA SER A 166 3.64 -22.83 -29.08
C SER A 166 4.85 -21.96 -28.74
N VAL A 167 4.78 -20.69 -29.13
CA VAL A 167 5.90 -19.77 -28.92
C VAL A 167 5.96 -19.24 -27.50
N GLU A 168 4.87 -19.34 -26.74
CA GLU A 168 4.85 -18.81 -25.39
C GLU A 168 5.71 -19.61 -24.41
N ASP A 169 6.14 -20.82 -24.79
CA ASP A 169 6.95 -21.65 -23.92
C ASP A 169 8.45 -21.43 -24.11
N ASN A 170 8.84 -20.58 -25.06
CA ASN A 170 10.26 -20.32 -25.28
C ASN A 170 10.84 -19.52 -24.11
N TYR A 171 12.13 -19.79 -23.84
CA TYR A 171 12.84 -19.09 -22.77
C TYR A 171 14.15 -18.57 -23.35
N ILE A 172 14.18 -17.31 -23.75
CA ILE A 172 15.35 -16.68 -24.36
C ILE A 172 15.70 -15.49 -23.49
N VAL A 173 16.61 -15.71 -22.52
CA VAL A 173 17.01 -14.67 -21.58
C VAL A 173 18.53 -14.67 -21.45
N LEU A 174 19.05 -13.58 -20.90
CA LEU A 174 20.48 -13.42 -20.59
C LEU A 174 21.34 -13.60 -21.84
N ASN A 175 21.14 -12.70 -22.79
CA ASN A 175 21.93 -12.68 -24.02
C ASN A 175 22.48 -11.29 -24.28
N LYS A 176 23.09 -11.08 -25.45
CA LYS A 176 23.58 -9.76 -25.80
C LYS A 176 22.50 -8.86 -26.38
N ASP A 177 21.35 -9.44 -26.77
CA ASP A 177 20.28 -8.64 -27.35
C ASP A 177 19.65 -7.68 -26.34
N ASP A 178 19.75 -7.97 -25.05
CA ASP A 178 19.22 -7.10 -24.02
C ASP A 178 20.29 -6.51 -23.10
N ASN A 179 21.38 -7.24 -22.85
CA ASN A 179 22.45 -6.70 -22.01
C ASN A 179 23.12 -5.51 -22.68
N GLU A 180 23.35 -5.58 -23.99
CA GLU A 180 23.95 -4.49 -24.74
C GLU A 180 23.07 -4.09 -25.92
N GLU A 181 23.59 -3.22 -26.78
CA GLU A 181 22.85 -2.70 -27.92
C GLU A 181 23.53 -3.08 -29.23
N CYS A 182 23.91 -4.35 -29.36
CA CYS A 182 24.53 -4.82 -30.60
C CYS A 182 23.57 -4.67 -31.77
N GLY A 183 24.09 -4.17 -32.89
CA GLY A 183 23.24 -3.90 -34.04
C GLY A 183 22.77 -5.17 -34.72
N ASP A 184 21.62 -5.05 -35.38
CA ASP A 184 21.02 -6.14 -36.14
C ASP A 184 20.61 -5.57 -37.50
N VAL A 185 21.47 -5.75 -38.49
CA VAL A 185 21.26 -5.17 -39.81
C VAL A 185 20.64 -6.21 -40.74
N CYS A 186 19.35 -6.04 -41.02
CA CYS A 186 18.65 -6.84 -42.01
C CYS A 186 18.48 -6.03 -43.28
N PRO A 187 19.01 -6.51 -44.42
CA PRO A 187 18.94 -5.71 -45.65
C PRO A 187 17.50 -5.40 -46.05
N GLY A 188 17.15 -4.12 -46.02
CA GLY A 188 15.82 -3.68 -46.36
C GLY A 188 15.71 -3.17 -47.79
N THR A 189 16.84 -3.10 -48.49
CA THR A 189 16.86 -2.65 -49.86
C THR A 189 17.51 -3.68 -50.77
N ASN A 195 14.89 -6.20 -48.28
CA ASN A 195 14.36 -7.42 -48.87
C ASN A 195 13.89 -8.39 -47.78
N CYS A 196 14.41 -8.22 -46.58
CA CYS A 196 13.98 -9.06 -45.46
C CYS A 196 12.52 -8.76 -45.14
N PRO A 197 11.66 -9.79 -45.07
CA PRO A 197 10.26 -9.55 -44.73
C PRO A 197 10.10 -9.01 -43.32
N ALA A 198 9.07 -8.20 -43.14
CA ALA A 198 8.78 -7.56 -41.85
C ALA A 198 7.43 -8.08 -41.35
N THR A 199 7.41 -8.61 -40.13
CA THR A 199 6.20 -9.11 -39.51
C THR A 199 6.00 -8.45 -38.15
N VAL A 200 4.75 -8.24 -37.79
CA VAL A 200 4.42 -7.62 -36.51
C VAL A 200 4.65 -8.65 -35.40
N ILE A 201 5.28 -8.20 -34.31
CA ILE A 201 5.57 -9.06 -33.16
C ILE A 201 4.68 -8.71 -31.97
N ASN A 202 4.72 -7.46 -31.50
CA ASN A 202 3.86 -7.01 -30.42
C ASN A 202 2.92 -5.91 -30.87
N GLY A 203 3.46 -4.77 -31.33
CA GLY A 203 2.65 -3.71 -31.88
C GLY A 203 3.32 -2.97 -33.02
N GLN A 204 4.48 -3.48 -33.45
CA GLN A 204 5.29 -2.81 -34.47
C GLN A 204 5.79 -3.82 -35.48
N PHE A 205 6.11 -3.32 -36.67
CA PHE A 205 6.64 -4.15 -37.75
C PHE A 205 8.16 -4.06 -37.73
N VAL A 206 8.82 -5.22 -37.69
CA VAL A 206 10.28 -5.29 -37.70
C VAL A 206 10.72 -6.36 -38.70
N GLU A 207 11.82 -6.07 -39.38
CA GLU A 207 12.36 -7.00 -40.36
C GLU A 207 12.97 -8.22 -39.68
N ARG A 208 12.87 -9.37 -40.34
CA ARG A 208 13.35 -10.64 -39.81
C ARG A 208 14.58 -11.07 -40.61
N CYS A 209 15.68 -11.34 -39.91
CA CYS A 209 16.89 -11.80 -40.54
C CYS A 209 17.71 -12.62 -39.54
N TRP A 210 18.16 -13.80 -39.99
CA TRP A 210 19.01 -14.63 -39.15
C TRP A 210 20.38 -13.99 -38.95
N THR A 211 20.99 -13.54 -40.03
CA THR A 211 22.30 -12.90 -40.01
C THR A 211 22.22 -11.55 -40.72
N HIS A 212 23.38 -10.95 -40.94
CA HIS A 212 23.46 -9.69 -41.68
C HIS A 212 23.23 -9.87 -43.17
N SER A 213 23.29 -11.09 -43.69
CA SER A 213 23.13 -11.33 -45.11
C SER A 213 22.04 -12.36 -45.44
N HIS A 214 21.35 -12.89 -44.44
CA HIS A 214 20.32 -13.89 -44.66
C HIS A 214 19.01 -13.43 -44.03
N CYS A 215 17.96 -13.35 -44.83
CA CYS A 215 16.63 -13.01 -44.32
C CYS A 215 15.88 -14.26 -43.91
N GLN A 216 15.09 -14.14 -42.86
CA GLN A 216 14.23 -15.24 -42.43
C GLN A 216 13.13 -15.44 -43.47
N LYS A 217 13.13 -16.60 -44.12
CA LYS A 217 12.19 -16.86 -45.20
C LYS A 217 10.79 -17.04 -44.62
N VAL A 218 9.85 -16.24 -45.10
CA VAL A 218 8.47 -16.26 -44.63
C VAL A 218 7.56 -16.56 -45.82
N CYS A 219 6.68 -17.54 -45.65
CA CYS A 219 5.77 -17.96 -46.71
C CYS A 219 4.39 -17.35 -46.51
N PRO A 220 3.63 -17.20 -47.58
CA PRO A 220 2.27 -16.66 -47.45
C PRO A 220 1.37 -17.60 -46.67
N THR A 221 0.31 -17.01 -46.09
CA THR A 221 -0.63 -17.78 -45.28
C THR A 221 -1.33 -18.88 -46.07
N ILE A 222 -1.35 -18.78 -47.40
CA ILE A 222 -1.88 -19.87 -48.21
C ILE A 222 -1.01 -21.11 -48.06
N CYS A 223 0.30 -20.92 -47.92
CA CYS A 223 1.22 -22.01 -47.59
C CYS A 223 1.29 -22.07 -46.07
N LYS A 224 0.40 -22.86 -45.48
CA LYS A 224 0.30 -22.93 -44.01
C LYS A 224 1.61 -23.44 -43.41
N SER A 225 1.97 -24.68 -43.73
CA SER A 225 3.21 -25.27 -43.24
C SER A 225 4.01 -25.97 -44.32
N HIS A 226 3.44 -26.19 -45.51
CA HIS A 226 4.16 -26.90 -46.57
C HIS A 226 5.32 -26.10 -47.13
N GLY A 227 5.39 -24.81 -46.84
CA GLY A 227 6.46 -23.98 -47.32
C GLY A 227 6.23 -23.47 -48.73
N CYS A 228 7.07 -22.52 -49.13
CA CYS A 228 6.98 -21.90 -50.44
C CYS A 228 8.32 -21.99 -51.15
N THR A 229 8.30 -21.73 -52.45
CA THR A 229 9.52 -21.72 -53.26
C THR A 229 10.11 -20.30 -53.25
N ALA A 230 11.09 -20.06 -54.12
CA ALA A 230 11.70 -18.74 -54.20
C ALA A 230 10.71 -17.68 -54.65
N GLU A 231 9.83 -18.02 -55.59
CA GLU A 231 8.84 -17.07 -56.11
C GLU A 231 7.55 -17.05 -55.30
N GLY A 232 7.46 -17.88 -54.26
CA GLY A 232 6.28 -17.86 -53.41
C GLY A 232 5.14 -18.72 -53.89
N LEU A 233 5.41 -20.00 -54.14
CA LEU A 233 4.40 -20.96 -54.57
C LEU A 233 4.34 -22.10 -53.57
N CYS A 234 3.11 -22.47 -53.19
CA CYS A 234 2.92 -23.52 -52.19
C CYS A 234 3.43 -24.86 -52.69
N CYS A 235 4.07 -25.61 -51.79
CA CYS A 235 4.57 -26.94 -52.13
C CYS A 235 3.43 -27.95 -52.03
N HIS A 236 3.77 -29.24 -52.06
CA HIS A 236 2.75 -30.28 -52.01
C HIS A 236 2.07 -30.32 -50.65
N LYS A 237 0.89 -30.92 -50.63
CA LYS A 237 0.12 -31.07 -49.39
C LYS A 237 0.86 -31.91 -48.35
N GLU A 238 1.71 -32.84 -48.79
CA GLU A 238 2.47 -33.69 -47.90
C GLU A 238 3.89 -33.16 -47.66
N CYS A 239 4.14 -31.89 -47.96
CA CYS A 239 5.47 -31.32 -47.86
C CYS A 239 5.61 -30.52 -46.57
N LEU A 240 6.83 -30.08 -46.30
CA LEU A 240 7.12 -29.33 -45.08
C LEU A 240 8.42 -28.55 -45.26
N GLY A 241 8.37 -27.26 -44.94
CA GLY A 241 9.57 -26.44 -44.93
C GLY A 241 9.92 -25.81 -46.27
N ASN A 242 10.44 -26.62 -47.20
CA ASN A 242 10.91 -26.11 -48.48
C ASN A 242 10.76 -27.19 -49.53
N CYS A 243 10.78 -26.77 -50.79
CA CYS A 243 10.68 -27.68 -51.91
C CYS A 243 11.34 -27.06 -53.13
N SER A 244 11.79 -27.91 -54.04
CA SER A 244 12.43 -27.43 -55.26
C SER A 244 11.39 -26.98 -56.28
N GLU A 245 10.50 -27.89 -56.68
CA GLU A 245 9.41 -27.57 -57.60
C GLU A 245 8.08 -27.72 -56.89
N PRO A 246 7.21 -26.71 -56.92
CA PRO A 246 5.95 -26.79 -56.18
C PRO A 246 5.03 -27.86 -56.75
N ASP A 247 4.13 -28.33 -55.88
CA ASP A 247 3.12 -29.34 -56.24
C ASP A 247 3.77 -30.63 -56.73
N ASP A 248 4.84 -31.04 -56.06
CA ASP A 248 5.51 -32.30 -56.38
C ASP A 248 6.08 -32.93 -55.12
N PRO A 249 5.52 -34.05 -54.67
CA PRO A 249 6.02 -34.68 -53.44
C PRO A 249 7.48 -35.11 -53.52
N THR A 250 7.95 -35.52 -54.69
CA THR A 250 9.29 -36.08 -54.84
C THR A 250 10.38 -35.02 -54.92
N LYS A 251 10.02 -33.74 -54.99
CA LYS A 251 10.99 -32.66 -55.08
C LYS A 251 11.09 -31.85 -53.80
N CYS A 252 10.60 -32.39 -52.69
CA CYS A 252 10.61 -31.68 -51.42
C CYS A 252 11.96 -31.87 -50.72
N VAL A 253 12.13 -31.16 -49.59
CA VAL A 253 13.33 -31.30 -48.79
C VAL A 253 13.05 -31.96 -47.44
N ALA A 254 11.87 -31.76 -46.86
CA ALA A 254 11.53 -32.35 -45.56
C ALA A 254 10.09 -32.83 -45.61
N CYS A 255 9.89 -34.12 -45.35
CA CYS A 255 8.55 -34.69 -45.36
C CYS A 255 7.79 -34.28 -44.10
N ARG A 256 6.52 -33.91 -44.28
CA ARG A 256 5.70 -33.51 -43.14
C ARG A 256 5.27 -34.72 -42.32
N ASN A 257 4.90 -35.82 -42.96
CA ASN A 257 4.36 -36.98 -42.27
C ASN A 257 5.32 -38.16 -42.28
N PHE A 258 5.72 -38.64 -43.45
CA PHE A 258 6.57 -39.82 -43.54
C PHE A 258 7.43 -39.75 -44.79
N TYR A 259 8.52 -40.49 -44.76
CA TYR A 259 9.48 -40.56 -45.86
C TYR A 259 9.49 -41.97 -46.44
N LEU A 260 9.46 -42.06 -47.77
CA LEU A 260 9.44 -43.37 -48.42
C LEU A 260 9.89 -43.20 -49.87
N ASP A 261 11.00 -43.86 -50.23
CA ASP A 261 11.49 -43.91 -51.61
C ASP A 261 11.67 -42.51 -52.19
N GLY A 262 12.17 -41.60 -51.38
CA GLY A 262 12.31 -40.22 -51.83
C GLY A 262 11.00 -39.51 -52.07
N GLN A 263 9.92 -39.96 -51.43
CA GLN A 263 8.60 -39.37 -51.59
C GLN A 263 7.94 -39.22 -50.23
N CYS A 264 7.23 -38.10 -50.04
CA CYS A 264 6.49 -37.86 -48.82
C CYS A 264 5.06 -38.37 -48.97
N VAL A 265 4.63 -39.22 -48.04
CA VAL A 265 3.31 -39.84 -48.10
C VAL A 265 2.60 -39.62 -46.77
N GLU A 266 1.27 -39.57 -46.84
CA GLU A 266 0.48 -39.41 -45.62
C GLU A 266 0.55 -40.65 -44.74
N THR A 267 0.51 -41.84 -45.35
CA THR A 267 0.58 -43.09 -44.61
C THR A 267 1.42 -44.09 -45.41
N CYS A 268 1.98 -45.05 -44.69
CA CYS A 268 2.82 -46.06 -45.32
C CYS A 268 1.95 -47.11 -46.00
N PRO A 269 2.06 -47.29 -47.31
CA PRO A 269 1.28 -48.33 -47.99
C PRO A 269 1.84 -49.71 -47.66
N PRO A 270 1.03 -50.76 -47.81
CA PRO A 270 1.54 -52.10 -47.53
C PRO A 270 2.56 -52.52 -48.58
N PRO A 271 3.50 -53.41 -48.24
CA PRO A 271 3.66 -54.00 -46.91
C PRO A 271 4.64 -53.25 -46.03
N TYR A 272 4.57 -51.93 -46.01
CA TYR A 272 5.48 -51.10 -45.24
C TYR A 272 4.83 -50.68 -43.94
N TYR A 273 5.63 -50.59 -42.88
CA TYR A 273 5.16 -50.22 -41.56
C TYR A 273 5.81 -48.93 -41.10
N HIS A 274 5.08 -48.18 -40.27
CA HIS A 274 5.59 -46.94 -39.73
C HIS A 274 6.75 -47.22 -38.78
N PHE A 275 7.71 -46.28 -38.73
CA PHE A 275 8.88 -46.47 -37.89
C PHE A 275 9.40 -45.10 -37.46
N GLN A 276 9.54 -44.91 -36.15
CA GLN A 276 10.06 -43.68 -35.55
C GLN A 276 9.25 -42.45 -35.92
N ASP A 277 8.00 -42.65 -36.37
CA ASP A 277 7.05 -41.60 -36.69
C ASP A 277 7.53 -40.66 -37.80
N TRP A 278 8.57 -41.04 -38.55
CA TRP A 278 9.05 -40.18 -39.63
C TRP A 278 9.37 -40.91 -40.93
N ARG A 279 9.41 -42.24 -40.95
CA ARG A 279 9.73 -42.95 -42.18
C ARG A 279 9.04 -44.31 -42.18
N CYS A 280 8.94 -44.89 -43.36
CA CYS A 280 8.30 -46.19 -43.56
C CYS A 280 9.35 -47.24 -43.87
N VAL A 281 9.22 -48.40 -43.24
CA VAL A 281 10.15 -49.51 -43.44
C VAL A 281 9.35 -50.79 -43.67
N ASN A 282 10.01 -51.76 -44.28
CA ASN A 282 9.40 -53.06 -44.53
C ASN A 282 9.54 -53.95 -43.30
N PHE A 283 8.92 -55.13 -43.35
CA PHE A 283 9.00 -56.07 -42.24
C PHE A 283 10.43 -56.57 -42.03
N SER A 284 11.21 -56.67 -43.10
CA SER A 284 12.57 -57.18 -42.97
C SER A 284 13.44 -56.29 -42.09
N PHE A 285 13.30 -54.97 -42.25
CA PHE A 285 14.14 -54.05 -41.48
C PHE A 285 13.80 -54.10 -40.00
N CYS A 286 12.50 -54.09 -39.67
CA CYS A 286 12.11 -54.19 -38.27
C CYS A 286 12.47 -55.54 -37.68
N GLN A 287 12.38 -56.61 -38.47
CA GLN A 287 12.82 -57.92 -37.99
C GLN A 287 14.31 -57.94 -37.70
N ASP A 288 15.11 -57.33 -38.59
CA ASP A 288 16.55 -57.26 -38.38
C ASP A 288 16.88 -56.45 -37.13
N LEU A 289 16.16 -55.34 -36.91
CA LEU A 289 16.34 -54.59 -35.68
C LEU A 289 15.98 -55.42 -34.46
N HIS A 290 14.89 -56.19 -34.56
CA HIS A 290 14.49 -57.06 -33.46
C HIS A 290 15.52 -58.15 -33.21
N PHE A 291 16.02 -58.78 -34.27
CA PHE A 291 17.02 -59.84 -34.12
C PHE A 291 18.38 -59.31 -33.70
N LYS A 292 18.73 -58.08 -34.10
CA LYS A 292 19.98 -57.49 -33.65
C LYS A 292 19.97 -57.23 -32.15
N CYS A 293 18.80 -57.14 -31.52
CA CYS A 293 18.69 -56.96 -30.08
C CYS A 293 18.56 -58.29 -29.35
N ARG A 294 17.80 -59.24 -29.92
CA ARG A 294 17.63 -60.53 -29.27
C ARG A 294 18.94 -61.29 -29.17
N ASN A 295 19.74 -61.27 -30.24
CA ASN A 295 21.00 -62.00 -30.29
C ASN A 295 22.19 -61.14 -29.88
N SER A 296 21.95 -60.16 -29.01
CA SER A 296 23.01 -59.27 -28.53
C SER A 296 22.55 -58.68 -27.20
N ARG A 297 23.22 -57.62 -26.75
CA ARG A 297 22.85 -56.92 -25.52
C ARG A 297 21.38 -56.50 -25.54
N CYS A 301 17.82 -51.47 -25.26
CA CYS A 301 18.02 -52.31 -26.44
C CYS A 301 16.87 -52.16 -27.42
N HIS A 302 15.66 -51.96 -26.88
CA HIS A 302 14.46 -51.69 -27.66
C HIS A 302 14.17 -52.81 -28.66
N GLN A 303 13.84 -53.97 -28.10
CA GLN A 303 13.52 -55.15 -28.89
C GLN A 303 12.19 -54.91 -29.62
N TYR A 304 12.29 -54.55 -30.89
CA TYR A 304 11.14 -54.03 -31.63
C TYR A 304 10.10 -55.11 -31.89
N VAL A 305 8.86 -54.68 -32.05
CA VAL A 305 7.72 -55.52 -32.40
C VAL A 305 6.89 -54.81 -33.45
N ILE A 306 5.78 -55.44 -33.84
CA ILE A 306 4.85 -54.90 -34.82
C ILE A 306 3.47 -54.80 -34.19
N HIS A 307 2.84 -53.63 -34.32
CA HIS A 307 1.49 -53.44 -33.82
C HIS A 307 0.86 -52.25 -34.54
N ASN A 308 -0.38 -52.45 -35.01
CA ASN A 308 -1.15 -51.41 -35.67
C ASN A 308 -0.39 -50.81 -36.85
N ASN A 309 0.22 -51.68 -37.66
CA ASN A 309 0.97 -51.28 -38.85
C ASN A 309 2.09 -50.31 -38.47
N LYS A 310 2.77 -50.61 -37.36
CA LYS A 310 3.87 -49.79 -36.87
C LYS A 310 4.94 -50.69 -36.27
N CYS A 311 6.19 -50.28 -36.38
CA CYS A 311 7.32 -50.98 -35.78
C CYS A 311 7.69 -50.21 -34.51
N ILE A 312 7.00 -50.55 -33.42
CA ILE A 312 7.16 -49.83 -32.15
C ILE A 312 8.14 -50.59 -31.27
N PRO A 313 8.82 -49.91 -30.32
CA PRO A 313 9.82 -50.60 -29.49
C PRO A 313 9.21 -51.67 -28.60
N GLU A 314 8.25 -51.29 -27.75
CA GLU A 314 7.63 -52.21 -26.81
C GLU A 314 6.12 -52.17 -27.00
N CYS A 315 5.52 -53.35 -27.14
CA CYS A 315 4.10 -53.44 -27.39
C CYS A 315 3.32 -52.97 -26.16
N PRO A 316 2.17 -52.31 -26.36
CA PRO A 316 1.41 -51.78 -25.21
C PRO A 316 0.65 -52.86 -24.45
N SER A 317 -0.14 -52.43 -23.47
CA SER A 317 -0.83 -53.35 -22.58
C SER A 317 -1.86 -54.20 -23.33
N GLY A 318 -2.00 -55.45 -22.91
CA GLY A 318 -2.98 -56.34 -23.47
C GLY A 318 -2.54 -57.09 -24.72
N TYR A 319 -1.27 -57.01 -25.08
CA TYR A 319 -0.75 -57.69 -26.26
C TYR A 319 0.57 -58.37 -25.93
N THR A 320 0.91 -59.41 -26.70
CA THR A 320 2.13 -60.16 -26.48
C THR A 320 2.72 -60.55 -27.83
N MET A 321 4.05 -60.43 -27.94
CA MET A 321 4.75 -60.84 -29.13
C MET A 321 4.70 -62.35 -29.31
N ASN A 322 4.56 -62.79 -30.56
CA ASN A 322 4.53 -64.20 -30.90
C ASN A 322 5.93 -64.68 -31.25
N SER A 323 6.04 -65.95 -31.64
CA SER A 323 7.34 -66.56 -31.90
C SER A 323 7.82 -66.31 -33.33
N SER A 324 7.04 -66.76 -34.32
CA SER A 324 7.46 -66.61 -35.71
C SER A 324 7.28 -65.16 -36.18
N ASN A 325 6.05 -64.67 -36.16
CA ASN A 325 5.77 -63.31 -36.58
C ASN A 325 5.87 -62.35 -35.39
N LEU A 326 6.05 -61.07 -35.70
CA LEU A 326 6.25 -60.04 -34.69
C LEU A 326 4.99 -59.23 -34.40
N MET A 327 3.89 -59.53 -35.07
CA MET A 327 2.65 -58.79 -34.85
C MET A 327 2.09 -59.10 -33.46
N CYS A 328 1.55 -58.07 -32.81
CA CYS A 328 1.02 -58.19 -31.46
C CYS A 328 -0.39 -58.75 -31.50
N THR A 329 -0.54 -60.02 -31.15
CA THR A 329 -1.88 -60.56 -30.95
C THR A 329 -2.42 -60.11 -29.59
N PRO A 330 -3.71 -59.80 -29.51
CA PRO A 330 -4.30 -59.48 -28.21
C PRO A 330 -4.25 -60.67 -27.28
N CYS A 331 -3.96 -60.40 -26.01
CA CYS A 331 -3.83 -61.46 -25.02
C CYS A 331 -5.19 -61.95 -24.55
N LEU A 332 -5.24 -63.19 -24.09
CA LEU A 332 -6.49 -63.74 -23.54
C LEU A 332 -6.46 -63.51 -22.05
N GLY A 333 -6.25 -62.27 -21.63
CA GLY A 333 -6.15 -61.90 -20.24
C GLY A 333 -5.66 -60.48 -20.08
N PRO A 334 -6.07 -59.83 -18.99
CA PRO A 334 -5.71 -58.40 -18.76
C PRO A 334 -4.32 -58.22 -18.16
N CYS A 335 -3.32 -58.24 -19.03
CA CYS A 335 -1.94 -58.03 -18.60
C CYS A 335 -1.54 -56.57 -18.82
N PRO A 336 -1.30 -55.81 -17.77
CA PRO A 336 -0.90 -54.41 -17.95
C PRO A 336 0.59 -54.30 -18.30
N LYS A 337 0.96 -53.11 -18.78
CA LYS A 337 2.36 -52.79 -19.08
C LYS A 337 2.96 -52.15 -17.84
N VAL A 338 3.57 -52.96 -17.00
CA VAL A 338 4.21 -52.47 -15.78
C VAL A 338 5.52 -51.79 -16.16
N CYS A 339 5.85 -50.71 -15.43
CA CYS A 339 7.05 -49.92 -15.70
C CYS A 339 7.86 -49.84 -14.41
N GLN A 340 8.88 -50.69 -14.30
CA GLN A 340 9.70 -50.78 -13.10
C GLN A 340 10.56 -49.53 -12.99
N ILE A 341 10.26 -48.67 -12.01
CA ILE A 341 11.05 -47.48 -11.79
C ILE A 341 12.28 -47.82 -10.97
N LEU A 342 13.44 -47.41 -11.47
CA LEU A 342 14.70 -47.65 -10.76
C LEU A 342 14.70 -46.88 -9.44
N GLU A 343 15.18 -47.54 -8.38
CA GLU A 343 15.21 -47.03 -7.02
C GLU A 343 13.82 -46.77 -6.45
N GLY A 344 12.77 -47.16 -7.15
CA GLY A 344 11.41 -47.01 -6.65
C GLY A 344 11.00 -45.58 -6.40
N GLU A 345 11.56 -44.63 -7.14
CA GLU A 345 11.23 -43.22 -6.96
C GLU A 345 11.62 -42.46 -8.23
N LYS A 346 10.64 -41.86 -8.88
CA LYS A 346 10.86 -41.11 -10.10
C LYS A 346 10.34 -39.69 -9.93
N THR A 347 11.13 -38.72 -10.38
CA THR A 347 10.76 -37.31 -10.31
C THR A 347 10.38 -36.83 -11.70
N ILE A 348 9.16 -36.32 -11.85
CA ILE A 348 8.68 -35.78 -13.11
C ILE A 348 8.82 -34.26 -13.04
N ASP A 349 9.70 -33.72 -13.88
CA ASP A 349 9.98 -32.29 -13.88
C ASP A 349 9.97 -31.66 -15.26
N SER A 350 9.71 -32.43 -16.32
CA SER A 350 9.74 -31.92 -17.67
C SER A 350 9.01 -32.92 -18.57
N VAL A 351 8.85 -32.52 -19.83
CA VAL A 351 8.18 -33.39 -20.79
C VAL A 351 9.00 -34.64 -21.06
N THR A 352 10.32 -34.51 -21.10
CA THR A 352 11.16 -35.68 -21.38
C THR A 352 11.12 -36.69 -20.23
N SER A 353 10.96 -36.23 -18.99
CA SER A 353 10.87 -37.15 -17.87
C SER A 353 9.53 -37.89 -17.87
N ALA A 354 8.45 -37.19 -18.23
CA ALA A 354 7.15 -37.83 -18.31
C ALA A 354 7.05 -38.77 -19.50
N GLN A 355 7.77 -38.46 -20.59
CA GLN A 355 7.68 -39.27 -21.80
C GLN A 355 8.26 -40.66 -21.59
N GLU A 356 9.16 -40.82 -20.63
CA GLU A 356 9.69 -42.14 -20.31
C GLU A 356 8.62 -43.05 -19.71
N LEU A 357 7.49 -42.50 -19.28
CA LEU A 357 6.36 -43.28 -18.77
C LEU A 357 5.25 -43.41 -19.80
N ARG A 358 5.53 -43.09 -21.06
CA ARG A 358 4.51 -43.17 -22.10
C ARG A 358 4.09 -44.62 -22.32
N GLY A 359 2.79 -44.86 -22.37
CA GLY A 359 2.26 -46.20 -22.54
C GLY A 359 2.18 -47.02 -21.28
N CYS A 360 2.65 -46.51 -20.16
CA CYS A 360 2.56 -47.24 -18.90
C CYS A 360 1.12 -47.29 -18.42
N THR A 361 0.78 -48.38 -17.75
CA THR A 361 -0.55 -48.54 -17.14
C THR A 361 -0.47 -48.81 -15.65
N VAL A 362 0.51 -49.59 -15.19
CA VAL A 362 0.76 -49.82 -13.78
C VAL A 362 2.20 -49.42 -13.49
N ILE A 363 2.38 -48.55 -12.51
CA ILE A 363 3.70 -48.05 -12.13
C ILE A 363 4.15 -48.79 -10.89
N ASN A 364 5.27 -49.48 -10.98
CA ASN A 364 5.84 -50.21 -9.85
C ASN A 364 6.83 -49.35 -9.07
N GLY A 365 6.36 -48.17 -8.65
CA GLY A 365 7.22 -47.25 -7.94
C GLY A 365 6.43 -46.08 -7.42
N SER A 366 7.16 -44.99 -7.13
CA SER A 366 6.56 -43.78 -6.60
C SER A 366 6.83 -42.62 -7.54
N LEU A 367 5.82 -41.78 -7.73
CA LEU A 367 5.92 -40.61 -8.60
C LEU A 367 6.06 -39.34 -7.77
N ILE A 368 7.01 -38.50 -8.15
CA ILE A 368 7.17 -37.17 -7.56
C ILE A 368 6.98 -36.17 -8.68
N ILE A 369 5.91 -35.38 -8.62
CA ILE A 369 5.56 -34.42 -9.64
C ILE A 369 6.04 -33.06 -9.17
N ASN A 370 7.12 -32.56 -9.79
CA ASN A 370 7.72 -31.28 -9.42
C ASN A 370 8.11 -30.55 -10.71
N ILE A 371 7.19 -29.76 -11.25
CA ILE A 371 7.47 -28.93 -12.42
C ILE A 371 7.73 -27.52 -11.91
N ARG A 372 9.01 -27.22 -11.70
CA ARG A 372 9.41 -25.85 -11.41
C ARG A 372 9.35 -25.07 -12.70
N GLY A 373 8.20 -24.46 -12.98
CA GLY A 373 7.92 -23.94 -14.32
C GLY A 373 7.38 -22.53 -14.37
N GLY A 374 6.19 -22.39 -14.95
CA GLY A 374 5.59 -21.11 -15.22
C GLY A 374 4.81 -21.17 -16.51
N ASN A 375 4.94 -22.29 -17.21
CA ASN A 375 4.17 -22.60 -18.40
C ASN A 375 3.40 -23.89 -18.17
N ASN A 376 2.15 -23.91 -18.63
CA ASN A 376 1.26 -25.03 -18.38
C ASN A 376 1.66 -26.18 -19.28
N LEU A 377 2.13 -27.28 -18.67
CA LEU A 377 2.54 -28.47 -19.41
C LEU A 377 1.48 -29.56 -19.41
N ALA A 378 0.27 -29.26 -18.97
CA ALA A 378 -0.77 -30.27 -18.88
C ALA A 378 -1.08 -30.90 -20.24
N ALA A 379 -0.94 -30.12 -21.31
CA ALA A 379 -1.22 -30.65 -22.65
C ALA A 379 -0.29 -31.82 -22.99
N GLU A 380 1.01 -31.63 -22.77
CA GLU A 380 1.97 -32.71 -23.02
C GLU A 380 2.10 -33.66 -21.84
N LEU A 381 1.58 -33.30 -20.67
CA LEU A 381 1.58 -34.21 -19.53
C LEU A 381 0.47 -35.25 -19.61
N GLU A 382 -0.69 -34.88 -20.15
CA GLU A 382 -1.78 -35.83 -20.30
C GLU A 382 -1.51 -36.83 -21.41
N ALA A 383 -0.63 -36.48 -22.36
CA ALA A 383 -0.31 -37.40 -23.44
C ALA A 383 0.57 -38.54 -22.96
N ASN A 384 1.58 -38.23 -22.15
CA ASN A 384 2.49 -39.24 -21.62
C ASN A 384 1.93 -39.92 -20.38
N LEU A 385 1.51 -39.13 -19.40
CA LEU A 385 0.80 -39.66 -18.24
C LEU A 385 -0.67 -39.86 -18.61
N GLY A 386 -1.50 -40.13 -17.61
CA GLY A 386 -2.93 -40.30 -17.83
C GLY A 386 -3.33 -41.64 -18.41
N LEU A 387 -2.38 -42.48 -18.80
CA LEU A 387 -2.67 -43.84 -19.22
C LEU A 387 -2.38 -44.85 -18.11
N ILE A 388 -1.97 -44.39 -16.93
CA ILE A 388 -1.63 -45.24 -15.81
C ILE A 388 -2.85 -45.36 -14.90
N GLU A 389 -3.06 -46.55 -14.35
CA GLU A 389 -4.17 -46.80 -13.43
C GLU A 389 -3.69 -46.96 -11.99
N GLU A 390 -2.65 -47.76 -11.76
CA GLU A 390 -2.19 -48.06 -10.42
C GLU A 390 -0.82 -47.44 -10.19
N ILE A 391 -0.58 -47.01 -8.94
CA ILE A 391 0.72 -46.56 -8.48
C ILE A 391 1.07 -47.38 -7.25
N SER A 392 2.09 -48.23 -7.37
CA SER A 392 2.46 -49.11 -6.27
C SER A 392 3.02 -48.35 -5.07
N GLY A 393 3.57 -47.15 -5.29
CA GLY A 393 4.11 -46.37 -4.21
C GLY A 393 3.24 -45.18 -3.85
N PHE A 394 3.86 -44.04 -3.59
CA PHE A 394 3.15 -42.81 -3.25
C PHE A 394 3.20 -41.84 -4.41
N LEU A 395 2.25 -40.91 -4.42
CA LEU A 395 2.19 -39.83 -5.40
C LEU A 395 2.44 -38.52 -4.69
N LYS A 396 3.49 -37.81 -5.10
CA LYS A 396 3.91 -36.58 -4.43
C LYS A 396 3.93 -35.45 -5.45
N ILE A 397 3.28 -34.34 -5.11
CA ILE A 397 3.24 -33.14 -5.93
C ILE A 397 3.84 -32.02 -5.09
N ARG A 398 5.05 -31.59 -5.43
CA ARG A 398 5.80 -30.63 -4.62
C ARG A 398 6.31 -29.50 -5.50
N ARG A 399 6.04 -28.26 -5.08
CA ARG A 399 6.51 -27.06 -5.77
C ARG A 399 6.16 -27.07 -7.26
N SER A 400 4.94 -27.47 -7.57
CA SER A 400 4.44 -27.45 -8.95
C SER A 400 3.73 -26.13 -9.17
N TYR A 401 4.50 -25.10 -9.53
CA TYR A 401 3.95 -23.76 -9.68
C TYR A 401 2.97 -23.69 -10.84
N ALA A 402 3.29 -24.32 -11.96
CA ALA A 402 2.52 -24.16 -13.19
C ALA A 402 1.25 -24.98 -13.23
N LEU A 403 1.13 -26.03 -12.42
CA LEU A 403 -0.04 -26.89 -12.49
C LEU A 403 -1.27 -26.18 -11.93
N VAL A 404 -2.36 -26.24 -12.69
CA VAL A 404 -3.64 -25.72 -12.22
C VAL A 404 -4.57 -26.83 -11.74
N SER A 405 -4.35 -28.07 -12.18
CA SER A 405 -5.16 -29.19 -11.76
C SER A 405 -4.39 -30.48 -11.98
N LEU A 406 -4.80 -31.52 -11.26
CA LEU A 406 -4.27 -32.86 -11.45
C LEU A 406 -5.12 -33.68 -12.42
N SER A 407 -5.89 -33.01 -13.28
CA SER A 407 -6.80 -33.70 -14.19
C SER A 407 -6.09 -34.47 -15.29
N PHE A 408 -4.78 -34.27 -15.46
CA PHE A 408 -4.06 -35.00 -16.50
C PHE A 408 -3.97 -36.48 -16.19
N PHE A 409 -4.20 -36.88 -14.93
CA PHE A 409 -4.31 -38.30 -14.58
C PHE A 409 -5.69 -38.78 -15.01
N ARG A 410 -5.81 -39.12 -16.29
CA ARG A 410 -7.10 -39.50 -16.85
C ARG A 410 -7.62 -40.79 -16.24
N LYS A 411 -6.74 -41.79 -16.06
CA LYS A 411 -7.17 -43.12 -15.64
C LYS A 411 -6.58 -43.53 -14.29
N LEU A 412 -6.10 -42.58 -13.50
CA LEU A 412 -5.55 -42.91 -12.19
C LEU A 412 -6.68 -43.32 -11.25
N HIS A 413 -6.65 -44.58 -10.81
CA HIS A 413 -7.69 -45.13 -9.95
C HIS A 413 -7.16 -45.60 -8.60
N LEU A 414 -6.07 -46.35 -8.58
CA LEU A 414 -5.57 -46.98 -7.37
C LEU A 414 -4.20 -46.44 -7.02
N ILE A 415 -4.00 -46.08 -5.76
CA ILE A 415 -2.70 -45.74 -5.21
C ILE A 415 -2.45 -46.74 -4.08
N ARG A 416 -1.70 -47.80 -4.38
CA ARG A 416 -1.52 -48.88 -3.41
C ARG A 416 -0.78 -48.40 -2.17
N GLY A 417 0.23 -47.56 -2.34
CA GLY A 417 1.01 -47.10 -1.20
C GLY A 417 1.81 -48.19 -0.54
N GLU A 418 2.31 -49.15 -1.31
CA GLU A 418 3.18 -50.19 -0.75
C GLU A 418 4.53 -49.64 -0.33
N THR A 419 4.89 -48.45 -0.79
CA THR A 419 6.09 -47.74 -0.34
C THR A 419 5.69 -46.29 -0.09
N LEU A 420 5.65 -45.89 1.17
CA LEU A 420 5.11 -44.60 1.54
C LEU A 420 6.21 -43.55 1.66
N GLU A 421 5.80 -42.29 1.50
CA GLU A 421 6.69 -41.17 1.77
C GLU A 421 7.04 -41.15 3.26
N ILE A 422 8.23 -40.62 3.57
CA ILE A 422 8.67 -40.56 4.96
C ILE A 422 7.62 -39.83 5.78
N GLY A 423 7.30 -40.40 6.94
CA GLY A 423 6.16 -39.97 7.71
C GLY A 423 4.88 -40.73 7.41
N ASN A 424 4.95 -41.81 6.65
CA ASN A 424 3.81 -42.66 6.31
C ASN A 424 2.74 -41.86 5.55
N TYR A 425 3.15 -41.35 4.38
CA TYR A 425 2.27 -40.57 3.52
C TYR A 425 2.19 -41.24 2.14
N SER A 426 1.00 -41.24 1.55
CA SER A 426 0.79 -41.79 0.23
C SER A 426 0.35 -40.75 -0.80
N PHE A 427 0.06 -39.52 -0.38
CA PHE A 427 -0.33 -38.45 -1.30
C PHE A 427 0.18 -37.15 -0.71
N TYR A 428 1.33 -36.69 -1.19
CA TYR A 428 2.07 -35.58 -0.59
C TYR A 428 1.98 -34.37 -1.52
N ALA A 429 1.06 -33.46 -1.21
CA ALA A 429 0.91 -32.20 -1.95
C ALA A 429 1.47 -31.07 -1.11
N LEU A 430 2.39 -30.30 -1.69
CA LEU A 430 3.09 -29.26 -0.94
C LEU A 430 3.51 -28.12 -1.85
N ASP A 431 3.25 -26.90 -1.41
CA ASP A 431 3.77 -25.69 -2.05
C ASP A 431 3.39 -25.59 -3.53
N ASN A 432 2.14 -25.90 -3.84
CA ASN A 432 1.60 -25.75 -5.19
C ASN A 432 0.86 -24.42 -5.26
N GLN A 433 1.46 -23.44 -5.95
CA GLN A 433 0.97 -22.07 -5.93
C GLN A 433 -0.26 -21.86 -6.80
N ASN A 434 -0.62 -22.81 -7.67
CA ASN A 434 -1.76 -22.62 -8.56
C ASN A 434 -2.65 -23.85 -8.64
N LEU A 435 -2.47 -24.81 -7.74
CA LEU A 435 -3.31 -26.00 -7.74
C LEU A 435 -4.69 -25.65 -7.21
N ARG A 436 -5.71 -25.77 -8.08
CA ARG A 436 -7.08 -25.45 -7.72
C ARG A 436 -7.98 -26.66 -7.63
N GLN A 437 -7.84 -27.62 -8.54
CA GLN A 437 -8.72 -28.79 -8.59
C GLN A 437 -7.87 -30.05 -8.56
N LEU A 438 -8.25 -31.00 -7.71
CA LEU A 438 -7.56 -32.29 -7.69
C LEU A 438 -8.12 -33.21 -8.78
N TRP A 439 -9.42 -33.44 -8.77
CA TRP A 439 -10.08 -34.26 -9.77
C TRP A 439 -11.54 -33.85 -9.89
N ASP A 440 -12.16 -34.28 -10.98
CA ASP A 440 -13.60 -34.09 -11.17
C ASP A 440 -14.31 -35.27 -10.53
N TRP A 441 -14.73 -35.08 -9.27
CA TRP A 441 -15.26 -36.19 -8.48
C TRP A 441 -16.63 -36.66 -8.94
N SER A 442 -17.27 -35.95 -9.86
CA SER A 442 -18.54 -36.41 -10.39
C SER A 442 -18.39 -37.74 -11.12
N LYS A 443 -17.28 -37.92 -11.86
CA LYS A 443 -17.06 -39.12 -12.64
C LYS A 443 -15.77 -39.85 -12.33
N HIS A 444 -14.85 -39.25 -11.59
CA HIS A 444 -13.55 -39.85 -11.34
C HIS A 444 -13.57 -40.67 -10.05
N ASN A 445 -13.05 -41.88 -10.12
CA ASN A 445 -12.93 -42.77 -8.97
C ASN A 445 -11.48 -42.80 -8.49
N LEU A 446 -11.31 -42.87 -7.18
CA LEU A 446 -9.98 -42.94 -6.59
C LEU A 446 -10.05 -43.80 -5.33
N THR A 447 -9.01 -44.60 -5.12
CA THR A 447 -8.97 -45.53 -3.98
C THR A 447 -7.53 -45.61 -3.48
N ILE A 448 -7.27 -45.04 -2.32
CA ILE A 448 -5.95 -45.11 -1.68
C ILE A 448 -5.97 -46.25 -0.67
N THR A 449 -5.09 -47.23 -0.88
CA THR A 449 -5.10 -48.43 -0.04
C THR A 449 -4.48 -48.14 1.33
N GLN A 450 -3.26 -47.61 1.35
CA GLN A 450 -2.54 -47.35 2.59
C GLN A 450 -1.97 -45.95 2.57
N GLY A 451 -1.49 -45.50 3.73
CA GLY A 451 -0.81 -44.22 3.84
C GLY A 451 -1.77 -43.09 4.19
N LYS A 452 -1.23 -42.10 4.89
CA LYS A 452 -1.98 -40.93 5.31
C LYS A 452 -1.88 -39.83 4.26
N LEU A 453 -2.71 -38.80 4.44
CA LEU A 453 -2.73 -37.67 3.52
C LEU A 453 -1.86 -36.54 4.03
N PHE A 454 -1.54 -35.62 3.11
CA PHE A 454 -0.73 -34.46 3.45
C PHE A 454 -1.07 -33.33 2.47
N PHE A 455 -1.44 -32.18 3.01
CA PHE A 455 -1.75 -31.01 2.20
C PHE A 455 -1.27 -29.77 2.94
N HIS A 456 -0.29 -29.07 2.36
CA HIS A 456 0.28 -27.91 3.02
C HIS A 456 0.67 -26.87 1.98
N TYR A 457 0.37 -25.61 2.29
CA TYR A 457 0.78 -24.47 1.48
C TYR A 457 0.29 -24.58 0.03
N ASN A 458 -0.99 -24.91 -0.11
CA ASN A 458 -1.68 -24.85 -1.39
C ASN A 458 -2.63 -23.68 -1.37
N PRO A 459 -2.17 -22.47 -1.70
CA PRO A 459 -3.00 -21.27 -1.49
C PRO A 459 -4.28 -21.23 -2.31
N LYS A 460 -4.37 -22.00 -3.39
CA LYS A 460 -5.56 -21.97 -4.25
C LYS A 460 -6.31 -23.29 -4.25
N LEU A 461 -5.93 -24.24 -3.40
CA LEU A 461 -6.65 -25.50 -3.22
C LEU A 461 -7.43 -25.43 -1.92
N CYS A 462 -8.75 -25.53 -2.02
CA CYS A 462 -9.61 -25.33 -0.88
C CYS A 462 -9.92 -26.66 -0.17
N LEU A 463 -10.35 -26.55 1.09
CA LEU A 463 -10.60 -27.72 1.91
C LEU A 463 -11.75 -28.57 1.39
N SER A 464 -12.66 -27.99 0.60
CA SER A 464 -13.78 -28.76 0.07
C SER A 464 -13.30 -29.89 -0.83
N GLU A 465 -12.35 -29.58 -1.73
CA GLU A 465 -11.80 -30.61 -2.60
C GLU A 465 -11.05 -31.67 -1.79
N ILE A 466 -10.31 -31.24 -0.77
CA ILE A 466 -9.55 -32.18 0.05
C ILE A 466 -10.50 -33.14 0.76
N HIS A 467 -11.58 -32.61 1.33
CA HIS A 467 -12.53 -33.47 2.05
C HIS A 467 -13.31 -34.36 1.10
N LYS A 468 -13.64 -33.86 -0.09
CA LYS A 468 -14.29 -34.72 -1.09
C LYS A 468 -13.37 -35.87 -1.49
N MET A 469 -12.08 -35.59 -1.67
CA MET A 469 -11.14 -36.65 -2.00
C MET A 469 -10.98 -37.64 -0.84
N GLU A 470 -11.01 -37.12 0.40
CA GLU A 470 -10.97 -38.01 1.56
C GLU A 470 -12.16 -38.96 1.58
N GLU A 471 -13.35 -38.44 1.28
CA GLU A 471 -14.55 -39.27 1.28
C GLU A 471 -14.52 -40.28 0.13
N VAL A 472 -14.09 -39.85 -1.05
CA VAL A 472 -14.10 -40.73 -2.21
C VAL A 472 -13.05 -41.83 -2.07
N SER A 473 -11.83 -41.47 -1.64
CA SER A 473 -10.74 -42.43 -1.58
C SER A 473 -11.00 -43.49 -0.51
N GLY A 474 -11.73 -43.14 0.54
CA GLY A 474 -11.98 -44.05 1.64
C GLY A 474 -11.02 -43.94 2.80
N THR A 475 -10.22 -42.88 2.87
CA THR A 475 -9.26 -42.67 3.94
C THR A 475 -9.71 -41.56 4.88
N LYS A 476 -11.02 -41.51 5.16
CA LYS A 476 -11.57 -40.48 6.03
C LYS A 476 -11.00 -40.60 7.44
N GLY A 477 -11.07 -41.79 8.02
CA GLY A 477 -10.55 -42.01 9.36
C GLY A 477 -9.12 -42.53 9.36
N ARG A 478 -8.23 -41.81 8.67
CA ARG A 478 -6.82 -42.21 8.58
C ARG A 478 -5.84 -41.10 8.84
N GLN A 479 -6.24 -39.83 8.72
CA GLN A 479 -5.33 -38.71 8.90
C GLN A 479 -5.36 -38.21 10.35
N GLU A 480 -4.21 -37.70 10.79
CA GLU A 480 -4.04 -37.16 12.13
C GLU A 480 -3.83 -35.65 12.02
N ARG A 481 -3.96 -34.97 13.15
CA ARG A 481 -3.98 -33.51 13.15
C ARG A 481 -2.67 -32.94 12.59
N ASN A 482 -2.79 -31.81 11.88
CA ASN A 482 -1.71 -31.07 11.21
C ASN A 482 -1.20 -31.76 9.96
N ASP A 483 -1.80 -32.89 9.56
CA ASP A 483 -1.49 -33.48 8.27
C ASP A 483 -2.10 -32.68 7.12
N ILE A 484 -3.33 -32.20 7.32
CA ILE A 484 -3.99 -31.31 6.36
C ILE A 484 -4.05 -29.94 7.02
N ALA A 485 -3.29 -28.98 6.48
CA ALA A 485 -3.22 -27.65 7.07
C ALA A 485 -4.52 -26.89 6.82
N LEU A 486 -4.70 -25.82 7.59
CA LEU A 486 -5.91 -25.01 7.52
C LEU A 486 -5.66 -23.57 7.11
N LYS A 487 -4.60 -22.94 7.62
CA LYS A 487 -4.30 -21.55 7.29
C LYS A 487 -3.39 -21.41 6.07
N THR A 488 -3.05 -22.52 5.41
CA THR A 488 -2.27 -22.48 4.18
C THR A 488 -2.98 -23.08 2.99
N ASN A 489 -3.97 -23.95 3.20
CA ASN A 489 -4.71 -24.56 2.10
C ASN A 489 -5.91 -23.67 1.76
N GLY A 490 -5.88 -23.07 0.58
CA GLY A 490 -7.01 -22.27 0.13
C GLY A 490 -7.10 -20.90 0.75
N ASP A 491 -6.04 -20.41 1.39
CA ASP A 491 -6.08 -19.08 2.00
C ASP A 491 -6.15 -17.96 0.98
N GLN A 492 -5.85 -18.22 -0.29
CA GLN A 492 -5.95 -17.24 -1.36
C GLN A 492 -7.08 -17.54 -2.32
N ALA A 493 -7.99 -18.45 -1.97
CA ALA A 493 -9.11 -18.82 -2.81
C ALA A 493 -10.42 -18.59 -2.07
N SER A 494 -11.41 -18.06 -2.77
CA SER A 494 -12.71 -17.77 -2.18
C SER A 494 -13.60 -18.99 -2.31
N CYS A 495 -13.72 -19.75 -1.22
CA CYS A 495 -14.55 -20.95 -1.16
C CYS A 495 -15.39 -20.94 0.11
N GLU A 496 -16.03 -19.82 0.39
CA GLU A 496 -16.86 -19.67 1.58
C GLU A 496 -18.11 -20.53 1.54
N ASN A 497 -18.44 -21.13 0.38
CA ASN A 497 -19.46 -22.13 0.13
C ASN A 497 -20.75 -21.89 0.91
N GLU A 498 -21.08 -20.62 1.12
CA GLU A 498 -22.37 -20.21 1.68
C GLU A 498 -22.73 -18.87 1.10
N LEU A 499 -23.98 -18.72 0.67
CA LEU A 499 -24.41 -17.58 -0.12
C LEU A 499 -25.02 -16.51 0.77
N LEU A 500 -24.55 -15.28 0.63
CA LEU A 500 -25.16 -14.11 1.23
C LEU A 500 -26.03 -13.44 0.19
N LYS A 501 -27.29 -13.21 0.54
CA LYS A 501 -28.27 -12.64 -0.39
C LYS A 501 -28.56 -11.20 -0.01
N PHE A 502 -28.30 -10.28 -0.94
CA PHE A 502 -28.67 -8.90 -0.73
C PHE A 502 -30.19 -8.77 -0.67
N SER A 503 -30.68 -7.94 0.26
CA SER A 503 -32.11 -7.85 0.52
C SER A 503 -32.73 -6.51 0.17
N PHE A 504 -31.95 -5.43 0.12
CA PHE A 504 -32.53 -4.10 -0.09
C PHE A 504 -31.45 -3.22 -0.71
N ILE A 505 -31.57 -2.97 -2.02
CA ILE A 505 -30.62 -2.17 -2.77
C ILE A 505 -31.38 -1.03 -3.45
N ARG A 506 -30.89 0.19 -3.28
CA ARG A 506 -31.43 1.33 -3.99
C ARG A 506 -30.35 2.41 -4.07
N THR A 507 -30.39 3.20 -5.14
CA THR A 507 -29.29 4.08 -5.51
C THR A 507 -29.78 5.53 -5.55
N SER A 508 -28.84 6.46 -5.40
CA SER A 508 -29.14 7.89 -5.39
C SER A 508 -28.06 8.60 -6.20
N PHE A 509 -27.97 9.92 -6.02
CA PHE A 509 -27.01 10.75 -6.74
C PHE A 509 -25.60 10.18 -6.68
N ASP A 510 -25.03 10.09 -5.48
CA ASP A 510 -23.67 9.61 -5.30
C ASP A 510 -23.57 8.59 -4.17
N LYS A 511 -24.67 7.97 -3.78
CA LYS A 511 -24.68 6.98 -2.71
C LYS A 511 -25.41 5.73 -3.17
N ILE A 512 -24.96 4.59 -2.67
CA ILE A 512 -25.62 3.32 -2.90
C ILE A 512 -25.92 2.70 -1.55
N LEU A 513 -27.17 2.27 -1.36
CA LEU A 513 -27.57 1.65 -0.10
C LEU A 513 -27.61 0.14 -0.28
N LEU A 514 -26.92 -0.58 0.59
CA LEU A 514 -26.79 -2.02 0.52
C LEU A 514 -27.37 -2.64 1.77
N ARG A 515 -28.07 -3.75 1.60
CA ARG A 515 -28.62 -4.51 2.72
C ARG A 515 -28.62 -5.99 2.35
N TRP A 516 -27.94 -6.80 3.16
CA TRP A 516 -27.91 -8.24 2.98
C TRP A 516 -28.48 -8.92 4.21
N GLU A 517 -29.02 -10.12 4.00
CA GLU A 517 -29.62 -10.85 5.11
C GLU A 517 -28.57 -11.14 6.18
N PRO A 518 -28.92 -11.02 7.46
CA PRO A 518 -27.92 -11.25 8.51
C PRO A 518 -27.42 -12.68 8.49
N TYR A 519 -26.13 -12.84 8.78
CA TYR A 519 -25.49 -14.14 8.86
C TYR A 519 -24.92 -14.35 10.25
N TRP A 520 -25.11 -15.55 10.79
CA TRP A 520 -24.59 -15.87 12.11
C TRP A 520 -24.02 -17.28 12.15
N PRO A 521 -22.74 -17.42 12.46
CA PRO A 521 -22.19 -18.74 12.77
C PRO A 521 -22.83 -19.30 14.02
N PRO A 522 -22.67 -20.61 14.29
CA PRO A 522 -23.23 -21.16 15.52
C PRO A 522 -22.77 -20.44 16.77
N ASP A 523 -21.51 -20.03 16.82
CA ASP A 523 -21.01 -19.09 17.82
C ASP A 523 -21.12 -17.70 17.21
N PHE A 524 -22.21 -17.00 17.50
CA PHE A 524 -22.45 -15.70 16.87
C PHE A 524 -21.39 -14.68 17.26
N ARG A 525 -20.64 -14.92 18.34
CA ARG A 525 -19.55 -14.04 18.70
C ARG A 525 -18.34 -14.20 17.79
N ASP A 526 -18.26 -15.30 17.06
CA ASP A 526 -17.17 -15.48 16.10
C ASP A 526 -17.26 -14.51 14.94
N LEU A 527 -18.44 -13.97 14.65
CA LEU A 527 -18.61 -13.00 13.58
C LEU A 527 -18.09 -11.65 14.05
N LEU A 528 -16.90 -11.29 13.60
CA LEU A 528 -16.31 -10.01 13.96
C LEU A 528 -16.75 -8.87 13.06
N GLY A 529 -17.52 -9.17 12.00
CA GLY A 529 -18.01 -8.15 11.11
C GLY A 529 -17.95 -8.54 9.65
N PHE A 530 -18.50 -7.71 8.78
CA PHE A 530 -18.47 -7.94 7.35
C PHE A 530 -17.43 -7.05 6.68
N MET A 531 -17.04 -7.44 5.48
CA MET A 531 -16.09 -6.67 4.68
C MET A 531 -16.71 -6.44 3.30
N LEU A 532 -16.74 -5.19 2.87
CA LEU A 532 -17.37 -4.82 1.61
C LEU A 532 -16.29 -4.50 0.57
N PHE A 533 -16.37 -5.15 -0.58
CA PHE A 533 -15.48 -4.92 -1.70
C PHE A 533 -16.26 -4.27 -2.83
N TYR A 534 -15.78 -3.13 -3.31
CA TYR A 534 -16.44 -2.44 -4.41
C TYR A 534 -15.39 -1.92 -5.38
N LYS A 535 -15.80 -1.81 -6.65
CA LYS A 535 -14.93 -1.38 -7.73
C LYS A 535 -15.78 -1.07 -8.95
N GLU A 536 -15.49 0.05 -9.60
CA GLU A 536 -16.23 0.43 -10.80
C GLU A 536 -15.90 -0.50 -11.96
N ALA A 537 -16.93 -0.86 -12.72
CA ALA A 537 -16.77 -1.79 -13.84
C ALA A 537 -17.59 -1.32 -15.04
N PRO A 538 -16.93 -0.92 -16.13
CA PRO A 538 -17.69 -0.53 -17.33
C PRO A 538 -18.54 -1.64 -17.90
N TYR A 539 -18.10 -2.89 -17.80
CA TYR A 539 -18.79 -4.03 -18.39
C TYR A 539 -19.05 -5.09 -17.33
N GLN A 540 -19.83 -6.11 -17.71
CA GLN A 540 -20.44 -7.00 -16.73
C GLN A 540 -19.43 -7.97 -16.13
N ASN A 541 -18.86 -8.85 -16.94
CA ASN A 541 -18.05 -9.95 -16.42
C ASN A 541 -16.76 -9.39 -15.81
N VAL A 542 -16.66 -9.49 -14.48
CA VAL A 542 -15.51 -9.02 -13.72
C VAL A 542 -14.94 -10.18 -12.92
N THR A 543 -13.62 -10.13 -12.68
CA THR A 543 -12.95 -11.16 -11.91
C THR A 543 -13.47 -11.16 -10.46
N GLU A 544 -13.03 -12.15 -9.70
CA GLU A 544 -13.50 -12.38 -8.34
C GLU A 544 -12.34 -12.19 -7.36
N PHE A 545 -12.62 -12.51 -6.09
CA PHE A 545 -11.64 -12.40 -5.01
C PHE A 545 -11.10 -10.96 -4.89
N SER A 555 -6.96 -2.74 -6.74
CA SER A 555 -8.33 -2.25 -6.62
C SER A 555 -9.02 -2.87 -5.42
N TRP A 556 -10.34 -3.08 -5.56
CA TRP A 556 -11.17 -3.72 -4.53
C TRP A 556 -11.07 -2.96 -3.21
N THR A 557 -11.54 -1.71 -3.25
CA THR A 557 -11.56 -0.87 -2.05
C THR A 557 -12.37 -1.55 -0.95
N VAL A 558 -11.83 -1.54 0.26
CA VAL A 558 -12.38 -2.29 1.38
C VAL A 558 -12.85 -1.34 2.47
N VAL A 559 -13.98 -1.67 3.08
CA VAL A 559 -14.47 -0.99 4.27
C VAL A 559 -14.97 -2.05 5.25
N ASP A 560 -14.65 -1.86 6.53
CA ASP A 560 -15.01 -2.81 7.57
C ASP A 560 -16.38 -2.45 8.12
N ILE A 561 -17.25 -3.46 8.23
CA ILE A 561 -18.63 -3.28 8.64
C ILE A 561 -18.87 -4.12 9.89
N ASP A 562 -19.37 -3.48 10.95
CA ASP A 562 -19.61 -4.17 12.20
C ASP A 562 -20.83 -5.10 12.07
N PRO A 563 -20.90 -6.15 12.89
CA PRO A 563 -22.09 -6.99 12.90
C PRO A 563 -23.26 -6.25 13.53
N PRO A 564 -24.49 -6.60 13.18
CA PRO A 564 -25.64 -5.94 13.81
C PRO A 564 -25.87 -6.39 15.23
N GLN A 565 -26.89 -5.84 15.89
CA GLN A 565 -27.24 -6.19 17.27
C GLN A 565 -28.49 -7.06 17.23
N ARG A 566 -28.41 -8.21 17.90
CA ARG A 566 -29.55 -9.13 17.95
C ARG A 566 -30.07 -9.28 19.37
N SER A 576 -33.09 -6.18 12.14
CA SER A 576 -32.16 -5.15 11.68
C SER A 576 -31.07 -5.77 10.80
N HIS A 577 -31.22 -5.63 9.49
CA HIS A 577 -30.23 -6.15 8.56
C HIS A 577 -28.93 -5.36 8.69
N PRO A 578 -27.77 -6.00 8.53
CA PRO A 578 -26.50 -5.28 8.72
C PRO A 578 -26.34 -4.10 7.79
N GLY A 579 -26.31 -4.36 6.49
CA GLY A 579 -26.25 -3.31 5.50
C GLY A 579 -25.06 -2.36 5.59
N TRP A 580 -25.01 -1.38 4.69
CA TRP A 580 -23.99 -0.34 4.68
C TRP A 580 -24.39 0.70 3.65
N LEU A 581 -23.97 1.95 3.88
CA LEU A 581 -24.25 3.06 2.98
C LEU A 581 -22.98 3.43 2.25
N MET A 582 -23.03 3.43 0.92
CA MET A 582 -21.89 3.80 0.09
C MET A 582 -21.83 5.31 -0.05
N ARG A 583 -20.62 5.86 0.01
CA ARG A 583 -20.41 7.29 -0.15
C ARG A 583 -19.17 7.55 -0.99
N GLY A 584 -19.15 8.72 -1.63
CA GLY A 584 -18.04 9.07 -2.50
C GLY A 584 -18.07 8.33 -3.81
N LEU A 585 -19.15 8.48 -4.57
CA LEU A 585 -19.33 7.80 -5.84
C LEU A 585 -19.34 8.80 -6.98
N LYS A 586 -19.12 8.29 -8.20
CA LYS A 586 -19.21 9.13 -9.37
C LYS A 586 -20.48 8.81 -10.16
N PRO A 587 -21.24 9.81 -10.58
CA PRO A 587 -22.55 9.56 -11.18
C PRO A 587 -22.45 8.82 -12.50
N TRP A 588 -23.50 8.06 -12.80
CA TRP A 588 -23.62 7.25 -14.01
C TRP A 588 -22.39 6.36 -14.21
N THR A 589 -22.18 5.48 -13.23
CA THR A 589 -21.07 4.55 -13.26
C THR A 589 -21.52 3.24 -12.61
N GLN A 590 -21.15 2.12 -13.23
CA GLN A 590 -21.54 0.80 -12.75
C GLN A 590 -20.43 0.23 -11.86
N TYR A 591 -20.82 -0.34 -10.74
CA TYR A 591 -19.89 -0.84 -9.74
C TYR A 591 -20.17 -2.32 -9.46
N ALA A 592 -19.12 -3.03 -9.06
CA ALA A 592 -19.22 -4.43 -8.69
C ALA A 592 -19.22 -4.55 -7.18
N ILE A 593 -20.26 -5.16 -6.63
CA ILE A 593 -20.48 -5.21 -5.19
C ILE A 593 -20.60 -6.67 -4.76
N PHE A 594 -19.87 -7.04 -3.70
CA PHE A 594 -20.07 -8.31 -3.03
C PHE A 594 -19.46 -8.22 -1.64
N VAL A 595 -20.02 -8.99 -0.71
CA VAL A 595 -19.68 -8.92 0.70
C VAL A 595 -19.09 -10.25 1.13
N LYS A 596 -17.95 -10.20 1.83
CA LYS A 596 -17.28 -11.38 2.34
C LYS A 596 -17.18 -11.26 3.85
N THR A 597 -17.62 -12.29 4.57
CA THR A 597 -17.65 -12.25 6.02
C THR A 597 -16.26 -12.36 6.61
N LEU A 598 -16.11 -11.85 7.84
CA LEU A 598 -14.85 -11.92 8.58
C LEU A 598 -15.13 -12.64 9.89
N VAL A 599 -14.79 -13.93 9.94
CA VAL A 599 -15.06 -14.77 11.10
C VAL A 599 -13.75 -15.13 11.78
N THR A 600 -13.81 -15.31 13.09
CA THR A 600 -12.63 -15.72 13.85
C THR A 600 -12.21 -17.13 13.45
N PHE A 601 -10.90 -17.34 13.33
CA PHE A 601 -10.39 -18.65 12.97
C PHE A 601 -10.70 -19.67 14.06
N SER A 602 -10.94 -20.91 13.64
CA SER A 602 -11.13 -22.04 14.54
C SER A 602 -10.15 -23.13 14.17
N ASP A 603 -9.27 -23.49 15.11
CA ASP A 603 -8.25 -24.51 14.83
C ASP A 603 -8.82 -25.92 14.82
N GLU A 604 -9.90 -26.16 15.56
CA GLU A 604 -10.43 -27.51 15.69
C GLU A 604 -11.23 -27.91 14.44
N ARG A 605 -12.31 -27.19 14.16
CA ARG A 605 -13.22 -27.52 13.08
C ARG A 605 -12.97 -26.61 11.88
N ARG A 606 -13.86 -26.70 10.90
CA ARG A 606 -13.81 -25.82 9.75
C ARG A 606 -13.96 -24.37 10.21
N THR A 607 -13.23 -23.47 9.55
CA THR A 607 -13.09 -22.12 10.09
C THR A 607 -14.42 -21.40 10.20
N TYR A 608 -14.98 -21.00 9.05
CA TYR A 608 -16.39 -20.82 8.65
C TYR A 608 -16.38 -20.10 7.30
N GLY A 609 -17.55 -19.94 6.68
CA GLY A 609 -17.59 -19.24 5.42
C GLY A 609 -18.94 -18.65 5.05
N ALA A 610 -18.90 -17.48 4.42
CA ALA A 610 -20.09 -16.82 3.89
C ALA A 610 -19.65 -15.69 2.98
N LYS A 611 -20.19 -15.65 1.77
CA LYS A 611 -19.91 -14.58 0.84
C LYS A 611 -21.06 -14.47 -0.15
N SER A 612 -21.11 -13.35 -0.85
CA SER A 612 -22.20 -13.04 -1.76
C SER A 612 -21.70 -13.01 -3.20
N ASP A 613 -22.59 -13.33 -4.12
CA ASP A 613 -22.28 -13.21 -5.54
C ASP A 613 -22.02 -11.74 -5.88
N ILE A 614 -21.09 -11.52 -6.81
CA ILE A 614 -20.73 -10.15 -7.20
C ILE A 614 -21.91 -9.56 -7.98
N ILE A 615 -22.65 -8.66 -7.35
CA ILE A 615 -23.75 -7.98 -8.01
C ILE A 615 -23.22 -6.69 -8.64
N TYR A 616 -23.94 -6.19 -9.64
CA TYR A 616 -23.53 -5.01 -10.38
C TYR A 616 -24.64 -3.97 -10.31
N VAL A 617 -24.32 -2.80 -9.78
CA VAL A 617 -25.26 -1.71 -9.64
C VAL A 617 -24.66 -0.47 -10.30
N GLN A 618 -25.47 0.23 -11.09
CA GLN A 618 -25.06 1.45 -11.76
C GLN A 618 -25.81 2.64 -11.17
N THR A 619 -25.06 3.66 -10.75
CA THR A 619 -25.69 4.83 -10.18
C THR A 619 -26.34 5.68 -11.25
N ASP A 620 -27.24 6.56 -10.82
CA ASP A 620 -28.10 7.30 -11.72
C ASP A 620 -27.33 8.43 -12.41
N ALA A 621 -27.96 9.02 -13.42
CA ALA A 621 -27.42 10.15 -14.15
C ALA A 621 -27.84 11.45 -13.49
N THR A 622 -27.13 12.53 -13.83
CA THR A 622 -27.39 13.83 -13.25
C THR A 622 -26.95 14.90 -14.25
N ASN A 623 -26.92 16.14 -13.78
CA ASN A 623 -26.49 17.25 -14.62
C ASN A 623 -25.00 17.11 -14.94
N PRO A 624 -24.58 17.39 -16.18
CA PRO A 624 -23.16 17.26 -16.52
C PRO A 624 -22.34 18.45 -16.02
N SER A 625 -21.05 18.46 -16.37
CA SER A 625 -20.17 19.54 -15.96
C SER A 625 -20.27 20.70 -16.96
N VAL A 626 -19.48 21.75 -16.70
CA VAL A 626 -19.48 22.93 -17.58
C VAL A 626 -18.73 22.58 -18.86
N PRO A 627 -19.22 22.99 -20.03
CA PRO A 627 -18.43 22.80 -21.26
C PRO A 627 -17.09 23.54 -21.17
N LEU A 628 -16.06 22.93 -21.73
CA LEU A 628 -14.69 23.41 -21.59
C LEU A 628 -14.22 24.11 -22.86
N ASP A 629 -13.32 25.08 -22.67
CA ASP A 629 -12.66 25.81 -23.74
C ASP A 629 -13.66 26.50 -24.67
N PRO A 630 -14.38 27.53 -24.20
CA PRO A 630 -15.27 28.28 -25.10
C PRO A 630 -14.48 29.36 -25.83
N ILE A 631 -14.41 29.24 -27.15
CA ILE A 631 -13.71 30.19 -27.99
C ILE A 631 -14.65 30.65 -29.10
N SER A 632 -14.71 31.96 -29.31
CA SER A 632 -15.59 32.57 -30.30
C SER A 632 -14.77 33.43 -31.25
N VAL A 633 -14.96 33.22 -32.55
CA VAL A 633 -14.25 33.95 -33.60
C VAL A 633 -15.27 34.50 -34.57
N SER A 634 -15.10 35.76 -34.96
CA SER A 634 -15.98 36.43 -35.91
C SER A 634 -15.23 36.57 -37.23
N ASN A 635 -15.41 35.58 -38.11
CA ASN A 635 -14.74 35.61 -39.41
C ASN A 635 -15.39 36.58 -40.38
N SER A 636 -16.63 37.00 -40.13
CA SER A 636 -17.34 37.91 -41.01
C SER A 636 -17.94 39.04 -40.18
N SER A 637 -18.37 40.10 -40.87
CA SER A 637 -18.96 41.25 -40.20
C SER A 637 -20.28 40.92 -39.51
N SER A 638 -20.94 39.83 -39.90
CA SER A 638 -22.18 39.42 -39.27
C SER A 638 -22.20 37.96 -38.85
N GLN A 639 -21.07 37.25 -38.93
CA GLN A 639 -21.00 35.83 -38.61
C GLN A 639 -19.95 35.60 -37.53
N ILE A 640 -20.31 34.85 -36.50
CA ILE A 640 -19.40 34.45 -35.43
C ILE A 640 -19.43 32.93 -35.31
N ILE A 641 -18.26 32.31 -35.29
CA ILE A 641 -18.13 30.89 -35.06
C ILE A 641 -17.65 30.66 -33.64
N LEU A 642 -18.38 29.83 -32.90
CA LEU A 642 -18.08 29.52 -31.50
C LEU A 642 -17.74 28.04 -31.39
N LYS A 643 -16.60 27.74 -30.78
CA LYS A 643 -16.14 26.36 -30.65
C LYS A 643 -15.93 26.03 -29.18
N TRP A 644 -16.24 24.79 -28.81
CA TRP A 644 -16.10 24.34 -27.44
C TRP A 644 -15.85 22.84 -27.42
N LYS A 645 -15.38 22.36 -26.28
CA LYS A 645 -15.15 20.94 -26.05
C LYS A 645 -16.22 20.39 -25.12
N PRO A 646 -16.64 19.14 -25.31
CA PRO A 646 -17.66 18.57 -24.44
C PRO A 646 -17.16 18.48 -23.01
N PRO A 647 -18.06 18.57 -22.04
CA PRO A 647 -17.63 18.55 -20.64
C PRO A 647 -16.94 17.25 -20.26
N SER A 648 -16.00 17.35 -19.33
CA SER A 648 -15.23 16.19 -18.90
C SER A 648 -16.04 15.25 -18.01
N ASP A 649 -17.21 15.67 -17.55
CA ASP A 649 -18.06 14.87 -16.67
C ASP A 649 -19.46 14.80 -17.28
N PRO A 650 -19.64 13.97 -18.31
CA PRO A 650 -20.98 13.87 -18.93
C PRO A 650 -22.06 13.43 -17.97
N ASN A 651 -21.76 12.50 -17.06
CA ASN A 651 -22.73 11.97 -16.10
C ASN A 651 -23.97 11.44 -16.82
N GLY A 652 -23.76 10.79 -17.95
CA GLY A 652 -24.82 10.28 -18.79
C GLY A 652 -24.55 10.59 -20.25
N ASN A 653 -25.58 10.42 -21.07
CA ASN A 653 -25.49 10.71 -22.49
C ASN A 653 -25.91 12.15 -22.75
N ILE A 654 -24.99 12.96 -23.24
CA ILE A 654 -25.28 14.35 -23.56
C ILE A 654 -26.14 14.41 -24.82
N THR A 655 -27.28 15.09 -24.72
CA THR A 655 -28.26 15.14 -25.81
C THR A 655 -28.15 16.40 -26.64
N HIS A 656 -28.03 17.56 -26.02
CA HIS A 656 -28.10 18.82 -26.74
C HIS A 656 -27.33 19.89 -25.99
N TYR A 657 -27.07 21.00 -26.67
CA TYR A 657 -26.37 22.14 -26.10
C TYR A 657 -27.19 23.40 -26.28
N LEU A 658 -27.05 24.33 -25.33
CA LEU A 658 -27.78 25.59 -25.34
C LEU A 658 -26.79 26.73 -25.46
N VAL A 659 -27.02 27.61 -26.43
CA VAL A 659 -26.18 28.77 -26.67
C VAL A 659 -27.06 30.02 -26.67
N TYR A 660 -26.66 31.03 -25.91
CA TYR A 660 -27.41 32.27 -25.80
C TYR A 660 -26.56 33.45 -26.23
N TRP A 661 -27.22 34.49 -26.74
CA TRP A 661 -26.57 35.70 -27.19
C TRP A 661 -27.31 36.92 -26.67
N GLU A 662 -26.59 38.03 -26.59
CA GLU A 662 -27.19 39.32 -26.25
C GLU A 662 -26.26 40.43 -26.73
N ARG A 663 -26.81 41.42 -27.43
CA ARG A 663 -26.02 42.54 -27.90
C ARG A 663 -25.70 43.48 -26.73
N GLN A 664 -24.42 43.77 -26.55
CA GLN A 664 -23.99 44.66 -25.47
C GLN A 664 -24.16 46.11 -25.92
N ALA A 665 -24.92 46.88 -25.16
CA ALA A 665 -25.12 48.28 -25.48
C ALA A 665 -23.81 49.03 -25.38
N GLU A 666 -23.61 49.96 -26.32
CA GLU A 666 -22.38 50.75 -26.33
C GLU A 666 -22.28 51.57 -25.04
N ASP A 667 -21.04 51.70 -24.55
CA ASP A 667 -20.81 52.39 -23.28
C ASP A 667 -21.29 53.83 -23.36
N SER A 668 -21.97 54.28 -22.30
CA SER A 668 -22.58 55.60 -22.30
C SER A 668 -21.54 56.71 -22.40
N GLU A 669 -20.41 56.55 -21.70
CA GLU A 669 -19.41 57.61 -21.68
C GLU A 669 -18.78 57.88 -23.04
N LEU A 670 -18.80 56.92 -23.96
CA LEU A 670 -18.32 57.19 -25.30
C LEU A 670 -19.19 58.21 -26.02
N PHE A 671 -20.48 58.27 -25.68
CA PHE A 671 -21.37 59.27 -26.25
C PHE A 671 -21.22 60.64 -25.61
N GLU A 672 -20.51 60.75 -24.49
CA GLU A 672 -20.36 62.00 -23.76
C GLU A 672 -18.90 62.24 -23.42
N LEU A 673 -18.00 61.99 -24.37
CA LEU A 673 -16.58 62.25 -24.19
C LEU A 673 -16.07 63.15 -25.31
N ASP A 674 -15.25 64.13 -24.95
CA ASP A 674 -14.62 65.02 -25.92
C ASP A 674 -13.26 64.43 -26.28
N TYR A 675 -13.19 63.79 -27.45
CA TYR A 675 -11.97 63.12 -27.89
C TYR A 675 -11.09 63.99 -28.77
N CYS A 676 -11.46 65.26 -28.97
CA CYS A 676 -10.57 66.19 -29.66
C CYS A 676 -9.48 66.73 -28.75
N LEU A 677 -9.61 66.56 -27.44
CA LEU A 677 -8.60 67.01 -26.50
C LEU A 677 -7.44 66.02 -26.44
N LYS A 678 -6.31 66.49 -25.94
CA LYS A 678 -5.13 65.64 -25.82
C LYS A 678 -5.37 64.56 -24.76
N GLY A 679 -4.97 63.34 -25.07
CA GLY A 679 -5.31 62.19 -24.25
C GLY A 679 -6.44 61.41 -24.91
N LEU A 680 -6.40 61.33 -26.24
CA LEU A 680 -7.49 60.79 -27.05
C LEU A 680 -7.25 59.35 -27.48
N LYS A 681 -6.51 58.56 -26.69
CA LYS A 681 -6.19 57.20 -27.11
C LYS A 681 -7.41 56.30 -26.99
N LEU A 682 -8.23 56.28 -28.03
CA LEU A 682 -9.40 55.42 -28.05
C LEU A 682 -8.98 53.99 -28.40
N PRO A 683 -9.32 53.00 -27.57
CA PRO A 683 -8.95 51.61 -27.88
C PRO A 683 -9.58 51.16 -29.19
N SER A 684 -8.82 50.37 -29.96
CA SER A 684 -9.31 49.82 -31.22
C SER A 684 -9.91 48.43 -30.97
N ARG A 685 -11.09 48.44 -30.37
CA ARG A 685 -11.79 47.20 -30.03
C ARG A 685 -12.15 46.40 -31.27
N CYS A 714 -4.43 3.51 2.61
CA CYS A 714 -3.49 2.44 2.92
C CYS A 714 -4.13 1.39 3.81
N PRO A 715 -4.00 0.11 3.43
CA PRO A 715 -4.58 -0.96 4.24
C PRO A 715 -4.04 -0.92 5.66
N LYS A 716 -4.93 -0.97 6.64
CA LYS A 716 -4.50 -0.97 8.04
C LYS A 716 -3.39 -1.99 8.20
N THR A 717 -2.29 -1.58 8.80
CA THR A 717 -1.15 -2.47 8.96
C THR A 717 -1.53 -3.76 9.65
N ASP A 718 -1.05 -4.88 9.13
CA ASP A 718 -1.30 -6.17 9.76
C ASP A 718 -1.24 -6.14 11.28
N SER A 719 -0.45 -5.24 11.86
CA SER A 719 -0.34 -5.18 13.32
C SER A 719 -1.66 -4.83 13.97
N GLN A 720 -2.39 -3.87 13.39
CA GLN A 720 -3.65 -3.43 13.99
C GLN A 720 -4.71 -4.53 13.93
N ILE A 721 -4.89 -5.16 12.77
CA ILE A 721 -5.97 -6.13 12.61
C ILE A 721 -5.80 -7.29 13.59
N LEU A 722 -4.55 -7.68 13.86
CA LEU A 722 -4.30 -8.68 14.89
C LEU A 722 -4.80 -8.21 16.25
N LYS A 723 -4.71 -6.90 16.51
CA LYS A 723 -5.17 -6.38 17.79
C LYS A 723 -6.69 -6.52 17.95
N GLU A 724 -7.45 -6.18 16.90
CA GLU A 724 -8.90 -6.38 16.99
C GLU A 724 -9.26 -7.85 17.08
N LEU A 725 -8.56 -8.71 16.33
CA LEU A 725 -8.79 -10.14 16.43
C LEU A 725 -8.58 -10.62 17.86
N GLU A 726 -7.46 -10.21 18.46
CA GLU A 726 -7.13 -10.67 19.81
C GLU A 726 -8.10 -10.12 20.84
N GLU A 727 -8.51 -8.85 20.71
CA GLU A 727 -9.47 -8.29 21.64
C GLU A 727 -10.83 -8.98 21.54
N SER A 728 -11.28 -9.25 20.32
CA SER A 728 -12.55 -9.95 20.13
C SER A 728 -12.50 -11.34 20.71
N SER A 729 -11.38 -12.04 20.53
CA SER A 729 -11.24 -13.36 21.15
C SER A 729 -11.12 -13.28 22.67
N PHE A 730 -10.50 -12.22 23.20
CA PHE A 730 -10.36 -12.07 24.64
C PHE A 730 -11.71 -11.84 25.31
N ARG A 731 -12.57 -11.05 24.67
CA ARG A 731 -13.91 -10.85 25.22
C ARG A 731 -14.66 -12.17 25.32
N LYS A 732 -14.61 -12.98 24.25
CA LYS A 732 -15.26 -14.28 24.28
C LYS A 732 -14.64 -15.20 25.32
N THR A 733 -13.31 -15.15 25.47
CA THR A 733 -12.65 -15.97 26.47
C THR A 733 -13.11 -15.62 27.88
N PHE A 734 -13.21 -14.32 28.18
CA PHE A 734 -13.71 -13.91 29.49
C PHE A 734 -15.16 -14.33 29.68
N GLU A 735 -15.98 -14.19 28.63
CA GLU A 735 -17.37 -14.62 28.73
C GLU A 735 -17.47 -16.11 29.06
N ASP A 736 -16.69 -16.93 28.35
CA ASP A 736 -16.71 -18.37 28.57
C ASP A 736 -16.21 -18.72 29.96
N TYR A 737 -15.16 -18.06 30.43
CA TYR A 737 -14.67 -18.30 31.79
C TYR A 737 -15.74 -17.96 32.81
N LEU A 738 -16.40 -16.81 32.65
CA LEU A 738 -17.45 -16.40 33.57
C LEU A 738 -18.58 -17.41 33.59
N HIS A 739 -19.03 -17.83 32.41
CA HIS A 739 -20.15 -18.77 32.33
C HIS A 739 -19.78 -20.12 32.93
N ASN A 740 -18.56 -20.60 32.67
CA ASN A 740 -18.13 -21.86 33.26
C ASN A 740 -18.03 -21.77 34.78
N VAL A 741 -17.53 -20.65 35.30
CA VAL A 741 -17.37 -20.52 36.75
C VAL A 741 -18.74 -20.44 37.44
N VAL A 742 -19.63 -19.61 36.92
CA VAL A 742 -20.86 -19.33 37.65
C VAL A 742 -21.80 -20.53 37.66
N PHE A 743 -21.93 -21.23 36.52
CA PHE A 743 -22.90 -22.32 36.41
C PHE A 743 -22.22 -23.63 36.78
N VAL A 744 -22.81 -24.35 37.73
CA VAL A 744 -22.29 -25.63 38.20
C VAL A 744 -23.31 -26.72 37.89
N PRO A 745 -22.94 -27.77 37.16
CA PRO A 745 -23.88 -28.85 36.86
C PRO A 745 -24.02 -29.86 38.00
N ARG A 746 -24.91 -29.58 38.95
CA ARG A 746 -25.12 -30.48 40.09
C ARG A 746 -25.59 -31.84 39.62
N PRO A 747 -25.01 -32.93 40.16
CA PRO A 747 -25.40 -34.30 39.82
C PRO A 747 -26.86 -34.58 40.13
N HIS A 785 -36.67 37.23 -22.56
CA HIS A 785 -36.08 36.28 -23.49
C HIS A 785 -34.94 36.91 -24.30
N ARG A 786 -33.94 36.10 -24.60
CA ARG A 786 -32.80 36.49 -25.42
C ARG A 786 -32.54 35.44 -26.48
N PRO A 787 -31.98 35.83 -27.62
CA PRO A 787 -31.86 34.90 -28.76
C PRO A 787 -31.04 33.66 -28.39
N PHE A 788 -31.56 32.50 -28.78
CA PHE A 788 -30.95 31.22 -28.47
C PHE A 788 -31.19 30.24 -29.60
N GLU A 789 -30.65 29.03 -29.44
CA GLU A 789 -30.81 27.97 -30.42
C GLU A 789 -30.46 26.64 -29.75
N LYS A 790 -30.85 25.55 -30.41
CA LYS A 790 -30.67 24.20 -29.88
C LYS A 790 -29.66 23.46 -30.74
N VAL A 791 -28.63 22.92 -30.11
CA VAL A 791 -27.56 22.22 -30.80
C VAL A 791 -27.82 20.72 -30.74
N VAL A 792 -27.69 20.06 -31.88
CA VAL A 792 -27.93 18.62 -31.99
C VAL A 792 -26.60 17.97 -32.37
N ASN A 793 -25.91 17.39 -31.38
CA ASN A 793 -24.71 16.60 -31.59
C ASN A 793 -23.65 17.36 -32.36
N LYS A 794 -23.42 18.60 -31.97
CA LYS A 794 -22.43 19.43 -32.66
C LYS A 794 -21.73 20.27 -31.60
N GLU A 795 -20.50 20.72 -31.92
CA GLU A 795 -19.70 21.51 -30.99
C GLU A 795 -19.33 22.88 -31.55
N SER A 796 -20.04 23.36 -32.57
CA SER A 796 -19.80 24.69 -33.11
C SER A 796 -21.06 25.18 -33.80
N LEU A 797 -21.08 26.48 -34.10
CA LEU A 797 -22.23 27.09 -34.73
C LEU A 797 -21.81 28.35 -35.47
N VAL A 798 -22.45 28.59 -36.61
CA VAL A 798 -22.34 29.83 -37.34
C VAL A 798 -23.56 30.68 -37.02
N ILE A 799 -23.34 31.93 -36.66
CA ILE A 799 -24.37 32.80 -36.10
C ILE A 799 -24.65 33.92 -37.10
N SER A 800 -25.92 34.09 -37.46
CA SER A 800 -26.35 35.09 -38.44
C SER A 800 -27.12 36.21 -37.76
N GLY A 801 -27.42 37.24 -38.55
CA GLY A 801 -28.20 38.37 -38.07
C GLY A 801 -27.53 39.15 -36.97
N LEU A 802 -26.25 39.47 -37.15
CA LEU A 802 -25.46 40.16 -36.13
C LEU A 802 -25.06 41.55 -36.63
N ARG A 803 -25.11 42.52 -35.73
CA ARG A 803 -24.67 43.87 -36.06
C ARG A 803 -23.16 43.91 -36.28
N HIS A 804 -22.74 44.71 -37.26
CA HIS A 804 -21.32 44.80 -37.58
C HIS A 804 -20.56 45.55 -36.49
N PHE A 805 -19.44 44.97 -36.06
CA PHE A 805 -18.53 45.58 -35.09
C PHE A 805 -19.25 45.88 -33.77
N THR A 806 -19.80 44.82 -33.17
CA THR A 806 -20.48 44.92 -31.89
C THR A 806 -20.05 43.75 -31.01
N GLY A 807 -19.92 44.02 -29.71
CA GLY A 807 -19.53 43.00 -28.76
C GLY A 807 -20.74 42.26 -28.21
N TYR A 808 -20.63 40.93 -28.16
CA TYR A 808 -21.71 40.06 -27.74
C TYR A 808 -21.28 39.20 -26.56
N ARG A 809 -22.24 38.83 -25.73
CA ARG A 809 -22.02 37.96 -24.59
C ARG A 809 -22.67 36.60 -24.88
N ILE A 810 -21.92 35.53 -24.65
CA ILE A 810 -22.33 34.18 -25.02
C ILE A 810 -22.54 33.36 -23.75
N GLU A 811 -23.68 32.67 -23.68
CA GLU A 811 -24.01 31.78 -22.57
C GLU A 811 -24.18 30.38 -23.14
N LEU A 812 -23.24 29.49 -22.83
CA LEU A 812 -23.18 28.16 -23.43
C LEU A 812 -23.42 27.10 -22.37
N GLN A 813 -24.36 26.19 -22.64
CA GLN A 813 -24.70 25.11 -21.72
C GLN A 813 -24.67 23.78 -22.47
N ALA A 814 -24.35 22.71 -21.73
CA ALA A 814 -24.45 21.35 -22.21
C ALA A 814 -25.53 20.66 -21.37
N CYS A 815 -26.61 20.22 -22.03
CA CYS A 815 -27.79 19.79 -21.33
C CYS A 815 -28.24 18.43 -21.87
N ASN A 816 -28.42 17.45 -20.97
CA ASN A 816 -28.64 16.06 -21.36
C ASN A 816 -30.11 15.64 -21.24
N GLN A 817 -31.04 16.60 -21.17
CA GLN A 817 -32.45 16.27 -21.06
C GLN A 817 -33.27 17.47 -21.49
N ASP A 818 -34.21 17.25 -22.42
CA ASP A 818 -34.99 18.33 -22.98
C ASP A 818 -36.48 18.21 -22.69
N SER A 819 -37.10 17.09 -23.03
CA SER A 819 -38.56 16.97 -22.94
C SER A 819 -39.06 16.80 -21.50
N PRO A 820 -38.49 15.92 -20.66
CA PRO A 820 -38.97 15.81 -19.28
C PRO A 820 -38.25 16.78 -18.34
N ASP A 821 -38.28 18.06 -18.70
CA ASP A 821 -37.65 19.15 -17.94
C ASP A 821 -36.12 19.07 -18.03
N GLU A 822 -35.48 20.21 -18.26
CA GLU A 822 -34.03 20.22 -18.41
C GLU A 822 -33.35 20.03 -17.06
N ARG A 823 -32.42 19.08 -17.01
CA ARG A 823 -31.64 18.79 -15.81
C ARG A 823 -30.17 18.96 -16.19
N CYS A 824 -29.65 20.17 -16.03
CA CYS A 824 -28.30 20.48 -16.49
C CYS A 824 -27.79 21.72 -15.76
N SER A 825 -26.47 21.87 -15.76
CA SER A 825 -25.75 22.74 -14.85
C SER A 825 -25.57 24.14 -15.43
N VAL A 826 -24.71 24.93 -14.78
CA VAL A 826 -24.48 26.33 -15.11
C VAL A 826 -23.72 26.45 -16.43
N ALA A 827 -23.66 27.66 -16.96
CA ALA A 827 -23.10 27.92 -18.28
C ALA A 827 -21.66 28.42 -18.19
N ALA A 828 -21.06 28.62 -19.36
CA ALA A 828 -19.75 29.23 -19.50
C ALA A 828 -19.89 30.50 -20.33
N TYR A 829 -19.19 31.56 -19.92
CA TYR A 829 -19.37 32.88 -20.52
C TYR A 829 -18.11 33.29 -21.30
N VAL A 830 -18.33 33.96 -22.43
CA VAL A 830 -17.24 34.43 -23.27
C VAL A 830 -17.78 35.59 -24.10
N SER A 831 -16.87 36.42 -24.61
CA SER A 831 -17.24 37.61 -25.36
C SER A 831 -16.57 37.59 -26.72
N ALA A 832 -17.22 38.22 -27.71
CA ALA A 832 -16.69 38.31 -29.06
C ALA A 832 -17.23 39.56 -29.73
N ARG A 833 -16.44 40.11 -30.65
CA ARG A 833 -16.82 41.30 -31.40
C ARG A 833 -16.79 40.98 -32.89
N THR A 834 -17.84 41.38 -33.59
CA THR A 834 -17.93 41.13 -35.02
C THR A 834 -17.00 42.06 -35.79
N MET A 835 -16.73 41.67 -37.04
CA MET A 835 -15.92 42.51 -37.92
C MET A 835 -16.71 43.74 -38.35
N PRO A 836 -16.02 44.84 -38.65
CA PRO A 836 -16.70 46.06 -39.09
C PRO A 836 -16.90 46.09 -40.60
N GLU A 837 -17.82 46.95 -41.02
CA GLU A 837 -18.09 47.15 -42.44
C GLU A 837 -17.02 48.05 -43.06
N ALA A 838 -16.99 48.05 -44.39
CA ALA A 838 -15.97 48.81 -45.11
C ALA A 838 -16.22 50.32 -45.01
N LYS A 839 -17.38 50.77 -45.48
CA LYS A 839 -17.70 52.18 -45.55
C LYS A 839 -18.69 52.61 -44.46
N ALA A 840 -18.72 51.88 -43.35
CA ALA A 840 -19.61 52.25 -42.25
C ALA A 840 -19.21 53.58 -41.63
N ASP A 841 -17.91 53.83 -41.50
CA ASP A 841 -17.41 55.06 -40.91
C ASP A 841 -17.32 56.21 -41.89
N ASP A 842 -17.49 55.96 -43.18
CA ASP A 842 -17.38 57.01 -44.19
C ASP A 842 -18.60 57.91 -44.16
N ILE A 843 -18.38 59.19 -44.45
CA ILE A 843 -19.44 60.18 -44.42
C ILE A 843 -20.07 60.28 -45.79
N VAL A 844 -21.41 60.23 -45.83
CA VAL A 844 -22.16 60.37 -47.07
C VAL A 844 -22.94 61.68 -47.03
N GLY A 845 -23.34 62.13 -48.21
CA GLY A 845 -24.07 63.37 -48.34
C GLY A 845 -23.18 64.52 -48.74
N PRO A 846 -23.75 65.50 -49.44
CA PRO A 846 -22.96 66.65 -49.88
C PRO A 846 -22.50 67.51 -48.71
N VAL A 847 -21.36 68.17 -48.90
CA VAL A 847 -20.81 69.08 -47.90
C VAL A 847 -21.47 70.44 -48.09
N THR A 848 -22.22 70.89 -47.09
CA THR A 848 -22.94 72.15 -47.14
C THR A 848 -22.25 73.16 -46.24
N HIS A 849 -22.02 74.36 -46.78
CA HIS A 849 -21.36 75.43 -46.05
C HIS A 849 -22.13 76.72 -46.21
N GLU A 850 -22.00 77.60 -45.22
CA GLU A 850 -22.62 78.92 -45.23
C GLU A 850 -21.58 79.97 -44.87
N ILE A 851 -21.68 81.13 -45.52
CA ILE A 851 -20.78 82.24 -45.28
C ILE A 851 -21.61 83.41 -44.77
N PHE A 852 -21.27 83.90 -43.58
CA PHE A 852 -22.01 84.99 -42.96
C PHE A 852 -21.47 86.33 -43.44
N GLU A 853 -22.01 87.42 -42.87
CA GLU A 853 -21.56 88.76 -43.22
C GLU A 853 -20.11 88.98 -42.80
N ASN A 854 -19.72 88.45 -41.65
CA ASN A 854 -18.38 88.60 -41.12
C ASN A 854 -17.43 87.51 -41.59
N ASN A 855 -17.71 86.90 -42.76
CA ASN A 855 -16.86 85.85 -43.34
C ASN A 855 -16.72 84.67 -42.39
N VAL A 856 -17.80 84.31 -41.71
CA VAL A 856 -17.83 83.15 -40.84
C VAL A 856 -18.32 81.96 -41.65
N VAL A 857 -17.54 80.89 -41.67
CA VAL A 857 -17.84 79.70 -42.46
C VAL A 857 -18.45 78.67 -41.53
N HIS A 858 -19.70 78.30 -41.80
CA HIS A 858 -20.41 77.28 -41.01
C HIS A 858 -20.56 76.04 -41.90
N LEU A 859 -19.79 75.00 -41.59
CA LEU A 859 -19.79 73.79 -42.39
C LEU A 859 -20.80 72.78 -41.86
N MET A 860 -21.47 72.10 -42.79
CA MET A 860 -22.47 71.10 -42.45
C MET A 860 -22.25 69.87 -43.30
N TRP A 861 -22.41 68.69 -42.70
CA TRP A 861 -22.32 67.43 -43.44
C TRP A 861 -23.16 66.39 -42.72
N GLN A 862 -23.80 65.52 -43.51
CA GLN A 862 -24.66 64.49 -42.94
C GLN A 862 -23.82 63.43 -42.23
N GLU A 863 -24.18 63.12 -40.99
CA GLU A 863 -23.43 62.16 -40.21
C GLU A 863 -23.66 60.74 -40.74
N PRO A 864 -22.70 59.84 -40.52
CA PRO A 864 -22.89 58.44 -40.92
C PRO A 864 -23.86 57.72 -40.00
N LYS A 865 -25.15 57.82 -40.33
CA LYS A 865 -26.27 57.31 -39.54
C LYS A 865 -26.00 55.96 -38.90
N GLU A 866 -25.40 55.03 -39.63
CA GLU A 866 -25.13 53.68 -39.14
C GLU A 866 -23.62 53.43 -39.16
N PRO A 867 -22.91 53.84 -38.10
CA PRO A 867 -21.46 53.59 -38.04
C PRO A 867 -21.14 52.26 -37.36
N ASN A 868 -19.85 51.96 -37.21
CA ASN A 868 -19.40 50.77 -36.49
C ASN A 868 -19.44 51.08 -35.00
N GLY A 869 -20.65 50.99 -34.43
CA GLY A 869 -20.87 51.29 -33.03
C GLY A 869 -21.19 52.75 -32.77
N LEU A 870 -20.18 53.61 -32.87
CA LEU A 870 -20.36 55.04 -32.63
C LEU A 870 -19.13 55.79 -33.13
N ILE A 871 -19.35 57.04 -33.51
CA ILE A 871 -18.29 57.93 -33.99
C ILE A 871 -17.93 58.90 -32.88
N VAL A 872 -16.64 59.07 -32.61
CA VAL A 872 -16.18 59.87 -31.49
C VAL A 872 -15.83 61.29 -31.94
N LEU A 873 -15.37 61.44 -33.18
CA LEU A 873 -14.91 62.75 -33.62
C LEU A 873 -14.95 62.83 -35.14
N TYR A 874 -14.91 64.06 -35.65
CA TYR A 874 -14.76 64.36 -37.06
C TYR A 874 -13.62 65.35 -37.23
N GLU A 875 -12.94 65.27 -38.37
CA GLU A 875 -11.84 66.18 -38.67
C GLU A 875 -12.09 66.83 -40.03
N VAL A 876 -11.95 68.16 -40.08
CA VAL A 876 -12.15 68.94 -41.29
C VAL A 876 -10.82 69.55 -41.69
N SER A 877 -10.42 69.32 -42.94
CA SER A 877 -9.15 69.83 -43.47
C SER A 877 -9.45 70.84 -44.56
N TYR A 878 -9.33 72.12 -44.22
CA TYR A 878 -9.51 73.21 -45.18
C TYR A 878 -8.15 73.83 -45.49
N ARG A 879 -7.87 74.02 -46.77
CA ARG A 879 -6.60 74.55 -47.22
C ARG A 879 -6.84 75.58 -48.32
N ARG A 880 -6.43 76.82 -48.09
CA ARG A 880 -6.49 77.82 -49.13
C ARG A 880 -5.49 77.49 -50.23
N TYR A 881 -5.88 77.77 -51.48
CA TYR A 881 -5.04 77.42 -52.61
C TYR A 881 -3.69 78.11 -52.51
N GLY A 882 -2.62 77.32 -52.63
CA GLY A 882 -1.26 77.81 -52.49
C GLY A 882 -0.77 77.86 -51.05
N ASP A 883 -1.66 77.71 -50.08
CA ASP A 883 -1.29 77.76 -48.68
C ASP A 883 -1.12 76.35 -48.13
N GLU A 884 -0.97 76.24 -46.81
CA GLU A 884 -0.79 74.95 -46.14
C GLU A 884 -2.12 74.46 -45.58
N GLU A 885 -2.17 73.15 -45.34
CA GLU A 885 -3.39 72.51 -44.86
C GLU A 885 -3.66 72.87 -43.40
N LEU A 886 -4.91 73.19 -43.10
CA LEU A 886 -5.35 73.49 -41.75
C LEU A 886 -6.35 72.44 -41.28
N HIS A 887 -6.17 71.97 -40.04
CA HIS A 887 -6.99 70.91 -39.48
C HIS A 887 -7.78 71.44 -38.29
N LEU A 888 -8.94 70.83 -38.06
CA LEU A 888 -9.79 71.17 -36.92
C LEU A 888 -10.61 69.95 -36.55
N CYS A 889 -10.50 69.51 -35.30
CA CYS A 889 -11.22 68.33 -34.83
C CYS A 889 -12.62 68.74 -34.36
N VAL A 890 -13.62 67.98 -34.78
CA VAL A 890 -15.00 68.18 -34.36
C VAL A 890 -15.46 66.92 -33.64
N SER A 891 -15.72 67.04 -32.34
CA SER A 891 -16.13 65.91 -31.53
C SER A 891 -17.64 65.70 -31.65
N ARG A 892 -18.18 64.76 -30.89
CA ARG A 892 -19.62 64.50 -30.91
C ARG A 892 -20.39 65.71 -30.39
N LYS A 893 -19.96 66.27 -29.26
CA LYS A 893 -20.67 67.39 -28.67
C LYS A 893 -20.50 68.66 -29.52
N HIS A 894 -19.31 68.87 -30.08
CA HIS A 894 -19.12 70.00 -30.98
C HIS A 894 -19.99 69.88 -32.22
N PHE A 895 -20.07 68.67 -32.79
CA PHE A 895 -20.91 68.45 -33.96
C PHE A 895 -22.38 68.67 -33.64
N ALA A 896 -22.82 68.21 -32.46
CA ALA A 896 -24.21 68.42 -32.07
C ALA A 896 -24.51 69.90 -31.83
N LEU A 897 -23.59 70.62 -31.19
CA LEU A 897 -23.85 72.01 -30.83
C LEU A 897 -23.82 72.91 -32.06
N GLU A 898 -22.83 72.74 -32.93
CA GLU A 898 -22.65 73.62 -34.08
C GLU A 898 -23.29 73.07 -35.35
N ARG A 899 -23.96 71.92 -35.28
CA ARG A 899 -24.55 71.27 -36.44
C ARG A 899 -23.50 71.07 -37.54
N GLY A 900 -22.31 70.65 -37.12
CA GLY A 900 -21.19 70.49 -38.03
C GLY A 900 -19.97 71.25 -37.57
N CYS A 901 -19.54 72.23 -38.35
CA CYS A 901 -18.36 73.04 -38.03
C CYS A 901 -18.68 74.51 -38.24
N ARG A 902 -17.97 75.36 -37.48
CA ARG A 902 -18.10 76.80 -37.60
C ARG A 902 -16.70 77.41 -37.59
N LEU A 903 -16.35 78.10 -38.67
CA LEU A 903 -15.05 78.71 -38.83
C LEU A 903 -15.16 80.22 -38.67
N ARG A 904 -14.30 80.79 -37.83
CA ARG A 904 -14.30 82.22 -37.55
C ARG A 904 -12.92 82.79 -37.82
N GLY A 905 -12.87 83.96 -38.45
CA GLY A 905 -11.62 84.63 -38.72
C GLY A 905 -10.76 83.92 -39.77
N LEU A 906 -11.22 83.91 -41.01
CA LEU A 906 -10.51 83.24 -42.10
C LEU A 906 -10.03 84.26 -43.11
N SER A 907 -8.82 84.05 -43.64
CA SER A 907 -8.25 84.96 -44.61
C SER A 907 -8.98 84.82 -45.96
N PRO A 908 -9.05 85.90 -46.73
CA PRO A 908 -9.70 85.81 -48.05
C PRO A 908 -8.99 84.84 -48.97
N GLY A 909 -9.77 84.14 -49.77
CA GLY A 909 -9.23 83.18 -50.72
C GLY A 909 -10.17 82.00 -50.89
N ASN A 910 -9.73 81.08 -51.74
CA ASN A 910 -10.49 79.87 -52.04
C ASN A 910 -9.84 78.68 -51.35
N TYR A 911 -10.65 77.91 -50.63
CA TYR A 911 -10.17 76.78 -49.84
C TYR A 911 -10.61 75.46 -50.46
N SER A 912 -10.06 74.37 -49.92
CA SER A 912 -10.46 73.01 -50.28
C SER A 912 -10.74 72.25 -48.99
N VAL A 913 -11.98 71.80 -48.82
CA VAL A 913 -12.45 71.25 -47.55
C VAL A 913 -12.70 69.75 -47.71
N ARG A 914 -12.04 68.96 -46.89
CA ARG A 914 -12.27 67.52 -46.79
C ARG A 914 -12.60 67.16 -45.36
N VAL A 915 -13.55 66.23 -45.19
CA VAL A 915 -14.06 65.86 -43.87
C VAL A 915 -13.91 64.35 -43.70
N ARG A 916 -13.41 63.93 -42.53
CA ARG A 916 -13.28 62.52 -42.20
C ARG A 916 -13.94 62.24 -40.86
N ALA A 917 -14.42 61.02 -40.68
CA ALA A 917 -15.06 60.60 -39.45
C ALA A 917 -14.27 59.45 -38.83
N THR A 918 -14.08 59.51 -37.51
CA THR A 918 -13.37 58.49 -36.76
C THR A 918 -14.34 57.80 -35.81
N SER A 919 -14.42 56.49 -35.91
CA SER A 919 -15.31 55.69 -35.07
C SER A 919 -14.47 54.69 -34.28
N LEU A 920 -15.16 53.77 -33.59
CA LEU A 920 -14.47 52.72 -32.84
C LEU A 920 -13.66 51.82 -33.76
N ALA A 921 -14.15 51.58 -34.99
CA ALA A 921 -13.42 50.74 -35.92
C ALA A 921 -12.08 51.38 -36.33
N GLY A 922 -12.09 52.69 -36.57
CA GLY A 922 -10.86 53.36 -36.98
C GLY A 922 -11.18 54.69 -37.66
N ASN A 923 -10.33 55.04 -38.62
CA ASN A 923 -10.45 56.31 -39.33
C ASN A 923 -11.18 56.08 -40.66
N GLY A 924 -12.20 56.90 -40.90
CA GLY A 924 -12.92 56.82 -42.15
C GLY A 924 -12.25 57.59 -43.27
N SER A 925 -12.72 57.33 -44.49
CA SER A 925 -12.17 58.00 -45.66
C SER A 925 -12.64 59.46 -45.71
N TRP A 926 -11.77 60.34 -46.20
CA TRP A 926 -12.11 61.75 -46.33
C TRP A 926 -13.19 61.94 -47.39
N THR A 927 -14.04 62.94 -47.18
CA THR A 927 -15.04 63.30 -48.16
C THR A 927 -14.38 64.06 -49.32
N GLU A 928 -15.17 64.25 -50.39
CA GLU A 928 -14.67 64.96 -51.56
C GLU A 928 -14.35 66.42 -51.22
N PRO A 929 -13.34 67.00 -51.85
CA PRO A 929 -12.98 68.39 -51.58
C PRO A 929 -14.13 69.34 -51.92
N THR A 930 -14.29 70.37 -51.10
CA THR A 930 -15.31 71.39 -51.29
C THR A 930 -14.64 72.76 -51.29
N TYR A 931 -15.06 73.61 -52.22
CA TYR A 931 -14.44 74.91 -52.42
C TYR A 931 -15.38 76.01 -51.96
N PHE A 932 -14.87 76.92 -51.11
CA PHE A 932 -15.59 78.10 -50.70
C PHE A 932 -14.67 79.31 -50.77
N TYR A 933 -15.25 80.47 -51.10
CA TYR A 933 -14.49 81.70 -51.22
C TYR A 933 -15.14 82.76 -50.35
N VAL A 934 -14.36 83.36 -49.46
CA VAL A 934 -14.83 84.40 -48.56
C VAL A 934 -14.50 85.76 -49.15
N THR A 935 -15.38 86.74 -48.92
CA THR A 935 -15.24 88.04 -49.54
C THR A 935 -14.01 88.78 -49.01
N ASP A 936 -13.32 89.46 -49.92
CA ASP A 936 -12.12 90.23 -49.57
C ASP A 936 -12.44 91.61 -49.03
N TYR A 937 -13.59 92.18 -49.40
CA TYR A 937 -13.98 93.54 -49.02
C TYR A 937 -12.92 94.56 -49.43
N HIS B 28 -14.45 3.71 62.89
CA HIS B 28 -13.04 3.36 63.05
C HIS B 28 -12.70 2.07 62.34
N LEU B 29 -11.99 1.17 63.02
CA LEU B 29 -11.59 -0.10 62.42
C LEU B 29 -12.78 -1.04 62.30
N TYR B 30 -12.50 -2.25 61.85
CA TYR B 30 -13.55 -3.21 61.53
C TYR B 30 -14.23 -3.73 62.79
N PRO B 31 -15.52 -3.50 62.98
CA PRO B 31 -16.24 -4.14 64.09
C PRO B 31 -16.98 -5.40 63.64
N GLY B 32 -17.49 -6.16 64.61
CA GLY B 32 -18.40 -7.25 64.30
C GLY B 32 -17.79 -8.48 63.66
N GLU B 33 -18.59 -9.16 62.84
CA GLU B 33 -18.21 -10.45 62.27
C GLU B 33 -17.25 -10.28 61.10
N VAL B 34 -16.84 -11.42 60.54
CA VAL B 34 -15.89 -11.43 59.44
C VAL B 34 -16.50 -11.98 58.15
N CYS B 35 -17.60 -12.73 58.22
CA CYS B 35 -18.42 -13.17 57.08
C CYS B 35 -17.57 -13.68 55.92
N PRO B 36 -16.97 -14.87 56.02
CA PRO B 36 -16.15 -15.40 54.92
C PRO B 36 -16.85 -15.39 53.58
N GLY B 37 -16.07 -15.44 52.49
CA GLY B 37 -16.57 -15.29 51.13
C GLY B 37 -17.88 -15.99 50.83
N MET B 38 -18.81 -15.27 50.21
CA MET B 38 -20.17 -15.75 50.04
C MET B 38 -20.65 -15.44 48.63
N ASP B 39 -21.72 -16.12 48.23
CA ASP B 39 -22.35 -15.95 46.93
C ASP B 39 -23.85 -15.83 47.12
N ILE B 40 -24.46 -14.86 46.44
CA ILE B 40 -25.88 -14.58 46.58
C ILE B 40 -26.51 -14.66 45.19
N ARG B 41 -27.64 -15.38 45.09
CA ARG B 41 -28.24 -15.67 43.80
C ARG B 41 -29.76 -15.67 43.89
N ASN B 42 -30.37 -15.29 42.77
CA ASN B 42 -31.78 -15.56 42.45
C ASN B 42 -32.78 -14.74 43.27
N ASN B 43 -32.31 -14.00 44.27
CA ASN B 43 -33.19 -13.17 45.08
C ASN B 43 -32.34 -12.41 46.08
N LEU B 44 -32.99 -11.50 46.81
CA LEU B 44 -32.34 -10.70 47.84
C LEU B 44 -32.51 -11.30 49.23
N THR B 45 -33.15 -12.47 49.33
CA THR B 45 -33.48 -13.02 50.64
C THR B 45 -32.25 -13.39 51.45
N ARG B 46 -31.26 -14.02 50.81
CA ARG B 46 -30.09 -14.52 51.51
C ARG B 46 -29.01 -13.46 51.72
N LEU B 47 -29.18 -12.25 51.17
CA LEU B 47 -28.15 -11.24 51.30
C LEU B 47 -28.18 -10.56 52.66
N HIS B 48 -29.24 -10.75 53.44
CA HIS B 48 -29.39 -10.09 54.73
C HIS B 48 -28.39 -10.56 55.78
N GLU B 49 -27.53 -11.52 55.46
CA GLU B 49 -26.52 -11.98 56.40
C GLU B 49 -25.22 -11.20 56.30
N LEU B 50 -25.17 -10.18 55.45
CA LEU B 50 -24.04 -9.25 55.40
C LEU B 50 -24.21 -8.07 56.35
N GLU B 51 -25.29 -8.04 57.13
CA GLU B 51 -25.62 -6.87 57.93
C GLU B 51 -24.62 -6.66 59.07
N ASN B 52 -24.17 -7.74 59.70
CA ASN B 52 -23.42 -7.66 60.95
C ASN B 52 -21.91 -7.72 60.76
N CYS B 53 -21.42 -7.73 59.52
CA CYS B 53 -19.99 -7.84 59.25
C CYS B 53 -19.53 -6.64 58.43
N SER B 54 -18.29 -6.21 58.70
CA SER B 54 -17.70 -5.03 58.05
C SER B 54 -16.66 -5.39 57.00
N VAL B 55 -15.93 -6.48 57.19
CA VAL B 55 -14.92 -6.94 56.25
C VAL B 55 -15.30 -8.33 55.77
N ILE B 56 -15.08 -8.58 54.48
CA ILE B 56 -15.39 -9.88 53.88
C ILE B 56 -14.08 -10.64 53.70
N GLU B 57 -13.96 -11.78 54.36
CA GLU B 57 -12.76 -12.62 54.28
C GLU B 57 -12.94 -13.64 53.15
N GLY B 58 -12.94 -13.10 51.94
CA GLY B 58 -13.16 -13.91 50.75
C GLY B 58 -13.63 -13.02 49.61
N HIS B 59 -14.47 -13.60 48.75
CA HIS B 59 -15.00 -12.92 47.59
C HIS B 59 -16.51 -12.73 47.74
N LEU B 60 -16.99 -11.60 47.21
CA LEU B 60 -18.41 -11.26 47.26
C LEU B 60 -18.95 -11.24 45.84
N GLN B 61 -20.06 -11.95 45.62
CA GLN B 61 -20.67 -12.06 44.30
C GLN B 61 -22.17 -11.84 44.42
N ILE B 62 -22.66 -10.77 43.80
CA ILE B 62 -24.09 -10.53 43.63
C ILE B 62 -24.37 -10.68 42.14
N LEU B 63 -25.11 -11.71 41.77
CA LEU B 63 -25.30 -12.00 40.36
C LEU B 63 -26.56 -12.84 40.17
N LEU B 64 -27.04 -12.86 38.93
CA LEU B 64 -28.17 -13.69 38.50
C LEU B 64 -29.42 -13.38 39.32
N MET B 65 -29.86 -12.13 39.22
CA MET B 65 -31.10 -11.66 39.84
C MET B 65 -31.98 -11.07 38.75
N PHE B 66 -32.95 -11.85 38.28
CA PHE B 66 -33.86 -11.41 37.23
C PHE B 66 -35.20 -10.94 37.76
N LYS B 67 -35.74 -11.60 38.78
CA LYS B 67 -37.02 -11.21 39.38
C LYS B 67 -36.79 -10.16 40.47
N THR B 68 -36.12 -9.07 40.09
CA THR B 68 -35.81 -7.98 40.98
C THR B 68 -36.27 -6.66 40.36
N ARG B 69 -36.56 -5.70 41.23
CA ARG B 69 -37.11 -4.42 40.81
C ARG B 69 -36.30 -3.28 41.41
N PRO B 70 -36.32 -2.10 40.78
CA PRO B 70 -35.60 -0.95 41.34
C PRO B 70 -36.08 -0.54 42.72
N GLU B 71 -37.31 -0.89 43.10
CA GLU B 71 -37.81 -0.57 44.43
C GLU B 71 -37.39 -1.58 45.48
N ASP B 72 -36.67 -2.63 45.10
CA ASP B 72 -36.19 -3.63 46.04
C ASP B 72 -34.81 -3.32 46.60
N PHE B 73 -34.21 -2.19 46.20
CA PHE B 73 -32.87 -1.83 46.66
C PHE B 73 -32.81 -0.53 47.42
N ARG B 74 -33.86 0.30 47.38
CA ARG B 74 -33.80 1.58 48.08
C ARG B 74 -33.73 1.39 49.60
N ASP B 75 -34.48 0.43 50.13
CA ASP B 75 -34.51 0.19 51.57
C ASP B 75 -33.39 -0.73 52.04
N LEU B 76 -32.55 -1.23 51.13
CA LEU B 76 -31.46 -2.14 51.47
C LEU B 76 -30.14 -1.39 51.35
N SER B 77 -29.39 -1.33 52.45
CA SER B 77 -28.11 -0.66 52.47
C SER B 77 -27.19 -1.36 53.47
N PHE B 78 -25.89 -1.33 53.18
CA PHE B 78 -24.88 -1.98 54.01
C PHE B 78 -23.77 -0.99 54.31
N PRO B 79 -24.03 -0.02 55.19
CA PRO B 79 -22.96 0.93 55.56
C PRO B 79 -21.83 0.28 56.34
N LYS B 80 -22.04 -0.90 56.92
CA LYS B 80 -21.01 -1.53 57.74
C LYS B 80 -19.87 -2.07 56.91
N LEU B 81 -20.15 -2.53 55.68
CA LEU B 81 -19.12 -3.15 54.86
C LEU B 81 -18.02 -2.15 54.54
N ILE B 82 -16.76 -2.58 54.69
CA ILE B 82 -15.62 -1.68 54.54
C ILE B 82 -14.64 -2.21 53.50
N MET B 83 -14.14 -3.43 53.70
CA MET B 83 -13.07 -3.96 52.88
C MET B 83 -13.40 -5.38 52.41
N ILE B 84 -13.00 -5.68 51.18
CA ILE B 84 -13.17 -7.00 50.58
C ILE B 84 -11.79 -7.56 50.24
N THR B 85 -11.54 -8.81 50.64
CA THR B 85 -10.22 -9.40 50.48
C THR B 85 -9.95 -9.90 49.06
N ASP B 86 -10.88 -10.64 48.45
CA ASP B 86 -10.58 -11.28 47.18
C ASP B 86 -11.00 -10.43 45.99
N TYR B 87 -12.30 -10.15 45.85
CA TYR B 87 -12.80 -9.36 44.73
C TYR B 87 -14.30 -9.17 44.90
N LEU B 88 -14.87 -8.33 44.05
CA LEU B 88 -16.31 -8.10 43.98
C LEU B 88 -16.78 -8.36 42.55
N LEU B 89 -17.80 -9.19 42.41
CA LEU B 89 -18.33 -9.57 41.10
C LEU B 89 -19.80 -9.21 41.01
N LEU B 90 -20.21 -8.67 39.87
CA LEU B 90 -21.58 -8.26 39.63
C LEU B 90 -21.96 -8.67 38.21
N PHE B 91 -22.93 -9.59 38.09
CA PHE B 91 -23.26 -10.19 36.80
C PHE B 91 -24.77 -10.32 36.68
N ARG B 92 -25.39 -9.44 35.89
CA ARG B 92 -26.79 -9.53 35.53
C ARG B 92 -27.71 -9.52 36.75
N VAL B 93 -27.70 -8.38 37.46
CA VAL B 93 -28.65 -8.10 38.52
C VAL B 93 -29.56 -7.00 38.01
N TYR B 94 -30.84 -7.33 37.82
CA TYR B 94 -31.80 -6.39 37.28
C TYR B 94 -32.37 -5.49 38.36
N GLY B 95 -32.66 -4.26 38.00
CA GLY B 95 -33.22 -3.29 38.91
C GLY B 95 -32.22 -2.50 39.72
N LEU B 96 -30.96 -2.93 39.77
CA LEU B 96 -29.93 -2.20 40.50
C LEU B 96 -29.42 -1.06 39.62
N GLU B 97 -29.55 0.17 40.11
CA GLU B 97 -29.15 1.35 39.35
C GLU B 97 -27.85 1.96 39.84
N SER B 98 -27.49 1.77 41.10
CA SER B 98 -26.25 2.35 41.64
C SER B 98 -25.82 1.55 42.85
N LEU B 99 -24.50 1.51 43.07
CA LEU B 99 -23.93 0.87 44.24
C LEU B 99 -23.72 1.84 45.40
N LYS B 100 -24.10 3.11 45.23
CA LYS B 100 -23.90 4.10 46.28
C LYS B 100 -24.74 3.81 47.52
N ASP B 101 -25.77 2.98 47.40
CA ASP B 101 -26.58 2.59 48.53
C ASP B 101 -26.20 1.22 49.09
N LEU B 102 -25.86 0.26 48.23
CA LEU B 102 -25.47 -1.06 48.70
C LEU B 102 -24.15 -1.01 49.46
N PHE B 103 -23.15 -0.35 48.89
CA PHE B 103 -21.81 -0.28 49.49
C PHE B 103 -21.37 1.18 49.55
N PRO B 104 -21.90 1.94 50.51
CA PRO B 104 -21.51 3.35 50.66
C PRO B 104 -20.20 3.56 51.39
N ASN B 105 -19.57 2.50 51.90
CA ASN B 105 -18.34 2.62 52.67
C ASN B 105 -17.26 1.65 52.23
N LEU B 106 -17.45 0.94 51.12
CA LEU B 106 -16.42 0.06 50.59
C LEU B 106 -15.22 0.90 50.15
N THR B 107 -14.05 0.58 50.67
CA THR B 107 -12.87 1.41 50.45
C THR B 107 -11.66 0.67 49.89
N VAL B 108 -11.47 -0.59 50.23
CA VAL B 108 -10.28 -1.34 49.84
C VAL B 108 -10.71 -2.70 49.32
N ILE B 109 -10.19 -3.08 48.15
CA ILE B 109 -10.30 -4.43 47.62
C ILE B 109 -8.88 -4.96 47.53
N ARG B 110 -8.52 -5.88 48.43
CA ARG B 110 -7.14 -6.34 48.51
C ARG B 110 -6.74 -7.13 47.27
N GLY B 111 -7.66 -7.91 46.72
CA GLY B 111 -7.34 -8.72 45.55
C GLY B 111 -6.38 -9.86 45.84
N SER B 112 -6.53 -10.52 46.99
CA SER B 112 -5.69 -11.68 47.29
C SER B 112 -5.95 -12.81 46.29
N ARG B 113 -7.22 -13.06 45.99
CA ARG B 113 -7.63 -13.99 44.95
C ARG B 113 -8.48 -13.25 43.94
N LEU B 114 -8.09 -13.30 42.68
CA LEU B 114 -8.75 -12.55 41.62
C LEU B 114 -9.74 -13.43 40.88
N PHE B 115 -10.56 -12.78 40.05
CA PHE B 115 -11.51 -13.46 39.16
C PHE B 115 -11.06 -13.14 37.73
N PHE B 116 -10.26 -14.04 37.17
CA PHE B 116 -9.68 -13.86 35.84
C PHE B 116 -8.86 -12.56 35.78
N ASN B 117 -7.82 -12.52 36.62
CA ASN B 117 -6.91 -11.38 36.75
C ASN B 117 -7.65 -10.05 36.91
N TYR B 118 -8.83 -10.09 37.52
CA TYR B 118 -9.62 -8.89 37.78
C TYR B 118 -10.07 -8.89 39.24
N ALA B 119 -10.05 -7.69 39.85
CA ALA B 119 -10.49 -7.52 41.22
C ALA B 119 -11.85 -6.88 41.35
N LEU B 120 -12.36 -6.23 40.30
CA LEU B 120 -13.69 -5.64 40.31
C LEU B 120 -14.32 -5.93 38.94
N VAL B 121 -15.25 -6.87 38.91
CA VAL B 121 -15.91 -7.29 37.68
C VAL B 121 -17.36 -6.82 37.73
N ILE B 122 -17.76 -6.05 36.73
CA ILE B 122 -19.14 -5.61 36.55
C ILE B 122 -19.51 -5.96 35.12
N PHE B 123 -20.25 -7.05 34.94
CA PHE B 123 -20.52 -7.60 33.63
C PHE B 123 -22.03 -7.71 33.41
N GLU B 124 -22.50 -7.16 32.29
CA GLU B 124 -23.89 -7.26 31.87
C GLU B 124 -24.85 -6.76 32.96
N MET B 125 -24.49 -5.61 33.56
CA MET B 125 -25.37 -4.92 34.49
C MET B 125 -26.39 -4.08 33.71
N VAL B 126 -27.49 -4.72 33.33
CA VAL B 126 -28.62 -3.99 32.80
C VAL B 126 -29.26 -3.20 33.93
N HIS B 127 -29.82 -2.03 33.59
CA HIS B 127 -30.49 -1.10 34.48
C HIS B 127 -29.55 -0.39 35.45
N LEU B 128 -28.24 -0.59 35.32
CA LEU B 128 -27.27 0.10 36.16
C LEU B 128 -26.79 1.36 35.46
N LYS B 129 -26.86 2.50 36.15
CA LYS B 129 -26.58 3.78 35.54
C LYS B 129 -25.30 4.46 36.05
N GLU B 130 -24.89 4.18 37.29
CA GLU B 130 -23.68 4.80 37.83
C GLU B 130 -23.06 3.86 38.84
N LEU B 131 -21.74 3.98 39.01
CA LEU B 131 -21.03 3.12 39.95
C LEU B 131 -21.37 3.50 41.39
N GLY B 132 -21.05 4.73 41.78
CA GLY B 132 -21.41 5.21 43.09
C GLY B 132 -20.55 4.73 44.24
N LEU B 133 -19.45 4.02 43.95
CA LEU B 133 -18.52 3.58 44.99
C LEU B 133 -17.60 4.75 45.35
N TYR B 134 -18.17 5.72 46.07
CA TYR B 134 -17.48 6.98 46.34
C TYR B 134 -16.49 6.89 47.48
N ASN B 135 -16.31 5.72 48.09
CA ASN B 135 -15.28 5.52 49.10
C ASN B 135 -14.17 4.59 48.65
N LEU B 136 -14.25 4.04 47.44
CA LEU B 136 -13.22 3.13 46.95
C LEU B 136 -11.93 3.90 46.74
N MET B 137 -10.93 3.60 47.58
CA MET B 137 -9.66 4.32 47.56
C MET B 137 -8.53 3.51 46.91
N ASN B 138 -8.33 2.27 47.35
CA ASN B 138 -7.22 1.46 46.86
C ASN B 138 -7.71 0.08 46.46
N ILE B 139 -7.19 -0.40 45.33
CA ILE B 139 -7.34 -1.80 44.91
C ILE B 139 -5.93 -2.36 44.85
N THR B 140 -5.56 -3.14 45.87
CA THR B 140 -4.16 -3.51 46.06
C THR B 140 -3.63 -4.34 44.91
N ARG B 141 -4.39 -5.36 44.48
CA ARG B 141 -3.91 -6.27 43.45
C ARG B 141 -5.07 -6.63 42.52
N GLY B 142 -4.77 -6.67 41.23
CA GLY B 142 -5.75 -7.02 40.22
C GLY B 142 -6.02 -5.88 39.27
N SER B 143 -7.21 -5.94 38.66
CA SER B 143 -7.65 -4.91 37.72
C SER B 143 -9.16 -4.78 37.82
N VAL B 144 -9.72 -3.90 36.99
CA VAL B 144 -11.15 -3.64 36.96
C VAL B 144 -11.65 -3.87 35.54
N ARG B 145 -12.68 -4.69 35.39
CA ARG B 145 -13.33 -4.93 34.11
C ARG B 145 -14.78 -4.48 34.20
N ILE B 146 -15.18 -3.61 33.28
CA ILE B 146 -16.56 -3.15 33.16
C ILE B 146 -16.96 -3.32 31.70
N GLU B 147 -17.97 -4.15 31.44
CA GLU B 147 -18.33 -4.50 30.08
C GLU B 147 -19.82 -4.72 29.97
N LYS B 148 -20.37 -4.35 28.80
CA LYS B 148 -21.77 -4.60 28.45
C LYS B 148 -22.73 -4.02 29.48
N ASN B 149 -22.62 -2.73 29.74
CA ASN B 149 -23.54 -2.00 30.60
C ASN B 149 -24.10 -0.85 29.78
N ASN B 150 -25.27 -1.08 29.16
CA ASN B 150 -25.81 -0.13 28.20
C ASN B 150 -26.29 1.17 28.82
N GLU B 151 -26.44 1.23 30.15
CA GLU B 151 -26.93 2.43 30.82
C GLU B 151 -25.94 3.01 31.81
N LEU B 152 -24.79 2.36 32.03
CA LEU B 152 -23.84 2.83 33.02
C LEU B 152 -23.06 4.02 32.49
N CYS B 153 -23.02 5.10 33.26
CA CYS B 153 -22.31 6.32 32.93
C CYS B 153 -21.38 6.69 34.07
N TYR B 154 -20.83 7.90 34.01
CA TYR B 154 -19.90 8.41 35.02
C TYR B 154 -18.67 7.53 35.13
N LEU B 155 -18.27 6.93 34.01
CA LEU B 155 -17.07 6.08 33.96
C LEU B 155 -15.82 6.86 33.59
N ALA B 156 -15.91 7.78 32.63
CA ALA B 156 -14.76 8.59 32.26
C ALA B 156 -14.40 9.62 33.32
N THR B 157 -15.28 9.86 34.30
CA THR B 157 -15.03 10.80 35.37
C THR B 157 -14.42 10.14 36.61
N ILE B 158 -13.73 9.02 36.43
CA ILE B 158 -13.07 8.32 37.53
C ILE B 158 -11.59 8.20 37.19
N ASP B 159 -10.73 8.65 38.12
CA ASP B 159 -9.29 8.58 37.94
C ASP B 159 -8.83 7.25 38.54
N TRP B 160 -8.81 6.21 37.71
CA TRP B 160 -8.43 4.88 38.19
C TRP B 160 -6.97 4.84 38.62
N SER B 161 -6.14 5.73 38.10
CA SER B 161 -4.74 5.79 38.51
C SER B 161 -4.59 6.10 40.00
N ARG B 162 -5.54 6.84 40.58
CA ARG B 162 -5.52 7.09 42.01
C ARG B 162 -6.02 5.90 42.82
N ILE B 163 -6.72 4.97 42.19
CA ILE B 163 -7.30 3.82 42.87
C ILE B 163 -6.46 2.56 42.65
N LEU B 164 -6.08 2.29 41.41
CA LEU B 164 -5.38 1.08 41.04
C LEU B 164 -4.00 1.42 40.52
N ASP B 165 -3.01 0.61 40.89
CA ASP B 165 -1.63 0.87 40.51
C ASP B 165 -1.43 0.64 39.01
N SER B 166 -1.67 -0.58 38.54
CA SER B 166 -1.49 -0.92 37.12
C SER B 166 -2.81 -0.64 36.40
N VAL B 167 -2.96 0.61 35.93
CA VAL B 167 -4.20 1.02 35.28
C VAL B 167 -4.27 0.57 33.82
N GLU B 168 -3.14 0.20 33.21
CA GLU B 168 -3.13 -0.20 31.82
C GLU B 168 -3.79 -1.55 31.57
N ASP B 169 -4.05 -2.33 32.62
CA ASP B 169 -4.67 -3.64 32.49
C ASP B 169 -6.18 -3.58 32.58
N ASN B 170 -6.77 -2.42 32.85
CA ASN B 170 -8.21 -2.30 32.93
C ASN B 170 -8.85 -2.48 31.55
N TYR B 171 -10.06 -3.06 31.57
CA TYR B 171 -10.82 -3.27 30.33
C TYR B 171 -12.22 -2.73 30.55
N ILE B 172 -12.48 -1.51 30.12
CA ILE B 172 -13.77 -0.84 30.29
C ILE B 172 -14.26 -0.49 28.90
N VAL B 173 -15.07 -1.38 28.31
CA VAL B 173 -15.58 -1.20 26.96
C VAL B 173 -17.07 -1.53 26.93
N LEU B 174 -17.73 -1.09 25.87
CA LEU B 174 -19.14 -1.38 25.60
C LEU B 174 -20.04 -0.90 26.75
N ASN B 175 -20.03 0.41 26.95
CA ASN B 175 -20.89 1.03 27.96
C ASN B 175 -21.67 2.19 27.36
N LYS B 176 -22.36 2.96 28.20
CA LYS B 176 -23.08 4.12 27.71
C LYS B 176 -22.18 5.35 27.56
N ASP B 177 -20.99 5.31 28.15
CA ASP B 177 -20.09 6.47 28.06
C ASP B 177 -19.58 6.70 26.65
N ASP B 178 -19.53 5.66 25.81
CA ASP B 178 -19.10 5.80 24.42
C ASP B 178 -20.20 5.52 23.41
N ASN B 179 -21.13 4.61 23.70
CA ASN B 179 -22.24 4.36 22.77
C ASN B 179 -23.12 5.58 22.63
N GLU B 180 -23.41 6.27 23.73
CA GLU B 180 -24.23 7.47 23.69
C GLU B 180 -23.48 8.65 24.32
N GLU B 181 -24.18 9.75 24.53
CA GLU B 181 -23.59 10.98 25.07
C GLU B 181 -24.26 11.38 26.38
N CYS B 182 -24.44 10.42 27.28
CA CYS B 182 -25.05 10.72 28.58
C CYS B 182 -24.18 11.70 29.36
N GLY B 183 -24.83 12.69 29.97
CA GLY B 183 -24.10 13.71 30.67
C GLY B 183 -23.48 13.22 31.96
N ASP B 184 -22.40 13.90 32.36
CA ASP B 184 -21.68 13.60 33.59
C ASP B 184 -21.46 14.93 34.32
N VAL B 185 -22.33 15.24 35.27
CA VAL B 185 -22.31 16.53 35.95
C VAL B 185 -21.58 16.38 37.28
N CYS B 186 -20.34 16.83 37.33
CA CYS B 186 -19.58 16.93 38.57
C CYS B 186 -19.62 18.36 39.07
N PRO B 187 -20.10 18.58 40.29
CA PRO B 187 -20.23 19.96 40.79
C PRO B 187 -18.88 20.67 40.83
N GLY B 188 -18.77 21.73 40.06
CA GLY B 188 -17.53 22.51 39.98
C GLY B 188 -17.58 23.77 40.81
N THR B 189 -18.74 24.05 41.40
CA THR B 189 -18.90 25.24 42.23
C THR B 189 -19.43 24.88 43.62
N ASN B 195 -16.30 21.84 42.98
CA ASN B 195 -15.62 21.33 44.16
C ASN B 195 -14.94 20.00 43.87
N CYS B 196 -15.41 19.32 42.82
CA CYS B 196 -14.80 18.06 42.43
C CYS B 196 -13.39 18.33 41.91
N PRO B 197 -12.38 17.62 42.42
CA PRO B 197 -11.01 17.83 41.93
C PRO B 197 -10.87 17.42 40.48
N ALA B 198 -9.96 18.09 39.78
CA ALA B 198 -9.70 17.86 38.37
C ALA B 198 -8.26 17.38 38.20
N THR B 199 -8.09 16.25 37.52
CA THR B 199 -6.78 15.67 37.27
C THR B 199 -6.62 15.41 35.78
N VAL B 200 -5.39 15.55 35.29
CA VAL B 200 -5.09 15.31 33.88
C VAL B 200 -5.11 13.80 33.63
N ILE B 201 -5.73 13.38 32.53
CA ILE B 201 -5.82 11.98 32.15
C ILE B 201 -4.95 11.67 30.94
N ASN B 202 -5.17 12.35 29.82
CA ASN B 202 -4.34 12.19 28.64
C ASN B 202 -3.61 13.49 28.28
N GLY B 203 -4.36 14.56 28.00
CA GLY B 203 -3.75 15.86 27.76
C GLY B 203 -4.60 17.01 28.25
N GLN B 204 -5.69 16.69 28.97
CA GLN B 204 -6.64 17.68 29.41
C GLN B 204 -7.04 17.43 30.86
N PHE B 205 -7.48 18.49 31.53
CA PHE B 205 -7.93 18.41 32.91
C PHE B 205 -9.44 18.23 32.93
N VAL B 206 -9.91 17.19 33.64
CA VAL B 206 -11.33 16.91 33.76
C VAL B 206 -11.65 16.62 35.22
N GLU B 207 -12.82 17.07 35.67
CA GLU B 207 -13.25 16.84 37.03
C GLU B 207 -13.61 15.38 37.25
N ARG B 208 -13.37 14.91 38.47
CA ARG B 208 -13.61 13.52 38.84
C ARG B 208 -14.79 13.47 39.81
N CYS B 209 -15.79 12.66 39.46
CA CYS B 209 -16.96 12.47 40.32
C CYS B 209 -17.56 11.10 40.06
N TRP B 210 -17.84 10.37 41.15
CA TRP B 210 -18.51 9.09 41.03
C TRP B 210 -19.95 9.24 40.56
N THR B 211 -20.68 10.15 41.18
CA THR B 211 -22.08 10.42 40.86
C THR B 211 -22.25 11.92 40.60
N HIS B 212 -23.50 12.34 40.48
CA HIS B 212 -23.82 13.75 40.30
C HIS B 212 -23.64 14.55 41.58
N SER B 213 -23.54 13.89 42.74
CA SER B 213 -23.43 14.59 44.01
C SER B 213 -22.21 14.17 44.83
N HIS B 214 -21.37 13.26 44.32
CA HIS B 214 -20.21 12.78 45.05
C HIS B 214 -18.97 12.97 44.18
N CYS B 215 -17.98 13.69 44.72
CA CYS B 215 -16.71 13.86 44.03
C CYS B 215 -15.75 12.75 44.42
N GLN B 216 -14.92 12.34 43.46
CA GLN B 216 -13.88 11.37 43.75
C GLN B 216 -12.82 12.01 44.64
N LYS B 217 -12.67 11.50 45.85
CA LYS B 217 -11.75 12.09 46.82
C LYS B 217 -10.32 11.83 46.38
N VAL B 218 -9.54 12.89 46.23
CA VAL B 218 -8.16 12.82 45.79
C VAL B 218 -7.27 13.43 46.87
N CYS B 219 -6.25 12.71 47.28
CA CYS B 219 -5.35 13.14 48.33
C CYS B 219 -4.08 13.72 47.73
N PRO B 220 -3.40 14.62 48.45
CA PRO B 220 -2.14 15.19 47.94
C PRO B 220 -1.05 14.13 47.84
N THR B 221 -0.08 14.41 46.97
CA THR B 221 1.01 13.46 46.73
C THR B 221 1.84 13.20 47.98
N ILE B 222 1.77 14.09 48.98
CA ILE B 222 2.42 13.81 50.25
C ILE B 222 1.78 12.61 50.93
N CYS B 223 0.46 12.45 50.78
CA CYS B 223 -0.24 11.26 51.23
C CYS B 223 -0.23 10.28 50.06
N LYS B 224 0.81 9.45 50.01
CA LYS B 224 0.98 8.54 48.88
C LYS B 224 -0.18 7.55 48.78
N SER B 225 -0.36 6.73 49.80
CA SER B 225 -1.47 5.79 49.85
C SER B 225 -2.20 5.76 51.18
N HIS B 226 -1.65 6.39 52.22
CA HIS B 226 -2.29 6.37 53.54
C HIS B 226 -3.60 7.13 53.55
N GLY B 227 -3.87 7.96 52.56
CA GLY B 227 -5.09 8.72 52.50
C GLY B 227 -5.00 10.01 53.29
N CYS B 228 -6.01 10.86 53.09
CA CYS B 228 -6.10 12.15 53.74
C CYS B 228 -7.45 12.29 54.43
N THR B 229 -7.54 13.27 55.33
CA THR B 229 -8.78 13.57 56.02
C THR B 229 -9.58 14.57 55.19
N ALA B 230 -10.64 15.13 55.78
CA ALA B 230 -11.45 16.11 55.07
C ALA B 230 -10.65 17.38 54.75
N GLU B 231 -9.80 17.82 55.66
CA GLU B 231 -8.99 19.02 55.48
C GLU B 231 -7.70 18.74 54.72
N GLY B 232 -7.42 17.49 54.37
CA GLY B 232 -6.23 17.16 53.61
C GLY B 232 -4.98 16.97 54.45
N LEU B 233 -5.07 16.09 55.44
CA LEU B 233 -3.93 15.78 56.30
C LEU B 233 -3.62 14.29 56.20
N CYS B 234 -2.34 13.96 56.06
CA CYS B 234 -1.93 12.58 55.89
C CYS B 234 -2.24 11.75 57.13
N CYS B 235 -2.70 10.52 56.91
CA CYS B 235 -2.99 9.60 57.99
C CYS B 235 -1.71 8.94 58.46
N HIS B 236 -1.84 7.89 59.28
CA HIS B 236 -0.67 7.22 59.82
C HIS B 236 0.08 6.47 58.72
N LYS B 237 1.36 6.17 59.00
CA LYS B 237 2.19 5.44 58.06
C LYS B 237 1.66 4.04 57.78
N GLU B 238 0.94 3.44 58.73
CA GLU B 238 0.38 2.11 58.57
C GLU B 238 -1.08 2.15 58.14
N CYS B 239 -1.57 3.31 57.67
CA CYS B 239 -2.96 3.48 57.30
C CYS B 239 -3.15 3.29 55.80
N LEU B 240 -4.41 3.27 55.38
CA LEU B 240 -4.74 3.08 53.97
C LEU B 240 -6.15 3.59 53.72
N GLY B 241 -6.30 4.41 52.68
CA GLY B 241 -7.61 4.85 52.24
C GLY B 241 -8.14 6.08 52.94
N ASN B 242 -8.56 5.93 54.19
CA ASN B 242 -9.18 7.02 54.93
C ASN B 242 -8.92 6.85 56.41
N CYS B 243 -9.07 7.93 57.16
CA CYS B 243 -8.88 7.91 58.60
C CYS B 243 -9.70 9.02 59.23
N SER B 244 -10.07 8.83 60.50
CA SER B 244 -10.84 9.84 61.21
C SER B 244 -9.94 10.98 61.70
N GLU B 245 -8.94 10.65 62.51
CA GLU B 245 -7.97 11.62 62.98
C GLU B 245 -6.59 11.29 62.43
N PRO B 246 -5.91 12.25 61.81
CA PRO B 246 -4.61 11.95 61.20
C PRO B 246 -3.56 11.60 62.25
N ASP B 247 -2.55 10.85 61.79
CA ASP B 247 -1.43 10.43 62.63
C ASP B 247 -1.89 9.62 63.84
N ASP B 248 -2.82 8.70 63.61
CA ASP B 248 -3.29 7.81 64.66
C ASP B 248 -3.69 6.46 64.07
N PRO B 249 -2.93 5.40 64.36
CA PRO B 249 -3.27 4.09 63.77
C PRO B 249 -4.64 3.57 64.18
N THR B 250 -5.10 3.88 65.38
CA THR B 250 -6.34 3.32 65.91
C THR B 250 -7.58 4.03 65.39
N LYS B 251 -7.44 5.11 64.65
CA LYS B 251 -8.58 5.87 64.13
C LYS B 251 -8.74 5.70 62.63
N CYS B 252 -8.11 4.69 62.03
CA CYS B 252 -8.17 4.48 60.61
C CYS B 252 -9.44 3.69 60.23
N VAL B 253 -9.64 3.51 58.93
CA VAL B 253 -10.76 2.73 58.44
C VAL B 253 -10.31 1.43 57.76
N ALA B 254 -9.15 1.43 57.10
CA ALA B 254 -8.64 0.26 56.41
C ALA B 254 -7.14 0.15 56.64
N CYS B 255 -6.72 -0.98 57.21
CA CYS B 255 -5.29 -1.19 57.48
C CYS B 255 -4.54 -1.50 56.19
N ARG B 256 -3.36 -0.89 56.05
CA ARG B 256 -2.56 -1.14 54.85
C ARG B 256 -1.90 -2.50 54.90
N ASN B 257 -1.39 -2.91 56.06
CA ASN B 257 -0.63 -4.15 56.19
C ASN B 257 -1.38 -5.22 56.96
N PHE B 258 -1.77 -4.96 58.20
CA PHE B 258 -2.42 -5.96 59.03
C PHE B 258 -3.34 -5.29 60.02
N TYR B 259 -4.30 -6.07 60.51
CA TYR B 259 -5.30 -5.61 61.47
C TYR B 259 -5.11 -6.36 62.79
N LEU B 260 -5.14 -5.63 63.90
CA LEU B 260 -4.96 -6.24 65.21
C LEU B 260 -5.51 -5.32 66.28
N ASP B 261 -6.51 -5.79 67.01
CA ASP B 261 -7.06 -5.07 68.17
C ASP B 261 -7.49 -3.66 67.80
N GLY B 262 -8.09 -3.51 66.63
CA GLY B 262 -8.49 -2.20 66.17
C GLY B 262 -7.32 -1.29 65.86
N GLN B 263 -6.14 -1.85 65.56
CA GLN B 263 -4.95 -1.07 65.27
C GLN B 263 -4.25 -1.67 64.06
N CYS B 264 -3.71 -0.80 63.21
CA CYS B 264 -2.94 -1.23 62.04
C CYS B 264 -1.47 -1.30 62.40
N VAL B 265 -0.86 -2.46 62.14
CA VAL B 265 0.53 -2.70 62.50
C VAL B 265 1.28 -3.22 61.27
N GLU B 266 2.58 -2.93 61.22
CA GLU B 266 3.40 -3.41 60.11
C GLU B 266 3.57 -4.92 60.16
N THR B 267 3.76 -5.48 61.35
CA THR B 267 3.93 -6.91 61.52
C THR B 267 3.23 -7.35 62.80
N CYS B 268 2.87 -8.63 62.84
CA CYS B 268 2.16 -9.16 64.01
C CYS B 268 3.16 -9.44 65.13
N PRO B 269 3.01 -8.81 66.29
CA PRO B 269 3.90 -9.09 67.41
C PRO B 269 3.59 -10.45 68.01
N PRO B 270 4.55 -11.06 68.71
CA PRO B 270 4.28 -12.35 69.33
C PRO B 270 3.29 -12.21 70.47
N PRO B 271 2.52 -13.26 70.79
CA PRO B 271 2.53 -14.55 70.10
C PRO B 271 1.48 -14.66 68.99
N TYR B 272 1.35 -13.62 68.18
CA TYR B 272 0.36 -13.58 67.12
C TYR B 272 1.01 -13.93 65.78
N TYR B 273 0.26 -14.63 64.94
CA TYR B 273 0.74 -15.07 63.63
C TYR B 273 -0.09 -14.44 62.53
N HIS B 274 0.55 -14.23 61.38
CA HIS B 274 -0.12 -13.66 60.22
C HIS B 274 -1.17 -14.64 59.70
N PHE B 275 -2.25 -14.10 59.15
CA PHE B 275 -3.35 -14.92 58.66
C PHE B 275 -4.04 -14.20 57.52
N GLN B 276 -4.13 -14.87 56.37
CA GLN B 276 -4.81 -14.36 55.17
C GLN B 276 -4.22 -13.04 54.69
N ASP B 277 -2.99 -12.73 55.09
CA ASP B 277 -2.23 -11.56 54.66
C ASP B 277 -2.91 -10.24 55.01
N TRP B 278 -3.90 -10.25 55.89
CA TRP B 278 -4.57 -9.01 56.27
C TRP B 278 -4.84 -8.85 57.76
N ARG B 279 -4.67 -9.88 58.58
CA ARG B 279 -4.93 -9.75 60.01
C ARG B 279 -4.05 -10.70 60.78
N CYS B 280 -3.93 -10.43 62.09
CA CYS B 280 -3.10 -11.21 62.99
C CYS B 280 -3.99 -12.01 63.93
N VAL B 281 -3.65 -13.29 64.11
CA VAL B 281 -4.39 -14.18 64.99
C VAL B 281 -3.42 -14.92 65.90
N ASN B 282 -3.94 -15.42 67.00
CA ASN B 282 -3.15 -16.18 67.95
C ASN B 282 -3.07 -17.65 67.52
N PHE B 283 -2.28 -18.44 68.25
CA PHE B 283 -2.15 -19.85 67.93
C PHE B 283 -3.47 -20.60 68.13
N SER B 284 -4.28 -20.16 69.09
CA SER B 284 -5.54 -20.85 69.37
C SER B 284 -6.48 -20.83 68.18
N PHE B 285 -6.58 -19.67 67.51
CA PHE B 285 -7.51 -19.56 66.38
C PHE B 285 -7.07 -20.43 65.21
N CYS B 286 -5.77 -20.42 64.89
CA CYS B 286 -5.28 -21.26 63.80
C CYS B 286 -5.39 -22.74 64.16
N GLN B 287 -5.19 -23.10 65.43
CA GLN B 287 -5.38 -24.48 65.85
C GLN B 287 -6.85 -24.89 65.72
N ASP B 288 -7.77 -24.01 66.10
CA ASP B 288 -9.19 -24.31 65.96
C ASP B 288 -9.58 -24.48 64.49
N LEU B 289 -9.03 -23.64 63.62
CA LEU B 289 -9.26 -23.81 62.18
C LEU B 289 -8.70 -25.13 61.70
N HIS B 290 -7.51 -25.51 62.19
CA HIS B 290 -6.91 -26.78 61.81
C HIS B 290 -7.74 -27.95 62.31
N PHE B 291 -8.20 -27.89 63.57
CA PHE B 291 -9.00 -28.97 64.14
C PHE B 291 -10.39 -29.02 63.55
N LYS B 292 -10.97 -27.88 63.16
CA LYS B 292 -12.28 -27.89 62.51
C LYS B 292 -12.23 -28.59 61.16
N CYS B 293 -11.05 -28.70 60.55
CA CYS B 293 -10.88 -29.41 59.28
C CYS B 293 -10.50 -30.87 59.50
N ARG B 294 -9.64 -31.15 60.49
CA ARG B 294 -9.22 -32.52 60.74
C ARG B 294 -10.39 -33.39 61.20
N ASN B 295 -11.24 -32.86 62.07
CA ASN B 295 -12.36 -33.59 62.63
C ASN B 295 -13.65 -33.37 61.85
N SER B 296 -13.54 -33.09 60.55
CA SER B 296 -14.69 -32.86 59.69
C SER B 296 -14.26 -33.13 58.24
N ARG B 297 -15.07 -32.67 57.30
CA ARG B 297 -14.75 -32.82 55.88
C ARG B 297 -13.38 -32.24 55.56
N CYS B 301 -10.65 -27.91 52.09
CA CYS B 301 -10.79 -27.89 53.55
C CYS B 301 -9.72 -26.98 54.18
N HIS B 302 -8.54 -26.97 53.57
CA HIS B 302 -7.44 -26.08 53.96
C HIS B 302 -7.04 -26.31 55.41
N GLN B 303 -6.49 -27.50 55.65
CA GLN B 303 -6.02 -27.90 56.97
C GLN B 303 -4.81 -27.05 57.34
N TYR B 304 -5.04 -26.02 58.16
CA TYR B 304 -4.05 -24.98 58.39
C TYR B 304 -2.85 -25.51 59.19
N VAL B 305 -1.71 -24.87 58.96
CA VAL B 305 -0.48 -25.15 59.67
C VAL B 305 0.18 -23.82 60.04
N ILE B 306 1.36 -23.90 60.65
CA ILE B 306 2.13 -22.73 61.06
C ILE B 306 3.51 -22.81 60.43
N HIS B 307 3.94 -21.72 59.82
CA HIS B 307 5.27 -21.65 59.22
C HIS B 307 5.67 -20.19 59.06
N ASN B 308 6.90 -19.87 59.47
CA ASN B 308 7.47 -18.52 59.32
C ASN B 308 6.56 -17.46 59.95
N ASN B 309 6.07 -17.75 61.15
CA ASN B 309 5.20 -16.85 61.91
C ASN B 309 3.96 -16.50 61.08
N LYS B 310 3.40 -17.50 60.42
CA LYS B 310 2.20 -17.34 59.60
C LYS B 310 1.33 -18.58 59.74
N CYS B 311 0.02 -18.39 59.65
CA CYS B 311 -0.95 -19.48 59.66
C CYS B 311 -1.38 -19.70 58.22
N ILE B 312 -0.59 -20.49 57.50
CA ILE B 312 -0.80 -20.71 56.07
C ILE B 312 -1.65 -21.95 55.85
N PRO B 313 -2.39 -22.05 54.73
CA PRO B 313 -3.24 -23.23 54.50
C PRO B 313 -2.45 -24.53 54.40
N GLU B 314 -1.48 -24.58 53.49
CA GLU B 314 -0.71 -25.79 53.25
C GLU B 314 0.77 -25.47 53.38
N CYS B 315 1.49 -26.33 54.08
CA CYS B 315 2.91 -26.11 54.31
C CYS B 315 3.70 -26.32 53.01
N PRO B 316 4.69 -25.45 52.74
CA PRO B 316 5.43 -25.56 51.47
C PRO B 316 6.40 -26.73 51.42
N SER B 317 7.18 -26.79 50.33
CA SER B 317 8.08 -27.92 50.11
C SER B 317 9.18 -27.96 51.16
N GLY B 318 9.58 -29.18 51.53
CA GLY B 318 10.68 -29.38 52.45
C GLY B 318 10.33 -29.31 53.92
N TYR B 319 9.05 -29.24 54.27
CA TYR B 319 8.62 -29.17 55.65
C TYR B 319 7.44 -30.11 55.86
N THR B 320 7.24 -30.52 57.11
CA THR B 320 6.16 -31.44 57.45
C THR B 320 5.56 -31.03 58.80
N MET B 321 4.24 -31.07 58.88
CA MET B 321 3.53 -30.78 60.11
C MET B 321 3.80 -31.86 61.15
N ASN B 322 3.95 -31.43 62.40
CA ASN B 322 4.17 -32.33 63.53
C ASN B 322 2.84 -32.71 64.15
N SER B 323 2.91 -33.48 65.25
CA SER B 323 1.71 -33.99 65.90
C SER B 323 1.13 -33.01 66.90
N SER B 324 1.91 -32.64 67.92
CA SER B 324 1.41 -31.74 68.95
C SER B 324 1.34 -30.30 68.45
N ASN B 325 2.48 -29.73 68.08
CA ASN B 325 2.53 -28.38 67.56
C ASN B 325 2.31 -28.38 66.05
N LEU B 326 1.90 -27.22 65.53
CA LEU B 326 1.58 -27.07 64.12
C LEU B 326 2.71 -26.41 63.33
N MET B 327 3.79 -26.02 63.99
CA MET B 327 4.90 -25.38 63.29
C MET B 327 5.59 -26.37 62.37
N CYS B 328 5.95 -25.91 61.17
CA CYS B 328 6.55 -26.75 60.14
C CYS B 328 8.04 -26.91 60.42
N THR B 329 8.45 -28.08 60.88
CA THR B 329 9.86 -28.38 60.99
C THR B 329 10.41 -28.78 59.62
N PRO B 330 11.64 -28.38 59.30
CA PRO B 330 12.26 -28.83 58.05
C PRO B 330 12.44 -30.34 58.04
N CYS B 331 12.22 -30.94 56.88
CA CYS B 331 12.30 -32.38 56.74
C CYS B 331 13.75 -32.83 56.57
N LEU B 332 14.03 -34.07 56.98
CA LEU B 332 15.37 -34.65 56.81
C LEU B 332 15.38 -35.38 55.48
N GLY B 333 15.01 -34.68 54.42
CA GLY B 333 14.94 -35.24 53.09
C GLY B 333 14.23 -34.31 52.13
N PRO B 334 14.58 -34.39 50.84
CA PRO B 334 14.01 -33.47 49.83
C PRO B 334 12.64 -33.92 49.32
N CYS B 335 11.60 -33.58 50.08
CA CYS B 335 10.24 -33.89 49.68
C CYS B 335 9.62 -32.67 49.00
N PRO B 336 9.31 -32.74 47.71
CA PRO B 336 8.71 -31.60 47.03
C PRO B 336 7.20 -31.52 47.27
N LYS B 337 6.62 -30.41 46.83
CA LYS B 337 5.17 -30.21 46.86
C LYS B 337 4.61 -30.66 45.52
N VAL B 338 4.10 -31.89 45.49
CA VAL B 338 3.40 -32.38 44.31
C VAL B 338 2.00 -31.78 44.30
N CYS B 339 1.52 -31.42 43.11
CA CYS B 339 0.22 -30.78 42.94
C CYS B 339 -0.55 -31.60 41.91
N GLN B 340 -1.41 -32.49 42.39
CA GLN B 340 -2.14 -33.41 41.52
C GLN B 340 -3.19 -32.63 40.74
N ILE B 341 -2.96 -32.50 39.42
CA ILE B 341 -3.92 -31.81 38.57
C ILE B 341 -5.04 -32.77 38.17
N LEU B 342 -6.28 -32.34 38.39
CA LEU B 342 -7.43 -33.15 38.02
C LEU B 342 -7.47 -33.33 36.50
N GLU B 343 -7.76 -34.55 36.07
CA GLU B 343 -7.79 -34.95 34.67
C GLU B 343 -6.43 -34.84 33.99
N GLY B 344 -5.37 -34.56 34.75
CA GLY B 344 -4.02 -34.52 34.21
C GLY B 344 -3.78 -33.44 33.18
N GLU B 345 -4.65 -32.43 33.10
CA GLU B 345 -4.49 -31.34 32.16
C GLU B 345 -5.06 -30.07 32.78
N LYS B 346 -4.21 -29.05 32.91
CA LYS B 346 -4.63 -27.77 33.45
C LYS B 346 -4.34 -26.68 32.43
N THR B 347 -5.31 -25.80 32.23
CA THR B 347 -5.17 -24.68 31.30
C THR B 347 -4.94 -23.40 32.10
N ILE B 348 -3.85 -22.72 31.82
CA ILE B 348 -3.52 -21.45 32.47
C ILE B 348 -3.89 -20.34 31.51
N ASP B 349 -4.89 -19.54 31.89
CA ASP B 349 -5.39 -18.48 31.05
C ASP B 349 -5.57 -17.15 31.77
N SER B 350 -5.24 -17.08 33.06
CA SER B 350 -5.42 -15.87 33.84
C SER B 350 -4.60 -15.99 35.11
N VAL B 351 -4.57 -14.90 35.88
CA VAL B 351 -3.81 -14.88 37.13
C VAL B 351 -4.42 -15.84 38.14
N THR B 352 -5.76 -15.93 38.17
CA THR B 352 -6.42 -16.81 39.13
C THR B 352 -6.15 -18.28 38.83
N SER B 353 -6.01 -18.65 37.55
CA SER B 353 -5.71 -20.04 37.21
C SER B 353 -4.28 -20.39 37.58
N ALA B 354 -3.34 -19.46 37.39
CA ALA B 354 -1.96 -19.70 37.76
C ALA B 354 -1.78 -19.71 39.27
N GLN B 355 -2.59 -18.91 39.99
CA GLN B 355 -2.43 -18.81 41.44
C GLN B 355 -2.76 -20.12 42.14
N GLU B 356 -3.58 -20.96 41.53
CA GLU B 356 -3.86 -22.28 42.09
C GLU B 356 -2.64 -23.18 42.10
N LEU B 357 -1.59 -22.84 41.37
CA LEU B 357 -0.34 -23.57 41.38
C LEU B 357 0.73 -22.87 42.21
N ARG B 358 0.34 -21.89 43.02
CA ARG B 358 1.31 -21.16 43.83
C ARG B 358 1.96 -22.09 44.85
N GLY B 359 3.28 -22.02 44.95
CA GLY B 359 4.03 -22.86 45.86
C GLY B 359 4.33 -24.25 45.36
N CYS B 360 3.80 -24.64 44.21
CA CYS B 360 4.09 -25.96 43.66
C CYS B 360 5.54 -26.05 43.22
N THR B 361 6.10 -27.25 43.34
CA THR B 361 7.45 -27.54 42.87
C THR B 361 7.48 -28.66 41.85
N VAL B 362 6.66 -29.68 42.01
CA VAL B 362 6.53 -30.77 41.04
C VAL B 362 5.05 -30.85 40.64
N ILE B 363 4.78 -30.82 39.35
CA ILE B 363 3.43 -30.86 38.83
C ILE B 363 3.17 -32.26 38.29
N ASN B 364 2.16 -32.93 38.85
CA ASN B 364 1.78 -34.27 38.42
C ASN B 364 0.72 -34.22 37.33
N GLY B 365 1.00 -33.48 36.27
CA GLY B 365 0.06 -33.33 35.19
C GLY B 365 0.67 -32.58 34.02
N SER B 366 -0.19 -32.03 33.19
CA SER B 366 0.23 -31.31 31.99
C SER B 366 -0.28 -29.87 32.06
N LEU B 367 0.57 -28.93 31.66
CA LEU B 367 0.23 -27.53 31.65
C LEU B 367 -0.06 -27.06 30.23
N ILE B 368 -1.17 -26.33 30.07
CA ILE B 368 -1.51 -25.68 28.82
C ILE B 368 -1.55 -24.19 29.10
N ILE B 369 -0.62 -23.46 28.50
CA ILE B 369 -0.49 -22.02 28.71
C ILE B 369 -1.16 -21.32 27.53
N ASN B 370 -2.32 -20.71 27.79
CA ASN B 370 -3.10 -20.03 26.76
C ASN B 370 -3.67 -18.75 27.38
N ILE B 371 -2.92 -17.66 27.27
CA ILE B 371 -3.36 -16.34 27.74
C ILE B 371 -3.84 -15.60 26.49
N ARG B 372 -5.13 -15.70 26.21
CA ARG B 372 -5.73 -14.86 25.19
C ARG B 372 -5.86 -13.45 25.74
N GLY B 373 -4.84 -12.62 25.54
CA GLY B 373 -4.73 -11.38 26.27
C GLY B 373 -4.42 -10.15 25.43
N GLY B 374 -3.30 -9.51 25.74
CA GLY B 374 -2.94 -8.24 25.16
C GLY B 374 -2.22 -7.39 26.18
N ASN B 375 -2.21 -7.86 27.42
CA ASN B 375 -1.47 -7.26 28.51
C ASN B 375 -0.49 -8.27 29.07
N ASN B 376 0.72 -7.81 29.36
CA ASN B 376 1.80 -8.69 29.81
C ASN B 376 1.53 -9.12 31.24
N LEU B 377 1.28 -10.42 31.43
CA LEU B 377 1.01 -10.98 32.75
C LEU B 377 2.23 -11.66 33.36
N ALA B 378 3.41 -11.49 32.77
CA ALA B 378 4.60 -12.18 33.26
C ALA B 378 4.93 -11.80 34.69
N ALA B 379 4.60 -10.57 35.10
CA ALA B 379 4.89 -10.15 36.47
C ALA B 379 4.15 -11.01 37.48
N GLU B 380 2.84 -11.19 37.29
CA GLU B 380 2.06 -12.04 38.18
C GLU B 380 2.15 -13.51 37.83
N LEU B 381 2.67 -13.86 36.64
CA LEU B 381 2.88 -15.25 36.29
C LEU B 381 4.14 -15.83 36.92
N GLU B 382 5.19 -15.02 37.05
CA GLU B 382 6.42 -15.49 37.66
C GLU B 382 6.26 -15.66 39.17
N ALA B 383 5.32 -14.94 39.77
CA ALA B 383 5.10 -15.08 41.21
C ALA B 383 4.40 -16.39 41.54
N ASN B 384 3.41 -16.77 40.74
CA ASN B 384 2.67 -18.01 40.97
C ASN B 384 3.39 -19.22 40.37
N LEU B 385 3.75 -19.13 39.09
CA LEU B 385 4.59 -20.14 38.47
C LEU B 385 6.05 -19.84 38.81
N GLY B 386 6.98 -20.52 38.13
CA GLY B 386 8.39 -20.28 38.35
C GLY B 386 8.98 -20.92 39.58
N LEU B 387 8.16 -21.51 40.44
CA LEU B 387 8.63 -22.28 41.57
C LEU B 387 8.58 -23.78 41.32
N ILE B 388 8.14 -24.19 40.13
CA ILE B 388 8.02 -25.60 39.76
C ILE B 388 9.29 -26.03 39.04
N GLU B 389 9.72 -27.27 39.31
CA GLU B 389 10.90 -27.83 38.67
C GLU B 389 10.54 -28.90 37.65
N GLU B 390 9.66 -29.83 38.00
CA GLU B 390 9.31 -30.94 37.14
C GLU B 390 7.88 -30.82 36.64
N ILE B 391 7.65 -31.30 35.42
CA ILE B 391 6.32 -31.42 34.84
C ILE B 391 6.17 -32.87 34.38
N SER B 392 5.29 -33.62 35.05
CA SER B 392 5.12 -35.03 34.72
C SER B 392 4.51 -35.24 33.35
N GLY B 393 3.80 -34.25 32.82
CA GLY B 393 3.19 -34.37 31.51
C GLY B 393 3.87 -33.52 30.46
N PHE B 394 3.09 -32.89 29.60
CA PHE B 394 3.60 -32.02 28.55
C PHE B 394 3.33 -30.56 28.90
N LEU B 395 4.12 -29.68 28.29
CA LEU B 395 3.95 -28.24 28.42
C LEU B 395 3.53 -27.69 27.07
N LYS B 396 2.37 -27.03 27.04
CA LYS B 396 1.79 -26.55 25.80
C LYS B 396 1.53 -25.06 25.92
N ILE B 397 2.01 -24.29 24.94
CA ILE B 397 1.81 -22.85 24.88
C ILE B 397 1.09 -22.57 23.56
N ARG B 398 -0.19 -22.24 23.65
CA ARG B 398 -1.04 -22.10 22.47
C ARG B 398 -1.78 -20.78 22.51
N ARG B 399 -1.67 -20.01 21.41
CA ARG B 399 -2.37 -18.73 21.26
C ARG B 399 -2.10 -17.78 22.42
N SER B 400 -0.85 -17.72 22.86
CA SER B 400 -0.44 -16.79 23.91
C SER B 400 0.03 -15.51 23.25
N TYR B 401 -0.92 -14.62 22.96
CA TYR B 401 -0.59 -13.38 22.24
C TYR B 401 0.30 -12.47 23.07
N ALA B 402 0.02 -12.35 24.36
CA ALA B 402 0.68 -11.36 25.21
C ALA B 402 2.07 -11.77 25.66
N LEU B 403 2.40 -13.07 25.65
CA LEU B 403 3.68 -13.50 26.16
C LEU B 403 4.81 -13.09 25.23
N VAL B 404 5.85 -12.49 25.80
CA VAL B 404 7.06 -12.16 25.05
C VAL B 404 8.18 -13.18 25.28
N SER B 405 8.13 -13.91 26.39
CA SER B 405 9.15 -14.92 26.67
C SER B 405 8.58 -15.91 27.67
N LEU B 406 9.18 -17.10 27.69
CA LEU B 406 8.87 -18.12 28.68
C LEU B 406 9.80 -18.05 29.90
N SER B 407 10.39 -16.88 30.16
CA SER B 407 11.35 -16.72 31.24
C SER B 407 10.70 -16.76 32.61
N PHE B 408 9.38 -16.71 32.71
CA PHE B 408 8.73 -16.77 34.02
C PHE B 408 8.88 -18.14 34.66
N PHE B 409 9.25 -19.17 33.90
CA PHE B 409 9.61 -20.48 34.46
C PHE B 409 11.03 -20.36 35.01
N ARG B 410 11.12 -19.84 36.23
CA ARG B 410 12.43 -19.60 36.83
C ARG B 410 13.18 -20.89 37.09
N LYS B 411 12.49 -21.92 37.60
CA LYS B 411 13.15 -23.14 38.04
C LYS B 411 12.71 -24.37 37.25
N LEU B 412 12.14 -24.18 36.07
CA LEU B 412 11.71 -25.32 35.26
C LEU B 412 12.93 -26.04 34.70
N HIS B 413 13.13 -27.28 35.10
CA HIS B 413 14.29 -28.07 34.70
C HIS B 413 13.92 -29.32 33.93
N LEU B 414 12.95 -30.10 34.43
CA LEU B 414 12.63 -31.40 33.88
C LEU B 414 11.21 -31.42 33.35
N ILE B 415 11.04 -31.92 32.13
CA ILE B 415 9.73 -32.20 31.56
C ILE B 415 9.70 -33.70 31.28
N ARG B 416 9.12 -34.47 32.19
CA ARG B 416 9.17 -35.93 32.08
C ARG B 416 8.44 -36.41 30.84
N GLY B 417 7.30 -35.82 30.52
CA GLY B 417 6.51 -36.27 29.39
C GLY B 417 5.94 -37.66 29.56
N GLU B 418 5.56 -38.02 30.78
CA GLU B 418 4.90 -39.31 31.00
C GLU B 418 3.50 -39.34 30.41
N THR B 419 2.93 -38.18 30.09
CA THR B 419 1.65 -38.09 29.38
C THR B 419 1.82 -37.05 28.28
N LEU B 420 1.87 -37.49 27.04
CA LEU B 420 2.21 -36.62 25.92
C LEU B 420 0.97 -36.04 25.26
N GLU B 421 1.16 -34.90 24.61
CA GLU B 421 0.13 -34.32 23.76
C GLU B 421 -0.14 -35.27 22.59
N ILE B 422 -1.39 -35.23 22.09
CA ILE B 422 -1.76 -36.08 20.97
C ILE B 422 -0.79 -35.86 19.81
N GLY B 423 -0.32 -36.95 19.22
CA GLY B 423 0.77 -36.89 18.29
C GLY B 423 2.14 -37.09 18.91
N ASN B 424 2.20 -37.51 20.18
CA ASN B 424 3.45 -37.77 20.89
C ASN B 424 4.33 -36.51 20.96
N TYR B 425 3.79 -35.49 21.60
CA TYR B 425 4.47 -34.22 21.78
C TYR B 425 4.58 -33.89 23.27
N SER B 426 5.73 -33.34 23.67
CA SER B 426 5.95 -32.94 25.04
C SER B 426 6.16 -31.44 25.22
N PHE B 427 6.26 -30.68 24.12
CA PHE B 427 6.43 -29.24 24.19
C PHE B 427 5.74 -28.66 22.95
N TYR B 428 4.52 -28.16 23.12
CA TYR B 428 3.64 -27.77 22.02
C TYR B 428 3.49 -26.26 22.03
N ALA B 429 4.27 -25.58 21.19
CA ALA B 429 4.16 -24.13 21.02
C ALA B 429 3.48 -23.84 19.69
N LEU B 430 2.42 -23.04 19.73
CA LEU B 430 1.61 -22.80 18.54
C LEU B 430 0.97 -21.42 18.61
N ASP B 431 1.05 -20.69 17.51
CA ASP B 431 0.31 -19.43 17.32
C ASP B 431 0.59 -18.42 18.42
N ASN B 432 1.86 -18.27 18.77
CA ASN B 432 2.30 -17.26 19.74
C ASN B 432 2.80 -16.05 18.96
N GLN B 433 2.01 -14.98 18.95
CA GLN B 433 2.27 -13.84 18.08
C GLN B 433 3.41 -12.95 18.58
N ASN B 434 3.87 -13.11 19.82
CA ASN B 434 4.90 -12.24 20.37
C ASN B 434 5.98 -13.01 21.11
N LEU B 435 6.01 -14.34 20.99
CA LEU B 435 7.03 -15.13 21.66
C LEU B 435 8.37 -14.94 20.95
N ARG B 436 9.33 -14.36 21.65
CA ARG B 436 10.66 -14.10 21.10
C ARG B 436 11.75 -14.96 21.71
N GLN B 437 11.71 -15.19 23.02
CA GLN B 437 12.75 -15.93 23.72
C GLN B 437 12.11 -17.07 24.50
N LEU B 438 12.68 -18.27 24.37
CA LEU B 438 12.22 -19.40 25.17
C LEU B 438 12.86 -19.37 26.56
N TRP B 439 14.18 -19.35 26.61
CA TRP B 439 14.89 -19.28 27.88
C TRP B 439 16.25 -18.66 27.65
N ASP B 440 16.89 -18.24 28.74
CA ASP B 440 18.26 -17.74 28.70
C ASP B 440 19.19 -18.94 28.86
N TRP B 441 19.63 -19.49 27.72
CA TRP B 441 20.36 -20.75 27.71
C TRP B 441 21.77 -20.63 28.28
N SER B 442 22.25 -19.41 28.56
CA SER B 442 23.55 -19.25 29.19
C SER B 442 23.57 -19.88 30.57
N LYS B 443 22.48 -19.75 31.33
CA LYS B 443 22.42 -20.24 32.70
C LYS B 443 21.28 -21.21 32.96
N HIS B 444 20.31 -21.34 32.06
CA HIS B 444 19.13 -22.17 32.29
C HIS B 444 19.35 -23.58 31.76
N ASN B 445 19.05 -24.57 32.59
CA ASN B 445 19.12 -25.97 32.21
C ASN B 445 17.72 -26.51 31.93
N LEU B 446 17.64 -27.39 30.94
CA LEU B 446 16.37 -28.01 30.57
C LEU B 446 16.65 -29.43 30.09
N THR B 447 15.76 -30.36 30.46
CA THR B 447 15.93 -31.77 30.12
C THR B 447 14.56 -32.37 29.85
N ILE B 448 14.28 -32.67 28.59
CA ILE B 448 13.03 -33.32 28.19
C ILE B 448 13.29 -34.81 28.09
N THR B 449 12.56 -35.60 28.89
CA THR B 449 12.80 -37.04 28.93
C THR B 449 12.22 -37.74 27.72
N GLN B 450 10.94 -37.54 27.45
CA GLN B 450 10.25 -38.20 26.35
C GLN B 450 9.45 -37.18 25.55
N GLY B 451 9.00 -37.62 24.38
CA GLY B 451 8.13 -36.79 23.54
C GLY B 451 8.90 -35.96 22.55
N LYS B 452 8.25 -35.69 21.42
CA LYS B 452 8.83 -34.91 20.34
C LYS B 452 8.49 -33.43 20.50
N LEU B 453 9.17 -32.60 19.71
CA LEU B 453 8.96 -31.17 19.77
C LEU B 453 7.95 -30.72 18.72
N PHE B 454 7.44 -29.50 18.90
CA PHE B 454 6.47 -28.93 17.98
C PHE B 454 6.57 -27.40 18.07
N PHE B 455 6.77 -26.77 16.92
CA PHE B 455 6.84 -25.30 16.85
C PHE B 455 6.20 -24.87 15.53
N HIS B 456 5.11 -24.12 15.61
CA HIS B 456 4.40 -23.70 14.42
C HIS B 456 3.81 -22.31 14.64
N TYR B 457 3.94 -21.46 13.63
CA TYR B 457 3.31 -20.14 13.60
C TYR B 457 3.73 -19.28 14.80
N ASN B 458 5.03 -19.25 15.05
CA ASN B 458 5.62 -18.32 16.01
C ASN B 458 6.37 -17.26 15.23
N PRO B 459 5.69 -16.20 14.78
CA PRO B 459 6.31 -15.24 13.84
C PRO B 459 7.52 -14.52 14.41
N LYS B 460 7.68 -14.44 15.73
CA LYS B 460 8.79 -13.71 16.33
C LYS B 460 9.74 -14.63 17.10
N LEU B 461 9.57 -15.94 17.00
CA LEU B 461 10.48 -16.90 17.59
C LEU B 461 11.30 -17.52 16.46
N CYS B 462 12.61 -17.34 16.51
CA CYS B 462 13.48 -17.74 15.43
C CYS B 462 14.03 -19.15 15.66
N LEU B 463 14.52 -19.76 14.57
CA LEU B 463 15.01 -21.13 14.62
C LEU B 463 16.25 -21.28 15.47
N SER B 464 17.00 -20.20 15.71
CA SER B 464 18.20 -20.31 16.53
C SER B 464 17.87 -20.74 17.95
N GLU B 465 16.84 -20.11 18.54
CA GLU B 465 16.42 -20.49 19.89
C GLU B 465 15.91 -21.92 19.91
N ILE B 466 15.16 -22.33 18.89
CA ILE B 466 14.62 -23.67 18.84
C ILE B 466 15.75 -24.70 18.80
N HIS B 467 16.75 -24.46 17.96
CA HIS B 467 17.86 -25.40 17.84
C HIS B 467 18.73 -25.41 19.09
N LYS B 468 18.92 -24.24 19.71
CA LYS B 468 19.66 -24.20 20.98
C LYS B 468 18.93 -25.01 22.05
N MET B 469 17.61 -24.89 22.11
CA MET B 469 16.85 -25.65 23.09
C MET B 469 16.86 -27.14 22.76
N GLU B 470 16.86 -27.49 21.47
CA GLU B 470 17.02 -28.89 21.10
C GLU B 470 18.34 -29.45 21.58
N GLU B 471 19.43 -28.69 21.40
CA GLU B 471 20.73 -29.15 21.85
C GLU B 471 20.80 -29.25 23.37
N VAL B 472 20.24 -28.27 24.08
CA VAL B 472 20.33 -28.27 25.53
C VAL B 472 19.48 -29.38 26.14
N SER B 473 18.26 -29.55 25.64
CA SER B 473 17.34 -30.53 26.24
C SER B 473 17.82 -31.96 26.01
N GLY B 474 18.53 -32.20 24.92
CA GLY B 474 18.98 -33.53 24.59
C GLY B 474 18.07 -34.29 23.64
N THR B 475 17.13 -33.63 22.99
CA THR B 475 16.20 -34.26 22.06
C THR B 475 16.53 -33.88 20.62
N LYS B 476 17.83 -33.80 20.30
CA LYS B 476 18.25 -33.44 18.95
C LYS B 476 17.78 -34.47 17.93
N GLY B 477 18.06 -35.74 18.18
CA GLY B 477 17.65 -36.80 17.28
C GLY B 477 16.33 -37.42 17.66
N ARG B 478 15.30 -36.60 17.84
CA ARG B 478 13.98 -37.08 18.23
C ARG B 478 12.83 -36.52 17.40
N GLN B 479 13.01 -35.39 16.71
CA GLN B 479 11.94 -34.77 15.95
C GLN B 479 11.98 -35.23 14.49
N GLU B 480 10.79 -35.33 13.90
CA GLU B 480 10.61 -35.74 12.52
C GLU B 480 10.15 -34.52 11.71
N ARG B 481 10.23 -34.64 10.39
CA ARG B 481 10.02 -33.49 9.51
C ARG B 481 8.60 -32.92 9.69
N ASN B 482 8.50 -31.60 9.56
CA ASN B 482 7.30 -30.79 9.71
C ASN B 482 6.83 -30.66 11.15
N ASP B 483 7.59 -31.18 12.11
CA ASP B 483 7.30 -30.91 13.52
C ASP B 483 7.73 -29.51 13.92
N ILE B 484 8.84 -29.04 13.39
CA ILE B 484 9.32 -27.67 13.57
C ILE B 484 9.19 -26.97 12.21
N ALA B 485 8.29 -26.02 12.11
CA ALA B 485 8.04 -25.36 10.84
C ALA B 485 9.18 -24.40 10.48
N LEU B 486 9.21 -24.01 9.22
CA LEU B 486 10.26 -23.14 8.70
C LEU B 486 9.73 -21.84 8.11
N LYS B 487 8.60 -21.88 7.42
CA LYS B 487 8.01 -20.67 6.85
C LYS B 487 7.13 -19.90 7.83
N THR B 488 6.98 -20.39 9.06
CA THR B 488 6.16 -19.72 10.05
C THR B 488 6.90 -19.34 11.31
N ASN B 489 7.99 -20.03 11.66
CA ASN B 489 8.76 -19.73 12.86
C ASN B 489 9.76 -18.64 12.54
N GLY B 490 9.57 -17.45 13.12
CA GLY B 490 10.51 -16.36 12.93
C GLY B 490 10.41 -15.65 11.61
N ASP B 491 9.31 -15.83 10.87
CA ASP B 491 9.17 -15.16 9.58
C ASP B 491 9.00 -13.64 9.70
N GLN B 492 8.68 -13.14 10.90
CA GLN B 492 8.56 -11.70 11.14
C GLN B 492 9.68 -11.18 12.02
N ALA B 493 10.73 -11.96 12.25
CA ALA B 493 11.85 -11.55 13.09
C ALA B 493 13.14 -11.64 12.28
N SER B 494 14.00 -10.63 12.47
CA SER B 494 15.26 -10.55 11.74
C SER B 494 16.33 -11.29 12.55
N CYS B 495 16.63 -12.52 12.13
CA CYS B 495 17.65 -13.36 12.75
C CYS B 495 18.54 -13.98 11.70
N GLU B 496 19.01 -13.15 10.77
CA GLU B 496 19.87 -13.63 9.68
C GLU B 496 21.24 -14.08 10.17
N ASN B 497 21.58 -13.79 11.42
CA ASN B 497 22.74 -14.27 12.19
C ASN B 497 24.02 -14.33 11.34
N GLU B 498 24.16 -13.41 10.39
CA GLU B 498 25.39 -13.23 9.63
C GLU B 498 25.49 -11.76 9.27
N LEU B 499 26.68 -11.20 9.46
CA LEU B 499 26.88 -9.76 9.36
C LEU B 499 27.36 -9.37 7.97
N LEU B 500 26.68 -8.40 7.37
CA LEU B 500 27.13 -7.74 6.16
C LEU B 500 27.83 -6.45 6.54
N LYS B 501 29.06 -6.26 6.06
CA LYS B 501 29.87 -5.11 6.42
C LYS B 501 29.94 -4.17 5.22
N PHE B 502 29.49 -2.93 5.42
CA PHE B 502 29.64 -1.91 4.40
C PHE B 502 31.13 -1.61 4.18
N SER B 503 31.52 -1.44 2.93
CA SER B 503 32.92 -1.31 2.58
C SER B 503 33.31 0.05 2.02
N PHE B 504 32.37 0.80 1.45
CA PHE B 504 32.72 2.06 0.79
C PHE B 504 31.48 2.96 0.81
N ILE B 505 31.49 3.95 1.69
CA ILE B 505 30.38 4.88 1.86
C ILE B 505 30.90 6.30 1.68
N ARG B 506 30.24 7.08 0.82
CA ARG B 506 30.55 8.49 0.68
C ARG B 506 29.32 9.21 0.15
N THR B 507 29.18 10.48 0.52
CA THR B 507 27.93 11.22 0.35
C THR B 507 28.17 12.45 -0.51
N SER B 508 27.10 12.94 -1.13
CA SER B 508 27.16 14.10 -2.01
C SER B 508 25.94 14.97 -1.75
N PHE B 509 25.65 15.87 -2.69
CA PHE B 509 24.52 16.80 -2.58
C PHE B 509 23.23 16.09 -2.20
N ASP B 510 22.74 15.21 -3.08
CA ASP B 510 21.49 14.49 -2.85
C ASP B 510 21.62 13.00 -3.13
N LYS B 511 22.83 12.46 -3.13
CA LYS B 511 23.06 11.05 -3.39
C LYS B 511 23.95 10.47 -2.30
N ILE B 512 23.74 9.20 -1.99
CA ILE B 512 24.58 8.46 -1.07
C ILE B 512 25.05 7.20 -1.79
N LEU B 513 26.35 6.96 -1.78
CA LEU B 513 26.92 5.80 -2.44
C LEU B 513 27.18 4.73 -1.39
N LEU B 514 26.67 3.52 -1.64
CA LEU B 514 26.75 2.42 -0.70
C LEU B 514 27.49 1.26 -1.35
N ARG B 515 28.35 0.62 -0.56
CA ARG B 515 29.08 -0.56 -1.02
C ARG B 515 29.29 -1.49 0.17
N TRP B 516 28.80 -2.72 0.07
CA TRP B 516 28.99 -3.74 1.08
C TRP B 516 29.75 -4.91 0.48
N GLU B 517 30.44 -5.66 1.33
CA GLU B 517 31.21 -6.79 0.86
C GLU B 517 30.27 -7.83 0.23
N PRO B 518 30.66 -8.45 -0.87
CA PRO B 518 29.78 -9.43 -1.52
C PRO B 518 29.51 -10.62 -0.61
N TYR B 519 28.29 -11.13 -0.68
CA TYR B 519 27.87 -12.29 0.08
C TYR B 519 27.43 -13.39 -0.87
N TRP B 520 27.82 -14.62 -0.58
CA TRP B 520 27.44 -15.75 -1.40
C TRP B 520 27.11 -16.97 -0.56
N PRO B 521 25.88 -17.49 -0.65
CA PRO B 521 25.57 -18.79 -0.06
C PRO B 521 26.36 -19.89 -0.76
N PRO B 522 26.43 -21.08 -0.18
CA PRO B 522 27.16 -22.17 -0.87
C PRO B 522 26.65 -22.43 -2.28
N ASP B 523 25.33 -22.34 -2.48
CA ASP B 523 24.74 -22.28 -3.82
C ASP B 523 24.59 -20.82 -4.17
N PHE B 524 25.58 -20.27 -4.89
CA PHE B 524 25.57 -18.84 -5.19
C PHE B 524 24.38 -18.43 -6.06
N ARG B 525 23.74 -19.39 -6.72
CA ARG B 525 22.54 -19.11 -7.49
C ARG B 525 21.32 -18.87 -6.61
N ASP B 526 21.37 -19.30 -5.35
CA ASP B 526 20.27 -19.05 -4.42
C ASP B 526 20.14 -17.57 -4.09
N LEU B 527 21.20 -16.78 -4.26
CA LEU B 527 21.16 -15.34 -3.99
C LEU B 527 20.43 -14.67 -5.15
N LEU B 528 19.18 -14.29 -4.92
CA LEU B 528 18.40 -13.61 -5.94
C LEU B 528 18.62 -12.10 -5.94
N GLY B 529 19.38 -11.58 -4.98
CA GLY B 529 19.65 -10.16 -4.92
C GLY B 529 19.56 -9.60 -3.52
N PHE B 530 19.95 -8.34 -3.35
CA PHE B 530 19.89 -7.67 -2.07
C PHE B 530 18.68 -6.74 -2.01
N MET B 531 18.31 -6.37 -0.79
CA MET B 531 17.20 -5.45 -0.55
C MET B 531 17.68 -4.35 0.37
N LEU B 532 17.52 -3.10 -0.06
CA LEU B 532 18.00 -1.95 0.70
C LEU B 532 16.83 -1.26 1.38
N PHE B 533 16.94 -1.07 2.69
CA PHE B 533 15.95 -0.35 3.48
C PHE B 533 16.55 0.96 3.96
N TYR B 534 15.88 2.07 3.67
CA TYR B 534 16.36 3.37 4.10
C TYR B 534 15.19 4.20 4.62
N LYS B 535 15.50 5.12 5.53
CA LYS B 535 14.51 5.97 6.18
C LYS B 535 15.23 7.08 6.91
N GLU B 536 14.74 8.30 6.78
CA GLU B 536 15.33 9.44 7.46
C GLU B 536 15.09 9.36 8.96
N ALA B 537 16.12 9.70 9.73
CA ALA B 537 16.04 9.61 11.19
C ALA B 537 16.71 10.83 11.82
N PRO B 538 15.95 11.70 12.49
CA PRO B 538 16.58 12.86 13.15
C PRO B 538 17.56 12.47 14.24
N TYR B 539 17.33 11.36 14.93
CA TYR B 539 18.15 10.93 16.05
C TYR B 539 18.64 9.50 15.83
N GLN B 540 19.54 9.06 16.71
CA GLN B 540 20.34 7.87 16.43
C GLN B 540 19.54 6.59 16.59
N ASN B 541 19.07 6.30 17.80
CA ASN B 541 18.47 4.99 18.09
C ASN B 541 17.15 4.85 17.33
N VAL B 542 17.13 3.95 16.34
CA VAL B 542 15.97 3.68 15.51
C VAL B 542 15.63 2.20 15.60
N THR B 543 14.35 1.89 15.45
CA THR B 543 13.89 0.51 15.48
C THR B 543 14.49 -0.29 14.31
N GLU B 544 14.25 -1.59 14.32
CA GLU B 544 14.84 -2.51 13.35
C GLU B 544 13.73 -3.14 12.52
N PHE B 545 14.10 -4.11 11.69
CA PHE B 545 13.19 -4.82 10.81
C PHE B 545 12.44 -3.86 9.88
N SER B 555 6.93 3.03 6.63
CA SER B 555 8.21 3.57 6.17
C SER B 555 9.06 2.46 5.57
N TRP B 556 10.39 2.60 5.73
CA TRP B 556 11.36 1.62 5.25
C TRP B 556 11.22 1.40 3.74
N THR B 557 11.48 2.47 2.99
CA THR B 557 11.43 2.40 1.54
C THR B 557 12.40 1.34 1.02
N VAL B 558 11.92 0.52 0.09
CA VAL B 558 12.64 -0.65 -0.38
C VAL B 558 13.01 -0.48 -1.84
N VAL B 559 14.22 -0.91 -2.19
CA VAL B 559 14.68 -0.99 -3.56
C VAL B 559 15.40 -2.31 -3.74
N ASP B 560 15.14 -2.98 -4.87
CA ASP B 560 15.71 -4.29 -5.16
C ASP B 560 17.04 -4.12 -5.88
N ILE B 561 18.07 -4.85 -5.42
CA ILE B 561 19.41 -4.75 -5.97
C ILE B 561 19.83 -6.14 -6.43
N ASP B 562 20.27 -6.23 -7.68
CA ASP B 562 20.66 -7.51 -8.26
C ASP B 562 22.00 -7.97 -7.66
N PRO B 563 22.28 -9.27 -7.67
CA PRO B 563 23.59 -9.74 -7.25
C PRO B 563 24.65 -9.35 -8.26
N PRO B 564 25.90 -9.20 -7.84
CA PRO B 564 26.96 -8.86 -8.80
C PRO B 564 27.34 -10.03 -9.68
N GLN B 565 28.30 -9.82 -10.58
CA GLN B 565 28.78 -10.86 -11.49
C GLN B 565 30.14 -11.33 -11.02
N ARG B 566 30.29 -12.63 -10.83
CA ARG B 566 31.55 -13.20 -10.38
C ARG B 566 32.17 -14.09 -11.46
N SER B 576 34.26 -6.80 -7.73
CA SER B 576 33.15 -5.89 -7.93
C SER B 576 32.13 -6.01 -6.81
N HIS B 577 32.19 -5.10 -5.86
CA HIS B 577 31.24 -5.11 -4.74
C HIS B 577 29.85 -4.78 -5.25
N PRO B 578 28.79 -5.39 -4.68
CA PRO B 578 27.44 -5.17 -5.22
C PRO B 578 27.01 -3.71 -5.20
N GLY B 579 26.98 -3.11 -4.02
CA GLY B 579 26.71 -1.69 -3.89
C GLY B 579 25.38 -1.21 -4.44
N TRP B 580 25.13 0.09 -4.31
CA TRP B 580 23.94 0.75 -4.85
C TRP B 580 24.10 2.25 -4.66
N LEU B 581 23.51 3.01 -5.57
CA LEU B 581 23.55 4.47 -5.52
C LEU B 581 22.20 5.00 -5.08
N MET B 582 22.19 5.84 -4.04
CA MET B 582 20.96 6.44 -3.53
C MET B 582 20.64 7.69 -4.33
N ARG B 583 19.36 7.89 -4.64
CA ARG B 583 18.92 9.06 -5.37
C ARG B 583 17.60 9.57 -4.79
N GLY B 584 17.34 10.85 -4.99
CA GLY B 584 16.13 11.47 -4.47
C GLY B 584 16.21 11.71 -2.97
N LEU B 585 17.22 12.43 -2.52
CA LEU B 585 17.44 12.69 -1.11
C LEU B 585 17.22 14.17 -0.82
N LYS B 586 17.06 14.48 0.48
CA LYS B 586 16.95 15.86 0.90
C LYS B 586 18.20 16.28 1.66
N PRO B 587 18.76 17.44 1.34
CA PRO B 587 20.07 17.82 1.91
C PRO B 587 20.01 18.02 3.42
N TRP B 588 21.15 17.77 4.05
CA TRP B 588 21.34 17.89 5.50
C TRP B 588 20.26 17.11 6.27
N THR B 589 20.24 15.80 6.03
CA THR B 589 19.30 14.91 6.68
C THR B 589 19.98 13.58 6.93
N GLN B 590 19.77 13.03 8.12
CA GLN B 590 20.39 11.77 8.52
C GLN B 590 19.45 10.61 8.24
N TYR B 591 19.97 9.56 7.63
CA TYR B 591 19.20 8.41 7.21
C TYR B 591 19.72 7.14 7.87
N ALA B 592 18.83 6.16 8.00
CA ALA B 592 19.17 4.86 8.56
C ALA B 592 19.28 3.86 7.42
N ILE B 593 20.43 3.20 7.32
CA ILE B 593 20.74 2.32 6.19
C ILE B 593 21.11 0.94 6.72
N PHE B 594 20.52 -0.09 6.14
CA PHE B 594 20.94 -1.46 6.36
C PHE B 594 20.41 -2.33 5.23
N VAL B 595 21.15 -3.38 4.91
CA VAL B 595 20.87 -4.23 3.76
C VAL B 595 20.53 -5.63 4.25
N LYS B 596 19.44 -6.18 3.73
CA LYS B 596 18.99 -7.53 4.06
C LYS B 596 18.95 -8.36 2.78
N THR B 597 19.58 -9.53 2.81
CA THR B 597 19.69 -10.36 1.62
C THR B 597 18.36 -11.04 1.30
N LEU B 598 18.20 -11.40 0.03
CA LEU B 598 17.01 -12.11 -0.45
C LEU B 598 17.48 -13.43 -1.07
N VAL B 599 17.36 -14.50 -0.30
CA VAL B 599 17.82 -15.83 -0.73
C VAL B 599 16.60 -16.72 -0.96
N THR B 600 16.76 -17.65 -1.90
CA THR B 600 15.69 -18.61 -2.19
C THR B 600 15.47 -19.52 -1.00
N PHE B 601 14.20 -19.81 -0.70
CA PHE B 601 13.86 -20.69 0.40
C PHE B 601 14.39 -22.10 0.14
N SER B 602 14.80 -22.77 1.22
CA SER B 602 15.26 -24.15 1.17
C SER B 602 14.43 -24.97 2.16
N ASP B 603 13.72 -25.97 1.65
CA ASP B 603 12.87 -26.79 2.51
C ASP B 603 13.67 -27.80 3.32
N GLU B 604 14.81 -28.26 2.81
CA GLU B 604 15.56 -29.30 3.50
C GLU B 604 16.34 -28.75 4.69
N ARG B 605 17.27 -27.84 4.43
CA ARG B 605 18.14 -27.29 5.45
C ARG B 605 17.68 -25.89 5.85
N ARG B 606 18.50 -25.23 6.65
CA ARG B 606 18.25 -23.84 7.03
C ARG B 606 18.18 -22.98 5.77
N THR B 607 17.28 -22.00 5.79
CA THR B 607 16.95 -21.29 4.56
C THR B 607 18.15 -20.58 3.96
N TYR B 608 18.58 -19.48 4.61
CA TYR B 608 19.91 -18.87 4.74
C TYR B 608 19.72 -17.50 5.38
N GLY B 609 20.82 -16.81 5.71
CA GLY B 609 20.68 -15.50 6.30
C GLY B 609 21.90 -14.61 6.18
N ALA B 610 21.66 -13.31 5.98
CA ALA B 610 22.70 -12.30 5.95
C ALA B 610 22.04 -10.93 6.02
N LYS B 611 22.52 -10.09 6.94
CA LYS B 611 22.01 -8.72 7.03
C LYS B 611 23.07 -7.86 7.69
N SER B 612 22.90 -6.55 7.57
CA SER B 612 23.87 -5.59 8.04
C SER B 612 23.29 -4.78 9.20
N ASP B 613 24.18 -4.32 10.08
CA ASP B 613 23.77 -3.42 11.15
C ASP B 613 23.26 -2.12 10.57
N ILE B 614 22.27 -1.52 11.22
CA ILE B 614 21.68 -0.27 10.74
C ILE B 614 22.70 0.84 10.94
N ILE B 615 23.31 1.29 9.85
CA ILE B 615 24.25 2.40 9.90
C ILE B 615 23.49 3.69 9.66
N TYR B 616 24.07 4.80 10.12
CA TYR B 616 23.43 6.10 10.02
C TYR B 616 24.37 7.05 9.28
N VAL B 617 23.88 7.60 8.17
CA VAL B 617 24.64 8.53 7.35
C VAL B 617 23.82 9.79 7.16
N GLN B 618 24.45 10.95 7.31
CA GLN B 618 23.81 12.24 7.14
C GLN B 618 24.40 12.93 5.91
N THR B 619 23.52 13.36 5.01
CA THR B 619 23.97 14.03 3.80
C THR B 619 24.42 15.46 4.11
N ASP B 620 25.20 16.02 3.19
CA ASP B 620 25.87 17.28 3.41
C ASP B 620 24.89 18.46 3.32
N ALA B 621 25.38 19.62 3.74
CA ALA B 621 24.62 20.86 3.67
C ALA B 621 24.87 21.55 2.33
N THR B 622 23.97 22.47 2.00
CA THR B 622 24.05 23.19 0.73
C THR B 622 23.39 24.55 0.89
N ASN B 623 23.19 25.24 -0.22
CA ASN B 623 22.53 26.53 -0.20
C ASN B 623 21.07 26.38 0.22
N PRO B 624 20.55 27.27 1.07
CA PRO B 624 19.14 27.15 1.49
C PRO B 624 18.17 27.64 0.43
N SER B 625 16.88 27.65 0.76
CA SER B 625 15.86 28.11 -0.17
C SER B 625 15.72 29.64 -0.08
N VAL B 626 14.79 30.17 -0.86
CA VAL B 626 14.55 31.61 -0.88
C VAL B 626 13.80 32.01 0.38
N PRO B 627 14.16 33.11 1.05
CA PRO B 627 13.36 33.59 2.17
C PRO B 627 11.93 33.88 1.75
N LEU B 628 10.99 33.59 2.63
CA LEU B 628 9.57 33.66 2.32
C LEU B 628 8.93 34.89 2.95
N ASP B 629 7.86 35.37 2.30
CA ASP B 629 7.03 36.48 2.75
C ASP B 629 7.86 37.75 2.98
N PRO B 630 8.40 38.37 1.93
CA PRO B 630 9.09 39.65 2.09
C PRO B 630 8.10 40.80 2.08
N ILE B 631 8.01 41.51 3.22
CA ILE B 631 7.12 42.65 3.35
C ILE B 631 7.92 43.82 3.89
N SER B 632 7.76 44.99 3.26
CA SER B 632 8.47 46.20 3.63
C SER B 632 7.47 47.31 3.93
N VAL B 633 7.62 47.95 5.07
CA VAL B 633 6.74 49.03 5.51
C VAL B 633 7.61 50.22 5.91
N SER B 634 7.21 51.41 5.46
CA SER B 634 7.92 52.65 5.78
C SER B 634 7.08 53.42 6.78
N ASN B 635 7.38 53.23 8.08
CA ASN B 635 6.65 53.93 9.13
C ASN B 635 7.08 55.38 9.28
N SER B 636 8.25 55.75 8.75
CA SER B 636 8.76 57.11 8.86
C SER B 636 9.22 57.58 7.48
N SER B 637 9.44 58.90 7.38
CA SER B 637 9.87 59.49 6.12
C SER B 637 11.25 59.02 5.69
N SER B 638 12.05 58.50 6.62
CA SER B 638 13.38 58.00 6.29
C SER B 638 13.65 56.61 6.83
N GLN B 639 12.66 55.94 7.40
CA GLN B 639 12.83 54.62 7.99
C GLN B 639 11.87 53.63 7.34
N ILE B 640 12.41 52.47 6.95
CA ILE B 640 11.62 51.37 6.40
C ILE B 640 11.91 50.12 7.23
N ILE B 641 10.85 49.44 7.66
CA ILE B 641 10.98 48.16 8.34
C ILE B 641 10.62 47.05 7.37
N LEU B 642 11.52 46.08 7.24
CA LEU B 642 11.35 44.95 6.33
C LEU B 642 11.27 43.67 7.15
N LYS B 643 10.23 42.88 6.90
CA LYS B 643 10.00 41.65 7.64
C LYS B 643 9.92 40.48 6.68
N TRP B 644 10.43 39.33 7.12
CA TRP B 644 10.46 38.14 6.29
C TRP B 644 10.45 36.90 7.18
N LYS B 645 10.14 35.76 6.56
CA LYS B 645 10.14 34.46 7.19
C LYS B 645 11.36 33.65 6.77
N PRO B 646 11.94 32.87 7.67
CA PRO B 646 13.08 32.05 7.30
C PRO B 646 12.70 31.04 6.23
N PRO B 647 13.63 30.66 5.37
CA PRO B 647 13.31 29.74 4.28
C PRO B 647 12.84 28.39 4.81
N SER B 648 11.94 27.76 4.05
CA SER B 648 11.39 26.47 4.46
C SER B 648 12.38 25.32 4.29
N ASP B 649 13.49 25.56 3.59
CA ASP B 649 14.51 24.54 3.34
C ASP B 649 15.86 25.07 3.78
N PRO B 650 16.12 25.07 5.09
CA PRO B 650 17.41 25.59 5.59
C PRO B 650 18.62 24.85 5.02
N ASN B 651 18.51 23.53 4.86
CA ASN B 651 19.60 22.69 4.36
C ASN B 651 20.88 22.91 5.18
N GLY B 652 20.71 23.06 6.49
CA GLY B 652 21.80 23.33 7.41
C GLY B 652 21.40 24.41 8.39
N ASN B 653 22.40 24.94 9.09
CA ASN B 653 22.18 26.01 10.07
C ASN B 653 22.35 27.35 9.38
N ILE B 654 21.28 28.14 9.34
CA ILE B 654 21.33 29.47 8.73
C ILE B 654 22.11 30.40 9.65
N THR B 655 23.12 31.06 9.10
CA THR B 655 24.03 31.90 9.88
C THR B 655 23.68 33.38 9.80
N HIS B 656 23.40 33.89 8.61
CA HIS B 656 23.23 35.33 8.42
C HIS B 656 22.34 35.58 7.21
N TYR B 657 21.87 36.83 7.11
CA TYR B 657 21.01 37.25 6.01
C TYR B 657 21.61 38.48 5.35
N LEU B 658 21.38 38.61 4.05
CA LEU B 658 21.88 39.72 3.25
C LEU B 658 20.71 40.52 2.72
N VAL B 659 20.74 41.83 2.94
CA VAL B 659 19.70 42.74 2.46
C VAL B 659 20.38 43.86 1.68
N TYR B 660 19.88 44.14 0.48
CA TYR B 660 20.44 45.17 -0.39
C TYR B 660 19.37 46.22 -0.71
N TRP B 661 19.83 47.44 -0.95
CA TRP B 661 18.95 48.54 -1.29
C TRP B 661 19.51 49.31 -2.47
N GLU B 662 18.63 49.98 -3.20
CA GLU B 662 19.04 50.89 -4.27
C GLU B 662 17.91 51.89 -4.50
N ARG B 663 18.26 53.17 -4.54
CA ARG B 663 17.25 54.19 -4.79
C ARG B 663 16.85 54.18 -6.26
N GLN B 664 15.55 54.13 -6.51
CA GLN B 664 15.02 54.09 -7.86
C GLN B 664 14.94 55.53 -8.40
N ALA B 665 15.61 55.77 -9.53
CA ALA B 665 15.58 57.08 -10.14
C ALA B 665 14.17 57.41 -10.60
N GLU B 666 13.77 58.68 -10.43
CA GLU B 666 12.44 59.11 -10.83
C GLU B 666 12.28 58.95 -12.34
N ASP B 667 11.08 58.56 -12.76
CA ASP B 667 10.81 58.29 -14.16
C ASP B 667 11.05 59.54 -15.00
N SER B 668 11.69 59.36 -16.16
CA SER B 668 12.10 60.50 -16.98
C SER B 668 10.88 61.25 -17.51
N GLU B 669 9.83 60.53 -17.90
CA GLU B 669 8.68 61.18 -18.52
C GLU B 669 7.95 62.12 -17.56
N LEU B 670 8.07 61.92 -16.24
CA LEU B 670 7.48 62.87 -15.31
C LEU B 670 8.14 64.24 -15.40
N PHE B 671 9.42 64.28 -15.78
CA PHE B 671 10.11 65.55 -15.97
C PHE B 671 9.78 66.22 -17.30
N GLU B 672 9.12 65.51 -18.22
CA GLU B 672 8.79 66.03 -19.55
C GLU B 672 7.33 65.77 -19.88
N LEU B 673 6.43 66.00 -18.93
CA LEU B 673 5.00 65.87 -19.15
C LEU B 673 4.31 67.17 -18.76
N ASP B 674 3.35 67.58 -19.60
CA ASP B 674 2.53 68.76 -19.32
C ASP B 674 1.28 68.29 -18.61
N TYR B 675 1.24 68.49 -17.29
CA TYR B 675 0.12 68.03 -16.48
C TYR B 675 -0.94 69.11 -16.26
N CYS B 676 -0.79 70.28 -16.88
CA CYS B 676 -1.85 71.27 -16.85
C CYS B 676 -2.97 70.97 -17.85
N LEU B 677 -2.73 70.06 -18.79
CA LEU B 677 -3.75 69.69 -19.75
C LEU B 677 -4.73 68.70 -19.13
N LYS B 678 -5.89 68.57 -19.76
CA LYS B 678 -6.91 67.64 -19.28
C LYS B 678 -6.45 66.21 -19.49
N GLY B 679 -6.66 65.38 -18.47
CA GLY B 679 -6.08 64.04 -18.44
C GLY B 679 -4.88 64.01 -17.53
N LEU B 680 -4.98 64.74 -16.42
CA LEU B 680 -3.87 64.99 -15.51
C LEU B 680 -3.89 64.09 -14.28
N LYS B 681 -4.46 62.89 -14.38
CA LYS B 681 -4.58 62.02 -13.22
C LYS B 681 -3.22 61.45 -12.84
N LEU B 682 -2.46 62.19 -12.04
CA LEU B 682 -1.17 61.72 -11.55
C LEU B 682 -1.37 60.74 -10.41
N PRO B 683 -0.82 59.52 -10.49
CA PRO B 683 -0.99 58.57 -9.39
C PRO B 683 -0.36 59.09 -8.11
N SER B 684 -1.02 58.81 -6.98
CA SER B 684 -0.53 59.22 -5.67
C SER B 684 0.29 58.08 -5.07
N ARG B 685 1.49 57.92 -5.60
CA ARG B 685 2.40 56.86 -5.18
C ARG B 685 2.81 57.04 -3.71
N CYS B 714 3.13 1.97 -3.10
CA CYS B 714 2.78 0.82 -3.92
C CYS B 714 3.79 -0.30 -3.75
N PRO B 715 3.64 -1.11 -2.70
CA PRO B 715 4.58 -2.20 -2.46
C PRO B 715 4.50 -3.26 -3.54
N LYS B 716 5.62 -3.93 -3.82
CA LYS B 716 5.61 -4.99 -4.81
C LYS B 716 4.45 -5.93 -4.55
N THR B 717 3.53 -6.01 -5.50
CA THR B 717 2.40 -6.92 -5.37
C THR B 717 2.94 -8.34 -5.13
N ASP B 718 2.14 -9.20 -4.53
CA ASP B 718 2.60 -10.50 -4.06
C ASP B 718 2.83 -11.51 -5.16
N SER B 719 1.92 -11.63 -6.13
CA SER B 719 2.10 -12.62 -7.19
C SER B 719 3.28 -12.24 -8.09
N GLN B 720 3.60 -10.94 -8.18
CA GLN B 720 4.71 -10.51 -9.02
C GLN B 720 6.04 -11.08 -8.53
N ILE B 721 6.35 -10.89 -7.24
CA ILE B 721 7.62 -11.38 -6.71
C ILE B 721 7.70 -12.90 -6.80
N LEU B 722 6.55 -13.57 -6.70
CA LEU B 722 6.52 -15.01 -6.90
C LEU B 722 6.99 -15.38 -8.30
N LYS B 723 6.72 -14.52 -9.29
CA LYS B 723 7.16 -14.80 -10.65
C LYS B 723 8.68 -14.78 -10.76
N GLU B 724 9.33 -13.78 -10.18
CA GLU B 724 10.79 -13.76 -10.20
C GLU B 724 11.37 -14.92 -9.41
N LEU B 725 10.77 -15.24 -8.26
CA LEU B 725 11.23 -16.38 -7.49
C LEU B 725 11.16 -17.66 -8.31
N GLU B 726 10.03 -17.89 -8.97
CA GLU B 726 9.83 -19.11 -9.75
C GLU B 726 10.76 -19.16 -10.96
N GLU B 727 10.96 -18.02 -11.63
CA GLU B 727 11.86 -18.00 -12.79
C GLU B 727 13.30 -18.27 -12.37
N SER B 728 13.74 -17.66 -11.25
CA SER B 728 15.09 -17.90 -10.76
C SER B 728 15.29 -19.35 -10.37
N SER B 729 14.28 -19.96 -9.73
CA SER B 729 14.38 -21.37 -9.42
C SER B 729 14.34 -22.25 -10.66
N PHE B 730 13.58 -21.85 -11.68
CA PHE B 730 13.49 -22.62 -12.92
C PHE B 730 14.82 -22.63 -13.66
N ARG B 731 15.52 -21.49 -13.67
CA ARG B 731 16.84 -21.44 -14.30
C ARG B 731 17.79 -22.42 -13.61
N LYS B 732 17.81 -22.42 -12.28
CA LYS B 732 18.67 -23.35 -11.56
C LYS B 732 18.25 -24.79 -11.79
N THR B 733 16.95 -25.05 -11.88
CA THR B 733 16.47 -26.40 -12.14
C THR B 733 16.96 -26.90 -13.50
N PHE B 734 16.86 -26.05 -14.53
CA PHE B 734 17.36 -26.44 -15.84
C PHE B 734 18.87 -26.65 -15.82
N GLU B 735 19.60 -25.79 -15.11
CA GLU B 735 21.04 -25.95 -15.00
C GLU B 735 21.39 -27.30 -14.37
N ASP B 736 20.70 -27.64 -13.27
CA ASP B 736 20.98 -28.89 -12.58
C ASP B 736 20.62 -30.09 -13.46
N TYR B 737 19.50 -30.02 -14.17
CA TYR B 737 19.14 -31.11 -15.07
C TYR B 737 20.18 -31.29 -16.16
N LEU B 738 20.64 -30.18 -16.76
CA LEU B 738 21.66 -30.25 -17.79
C LEU B 738 22.94 -30.87 -17.26
N HIS B 739 23.39 -30.41 -16.09
CA HIS B 739 24.64 -30.92 -15.51
C HIS B 739 24.52 -32.39 -15.17
N ASN B 740 23.38 -32.81 -14.61
CA ASN B 740 23.19 -34.22 -14.29
C ASN B 740 23.16 -35.08 -15.55
N VAL B 741 22.53 -34.60 -16.61
CA VAL B 741 22.43 -35.40 -17.83
C VAL B 741 23.79 -35.53 -18.50
N VAL B 742 24.53 -34.42 -18.63
CA VAL B 742 25.73 -34.45 -19.45
C VAL B 742 26.84 -35.25 -18.78
N PHE B 743 27.02 -35.09 -17.47
CA PHE B 743 28.13 -35.72 -16.76
C PHE B 743 27.70 -37.08 -16.23
N VAL B 744 28.45 -38.12 -16.58
CA VAL B 744 28.16 -39.49 -16.18
C VAL B 744 29.32 -39.99 -15.32
N PRO B 745 29.07 -40.47 -14.10
CA PRO B 745 30.16 -40.97 -13.26
C PRO B 745 30.53 -42.42 -13.59
N ARG B 746 31.43 -42.60 -14.56
CA ARG B 746 31.88 -43.93 -14.95
C ARG B 746 32.57 -44.64 -13.80
N PRO B 747 32.32 -45.94 -13.59
CA PRO B 747 32.92 -46.78 -12.54
C PRO B 747 34.06 -47.65 -13.06
N HIS B 785 28.93 48.65 -6.52
CA HIS B 785 28.43 48.35 -5.17
C HIS B 785 27.18 49.15 -4.83
N ARG B 786 26.32 48.53 -4.03
CA ARG B 786 25.08 49.11 -3.54
C ARG B 786 24.97 48.89 -2.04
N PRO B 787 24.28 49.78 -1.32
CA PRO B 787 24.24 49.69 0.14
C PRO B 787 23.66 48.37 0.62
N PHE B 788 24.26 47.81 1.67
CA PHE B 788 23.87 46.52 2.22
C PHE B 788 24.23 46.47 3.69
N GLU B 789 23.92 45.33 4.32
CA GLU B 789 24.23 45.10 5.72
C GLU B 789 24.17 43.61 5.99
N LYS B 790 24.69 43.21 7.15
CA LYS B 790 24.75 41.81 7.54
C LYS B 790 23.83 41.59 8.73
N VAL B 791 22.91 40.64 8.60
CA VAL B 791 21.92 40.35 9.63
C VAL B 791 22.40 39.18 10.47
N VAL B 792 22.32 39.32 11.78
CA VAL B 792 22.77 38.28 12.71
C VAL B 792 21.54 37.80 13.48
N ASN B 793 21.02 36.64 13.08
CA ASN B 793 19.96 35.94 13.81
C ASN B 793 18.74 36.84 14.03
N LYS B 794 18.35 37.56 12.98
CA LYS B 794 17.21 38.45 13.09
C LYS B 794 16.42 38.37 11.78
N GLU B 795 15.13 38.69 11.83
CA GLU B 795 14.26 38.62 10.66
C GLU B 795 13.65 39.97 10.29
N SER B 796 14.22 41.07 10.78
CA SER B 796 13.73 42.40 10.41
C SER B 796 14.88 43.40 10.58
N LEU B 797 14.67 44.59 10.03
CA LEU B 797 15.68 45.64 10.10
C LEU B 797 15.00 46.99 9.97
N VAL B 798 15.56 47.98 10.67
CA VAL B 798 15.19 49.39 10.51
C VAL B 798 16.26 50.06 9.67
N ILE B 799 15.84 50.76 8.62
CA ILE B 799 16.75 51.28 7.60
C ILE B 799 16.82 52.79 7.73
N SER B 800 18.04 53.32 7.83
CA SER B 800 18.27 54.74 7.98
C SER B 800 18.86 55.32 6.70
N GLY B 801 18.95 56.65 6.67
CA GLY B 801 19.53 57.35 5.54
C GLY B 801 18.79 57.19 4.24
N LEU B 802 17.47 57.34 4.28
CA LEU B 802 16.62 57.20 3.11
C LEU B 802 16.00 58.53 2.73
N ARG B 803 15.94 58.79 1.42
CA ARG B 803 15.30 59.99 0.92
C ARG B 803 13.79 59.92 1.15
N HIS B 804 13.20 61.07 1.47
CA HIS B 804 11.77 61.11 1.76
C HIS B 804 10.96 60.92 0.49
N PHE B 805 9.97 60.02 0.56
CA PHE B 805 9.03 59.75 -0.53
C PHE B 805 9.77 59.32 -1.81
N THR B 806 10.54 58.25 -1.67
CA THR B 806 11.27 57.67 -2.79
C THR B 806 11.10 56.16 -2.78
N GLY B 807 11.08 55.57 -3.96
CA GLY B 807 10.95 54.12 -4.09
C GLY B 807 12.30 53.43 -3.96
N TYR B 808 12.28 52.24 -3.36
CA TYR B 808 13.49 51.46 -3.14
C TYR B 808 13.26 50.02 -3.57
N ARG B 809 14.33 49.39 -4.03
CA ARG B 809 14.32 48.00 -4.44
C ARG B 809 15.15 47.18 -3.46
N ILE B 810 14.57 46.10 -2.94
CA ILE B 810 15.17 45.32 -1.86
C ILE B 810 15.58 43.97 -2.40
N GLU B 811 16.82 43.56 -2.11
CA GLU B 811 17.34 42.24 -2.46
C GLU B 811 17.70 41.53 -1.16
N LEU B 812 16.92 40.50 -0.82
CA LEU B 812 17.03 39.81 0.46
C LEU B 812 17.50 38.38 0.24
N GLN B 813 18.57 37.99 0.95
CA GLN B 813 19.12 36.65 0.85
C GLN B 813 19.27 36.05 2.25
N ALA B 814 19.16 34.73 2.32
CA ALA B 814 19.45 33.96 3.53
C ALA B 814 20.66 33.10 3.23
N CYS B 815 21.77 33.35 3.93
CA CYS B 815 23.05 32.76 3.55
C CYS B 815 23.68 32.10 4.78
N ASN B 816 24.04 30.83 4.64
CA ASN B 816 24.47 30.01 5.77
C ASN B 816 25.99 29.83 5.84
N GLN B 817 26.75 30.69 5.16
CA GLN B 817 28.20 30.58 5.19
C GLN B 817 28.80 31.92 4.78
N ASP B 818 29.71 32.45 5.59
CA ASP B 818 30.29 33.77 5.34
C ASP B 818 31.79 33.73 5.10
N SER B 819 32.57 33.15 6.02
CA SER B 819 34.02 33.24 5.94
C SER B 819 34.62 32.33 4.85
N PRO B 820 34.23 31.03 4.76
CA PRO B 820 34.81 30.19 3.69
C PRO B 820 33.98 30.28 2.39
N ASP B 821 33.79 31.50 1.91
CA ASP B 821 33.04 31.81 0.69
C ASP B 821 31.54 31.55 0.90
N GLU B 822 30.70 32.47 0.43
CA GLU B 822 29.27 32.34 0.61
C GLU B 822 28.71 31.26 -0.31
N ARG B 823 27.94 30.34 0.27
CA ARG B 823 27.28 29.27 -0.46
C ARG B 823 25.79 29.39 -0.19
N CYS B 824 25.10 30.18 -1.00
CA CYS B 824 23.70 30.49 -0.75
C CYS B 824 23.04 30.93 -2.05
N SER B 825 21.70 30.84 -2.06
CA SER B 825 20.91 30.86 -3.27
C SER B 825 20.46 32.28 -3.64
N VAL B 826 19.53 32.36 -4.59
CA VAL B 826 19.05 33.63 -5.14
C VAL B 826 18.22 34.38 -4.11
N ALA B 827 17.92 35.64 -4.40
CA ALA B 827 17.26 36.53 -3.47
C ALA B 827 15.77 36.62 -3.73
N ALA B 828 15.10 37.38 -2.87
CA ALA B 828 13.69 37.72 -3.03
C ALA B 828 13.56 39.23 -3.18
N TYR B 829 12.74 39.68 -4.11
CA TYR B 829 12.66 41.08 -4.49
C TYR B 829 11.33 41.68 -4.04
N VAL B 830 11.38 42.93 -3.58
CA VAL B 830 10.20 43.65 -3.12
C VAL B 830 10.51 45.13 -3.21
N SER B 831 9.46 45.96 -3.28
CA SER B 831 9.60 47.40 -3.40
C SER B 831 8.86 48.10 -2.29
N ALA B 832 9.33 49.31 -1.95
CA ALA B 832 8.72 50.11 -0.90
C ALA B 832 9.00 51.58 -1.16
N ARG B 833 8.10 52.43 -0.67
CA ARG B 833 8.24 53.88 -0.80
C ARG B 833 8.18 54.52 0.58
N THR B 834 9.11 55.44 0.84
CA THR B 834 9.16 56.11 2.12
C THR B 834 8.04 57.15 2.23
N MET B 835 7.76 57.56 3.47
CA MET B 835 6.78 58.60 3.71
C MET B 835 7.34 59.96 3.26
N PRO B 836 6.46 60.89 2.89
CA PRO B 836 6.91 62.22 2.47
C PRO B 836 7.03 63.18 3.63
N GLU B 837 7.78 64.25 3.41
CA GLU B 837 7.94 65.30 4.40
C GLU B 837 6.71 66.21 4.40
N ALA B 838 6.61 67.02 5.46
CA ALA B 838 5.43 67.88 5.63
C ALA B 838 5.45 69.03 4.63
N LYS B 839 6.50 69.85 4.67
CA LYS B 839 6.58 71.06 3.85
C LYS B 839 7.55 70.89 2.69
N ALA B 840 7.76 69.65 2.24
CA ALA B 840 8.63 69.43 1.09
C ALA B 840 8.05 70.04 -0.18
N ASP B 841 6.74 69.93 -0.36
CA ASP B 841 6.09 70.46 -1.55
C ASP B 841 5.77 71.94 -1.45
N ASP B 842 5.90 72.54 -0.28
CA ASP B 842 5.56 73.95 -0.10
C ASP B 842 6.62 74.84 -0.72
N ILE B 843 6.17 75.96 -1.28
CA ILE B 843 7.06 76.90 -1.96
C ILE B 843 7.60 77.90 -0.96
N VAL B 844 8.91 78.11 -0.98
CA VAL B 844 9.56 79.07 -0.11
C VAL B 844 10.11 80.21 -0.97
N GLY B 845 10.40 81.33 -0.33
CA GLY B 845 10.91 82.50 -1.01
C GLY B 845 9.82 83.50 -1.34
N PRO B 846 10.19 84.78 -1.40
CA PRO B 846 9.20 85.82 -1.70
C PRO B 846 8.67 85.71 -3.12
N VAL B 847 7.43 86.16 -3.31
CA VAL B 847 6.80 86.18 -4.61
C VAL B 847 7.23 87.47 -5.32
N THR B 848 7.94 87.32 -6.43
CA THR B 848 8.44 88.46 -7.19
C THR B 848 7.65 88.61 -8.48
N HIS B 849 7.20 89.83 -8.76
CA HIS B 849 6.41 90.12 -9.95
C HIS B 849 6.97 91.35 -10.64
N GLU B 850 6.74 91.42 -11.95
CA GLU B 850 7.14 92.56 -12.77
C GLU B 850 5.98 93.00 -13.63
N ILE B 851 5.85 94.31 -13.83
CA ILE B 851 4.78 94.89 -14.63
C ILE B 851 5.45 95.63 -15.79
N PHE B 852 5.10 95.24 -17.02
CA PHE B 852 5.69 95.83 -18.20
C PHE B 852 4.91 97.09 -18.60
N GLU B 853 5.31 97.67 -19.74
CA GLU B 853 4.62 98.86 -20.24
C GLU B 853 3.18 98.56 -20.63
N ASN B 854 2.95 97.38 -21.21
CA ASN B 854 1.62 96.96 -21.65
C ASN B 854 0.84 96.24 -20.56
N ASN B 855 1.15 96.52 -19.28
CA ASN B 855 0.46 95.91 -18.15
C ASN B 855 0.56 94.38 -18.17
N VAL B 856 1.72 93.88 -18.57
CA VAL B 856 1.98 92.44 -18.56
C VAL B 856 2.61 92.08 -17.22
N VAL B 857 2.02 91.13 -16.52
CA VAL B 857 2.47 90.73 -15.19
C VAL B 857 3.28 89.45 -15.34
N HIS B 858 4.55 89.52 -14.97
CA HIS B 858 5.46 88.38 -15.02
C HIS B 858 5.76 87.98 -13.57
N LEU B 859 5.19 86.85 -13.15
CA LEU B 859 5.32 86.38 -11.78
C LEU B 859 6.52 85.44 -11.65
N MET B 860 7.25 85.57 -10.54
CA MET B 860 8.40 84.73 -10.27
C MET B 860 8.34 84.25 -8.82
N TRP B 861 8.72 83.00 -8.60
CA TRP B 861 8.80 82.44 -7.26
C TRP B 861 9.83 81.33 -7.25
N GLN B 862 10.56 81.23 -6.14
CA GLN B 862 11.60 80.21 -6.01
C GLN B 862 10.98 78.82 -5.90
N GLU B 863 11.45 77.89 -6.71
CA GLU B 863 10.91 76.55 -6.72
C GLU B 863 11.33 75.80 -5.45
N PRO B 864 10.54 74.81 -5.04
CA PRO B 864 10.94 73.98 -3.89
C PRO B 864 12.06 73.02 -4.23
N LYS B 865 13.30 73.51 -4.11
CA LYS B 865 14.52 72.81 -4.48
C LYS B 865 14.51 71.33 -4.17
N GLU B 866 14.02 70.94 -2.99
CA GLU B 866 14.00 69.54 -2.55
C GLU B 866 12.56 69.11 -2.30
N PRO B 867 11.84 68.69 -3.35
CA PRO B 867 10.46 68.23 -3.14
C PRO B 867 10.40 66.73 -2.88
N ASN B 868 9.18 66.20 -2.75
CA ASN B 868 8.97 64.76 -2.59
C ASN B 868 9.04 64.11 -3.96
N GLY B 869 10.27 63.89 -4.42
CA GLY B 869 10.52 63.32 -5.73
C GLY B 869 10.61 64.34 -6.83
N LEU B 870 9.48 64.92 -7.22
CA LEU B 870 9.44 65.92 -8.28
C LEU B 870 8.09 66.62 -8.27
N ILE B 871 8.08 67.86 -8.74
CA ILE B 871 6.87 68.67 -8.83
C ILE B 871 6.43 68.71 -10.29
N VAL B 872 5.14 68.48 -10.54
CA VAL B 872 4.62 68.36 -11.89
C VAL B 872 4.03 69.69 -12.37
N LEU B 873 3.48 70.48 -11.45
CA LEU B 873 2.80 71.70 -11.85
C LEU B 873 2.74 72.67 -10.68
N TYR B 874 2.46 73.93 -11.03
CA TYR B 874 2.18 74.99 -10.07
C TYR B 874 0.90 75.69 -10.47
N GLU B 875 0.17 76.20 -9.48
CA GLU B 875 -1.07 76.92 -9.73
C GLU B 875 -1.01 78.29 -9.05
N VAL B 876 -1.36 79.32 -9.81
CA VAL B 876 -1.35 80.70 -9.33
C VAL B 876 -2.78 81.21 -9.30
N SER B 877 -3.21 81.71 -8.15
CA SER B 877 -4.57 82.22 -7.95
C SER B 877 -4.50 83.72 -7.72
N TYR B 878 -4.80 84.50 -8.75
CA TYR B 878 -4.85 85.95 -8.66
C TYR B 878 -6.31 86.40 -8.72
N ARG B 879 -6.69 87.27 -7.79
CA ARG B 879 -8.06 87.76 -7.69
C ARG B 879 -8.04 89.26 -7.44
N ARG B 880 -8.64 90.02 -8.36
CA ARG B 880 -8.79 91.46 -8.13
C ARG B 880 -9.78 91.70 -7.00
N TYR B 881 -9.51 92.73 -6.20
CA TYR B 881 -10.35 93.01 -5.04
C TYR B 881 -11.78 93.26 -5.47
N GLY B 882 -12.71 92.55 -4.84
CA GLY B 882 -14.12 92.61 -5.18
C GLY B 882 -14.54 91.71 -6.32
N ASP B 883 -13.58 91.15 -7.04
CA ASP B 883 -13.87 90.28 -8.18
C ASP B 883 -13.78 88.83 -7.75
N GLU B 884 -13.84 87.92 -8.73
CA GLU B 884 -13.77 86.48 -8.48
C GLU B 884 -12.35 85.98 -8.69
N GLU B 885 -12.08 84.81 -8.11
CA GLU B 885 -10.75 84.22 -8.17
C GLU B 885 -10.47 83.66 -9.56
N LEU B 886 -9.27 83.93 -10.06
CA LEU B 886 -8.81 83.42 -11.35
C LEU B 886 -7.63 82.47 -11.14
N HIS B 887 -7.66 81.35 -11.83
CA HIS B 887 -6.65 80.30 -11.68
C HIS B 887 -5.89 80.12 -12.99
N LEU B 888 -4.63 79.70 -12.86
CA LEU B 888 -3.80 79.42 -14.02
C LEU B 888 -2.77 78.37 -13.63
N CYS B 889 -2.76 77.25 -14.34
CA CYS B 889 -1.83 76.16 -14.05
C CYS B 889 -0.49 76.42 -14.75
N VAL B 890 0.59 76.23 -14.02
CA VAL B 890 1.95 76.38 -14.55
C VAL B 890 2.65 75.03 -14.36
N SER B 891 2.96 74.36 -15.46
CA SER B 891 3.59 73.05 -15.41
C SER B 891 5.11 73.22 -15.31
N ARG B 892 5.83 72.10 -15.39
CA ARG B 892 7.29 72.15 -15.33
C ARG B 892 7.86 72.92 -16.50
N LYS B 893 7.39 72.62 -17.72
CA LYS B 893 7.94 73.25 -18.91
C LYS B 893 7.55 74.72 -18.98
N HIS B 894 6.32 75.05 -18.61
CA HIS B 894 5.90 76.45 -18.57
C HIS B 894 6.73 77.23 -17.54
N PHE B 895 6.94 76.63 -16.37
CA PHE B 895 7.73 77.29 -15.34
C PHE B 895 9.18 77.50 -15.79
N ALA B 896 9.75 76.52 -16.50
CA ALA B 896 11.11 76.67 -16.99
C ALA B 896 11.19 77.72 -18.09
N LEU B 897 10.21 77.75 -19.00
CA LEU B 897 10.27 78.66 -20.13
C LEU B 897 10.04 80.11 -19.68
N GLU B 898 9.02 80.34 -18.86
CA GLU B 898 8.65 81.69 -18.46
C GLU B 898 9.29 82.13 -17.16
N ARG B 899 10.14 81.29 -16.55
CA ARG B 899 10.75 81.58 -15.25
C ARG B 899 9.68 81.92 -14.21
N GLY B 900 8.61 81.12 -14.21
CA GLY B 900 7.49 81.36 -13.34
C GLY B 900 6.18 81.49 -14.10
N CYS B 901 5.57 82.68 -14.06
CA CYS B 901 4.31 82.92 -14.73
C CYS B 901 4.37 84.25 -15.47
N ARG B 902 3.56 84.34 -16.52
CA ARG B 902 3.45 85.57 -17.31
C ARG B 902 1.98 85.81 -17.61
N LEU B 903 1.47 86.96 -17.16
CA LEU B 903 0.07 87.32 -17.32
C LEU B 903 -0.05 88.43 -18.37
N ARG B 904 -0.94 88.22 -19.34
CA ARG B 904 -1.16 89.16 -20.43
C ARG B 904 -2.63 89.56 -20.48
N GLY B 905 -2.89 90.84 -20.67
CA GLY B 905 -4.26 91.33 -20.79
C GLY B 905 -5.05 91.26 -19.50
N LEU B 906 -4.66 92.08 -18.53
CA LEU B 906 -5.31 92.10 -17.22
C LEU B 906 -6.01 93.44 -17.00
N SER B 907 -7.18 93.38 -16.39
CA SER B 907 -7.95 94.59 -16.12
C SER B 907 -7.28 95.40 -15.01
N PRO B 908 -7.43 96.72 -15.04
CA PRO B 908 -6.85 97.56 -13.98
C PRO B 908 -7.45 97.23 -12.62
N GLY B 909 -6.60 97.29 -11.60
CA GLY B 909 -7.04 97.04 -10.24
C GLY B 909 -5.93 96.37 -9.44
N ASN B 910 -6.26 96.09 -8.18
CA ASN B 910 -5.33 95.44 -7.26
C ASN B 910 -5.75 93.99 -7.07
N TYR B 911 -4.79 93.08 -7.22
CA TYR B 911 -5.04 91.64 -7.14
C TYR B 911 -4.43 91.06 -5.87
N SER B 912 -4.76 89.80 -5.61
CA SER B 912 -4.16 89.02 -4.54
C SER B 912 -3.70 87.69 -5.12
N VAL B 913 -2.39 87.43 -5.05
CA VAL B 913 -1.77 86.31 -5.75
C VAL B 913 -1.30 85.29 -4.73
N ARG B 914 -1.77 84.05 -4.87
CA ARG B 914 -1.30 82.92 -4.09
C ARG B 914 -0.84 81.81 -5.03
N VAL B 915 0.26 81.15 -4.66
CA VAL B 915 0.89 80.15 -5.52
C VAL B 915 1.00 78.84 -4.74
N ARG B 916 0.63 77.74 -5.38
CA ARG B 916 0.74 76.41 -4.79
C ARG B 916 1.51 75.49 -5.74
N ALA B 917 2.18 74.50 -5.16
CA ALA B 917 2.95 73.53 -5.92
C ALA B 917 2.39 72.13 -5.68
N THR B 918 2.27 71.36 -6.77
CA THR B 918 1.77 69.99 -6.70
C THR B 918 2.88 69.03 -7.10
N SER B 919 3.18 68.08 -6.23
CA SER B 919 4.22 67.09 -6.47
C SER B 919 3.61 65.69 -6.45
N LEU B 920 4.46 64.67 -6.47
CA LEU B 920 3.99 63.30 -6.40
C LEU B 920 3.29 63.02 -5.08
N ALA B 921 3.74 63.65 -3.99
CA ALA B 921 3.10 63.44 -2.70
C ALA B 921 1.67 63.97 -2.69
N GLY B 922 1.44 65.13 -3.29
CA GLY B 922 0.10 65.71 -3.32
C GLY B 922 0.17 67.20 -3.59
N ASN B 923 -0.76 67.93 -2.98
CA ASN B 923 -0.90 69.35 -3.17
C ASN B 923 -0.21 70.10 -2.02
N GLY B 924 0.66 71.05 -2.38
CA GLY B 924 1.31 71.86 -1.38
C GLY B 924 0.47 73.03 -0.91
N SER B 925 0.90 73.64 0.19
CA SER B 925 0.19 74.79 0.75
C SER B 925 0.41 76.02 -0.12
N TRP B 926 -0.61 76.86 -0.21
CA TRP B 926 -0.50 78.10 -0.97
C TRP B 926 0.47 79.06 -0.30
N THR B 927 1.15 79.86 -1.12
CA THR B 927 2.03 80.90 -0.61
C THR B 927 1.20 82.08 -0.11
N GLU B 928 1.87 83.00 0.57
CA GLU B 928 1.21 84.17 1.11
C GLU B 928 0.68 85.06 -0.01
N PRO B 929 -0.45 85.73 0.20
CA PRO B 929 -1.00 86.59 -0.84
C PRO B 929 -0.04 87.72 -1.20
N THR B 930 -0.01 88.06 -2.49
CA THR B 930 0.82 89.14 -3.00
C THR B 930 -0.06 90.10 -3.80
N TYR B 931 0.16 91.39 -3.60
CA TYR B 931 -0.67 92.43 -4.19
C TYR B 931 0.11 93.17 -5.27
N PHE B 932 -0.49 93.28 -6.46
CA PHE B 932 0.05 94.09 -7.54
C PHE B 932 -1.06 94.91 -8.16
N TYR B 933 -0.69 96.11 -8.63
CA TYR B 933 -1.64 97.04 -9.24
C TYR B 933 -1.13 97.44 -10.61
N VAL B 934 -1.94 97.22 -11.64
CA VAL B 934 -1.59 97.57 -13.01
C VAL B 934 -2.16 98.93 -13.33
N THR B 935 -1.44 99.69 -14.16
CA THR B 935 -1.81 101.07 -14.45
C THR B 935 -3.13 101.13 -15.24
N ASP B 936 -3.96 102.11 -14.89
CA ASP B 936 -5.24 102.31 -15.55
C ASP B 936 -5.12 103.12 -16.83
N TYR B 937 -4.10 103.97 -16.95
CA TYR B 937 -3.92 104.87 -18.08
C TYR B 937 -5.16 105.74 -18.31
N VAL C 2 41.97 -26.71 -2.18
CA VAL C 2 40.71 -26.10 -2.58
C VAL C 2 39.57 -27.09 -2.39
N ASN C 3 38.66 -26.77 -1.47
CA ASN C 3 37.50 -27.62 -1.17
C ASN C 3 36.32 -26.72 -0.86
N GLN C 4 35.26 -26.83 -1.65
CA GLN C 4 34.10 -25.96 -1.51
C GLN C 4 32.94 -26.55 -2.31
N HIS C 5 31.77 -25.95 -2.14
CA HIS C 5 30.62 -26.31 -2.95
C HIS C 5 30.84 -25.87 -4.40
N LEU C 6 30.45 -26.73 -5.34
CA LEU C 6 30.63 -26.48 -6.77
C LEU C 6 29.26 -26.57 -7.43
N CYS C 7 28.79 -25.46 -7.99
CA CYS C 7 27.45 -25.38 -8.56
C CYS C 7 27.49 -24.68 -9.91
N GLY C 8 26.83 -25.26 -10.89
CA GLY C 8 26.62 -24.58 -12.17
C GLY C 8 27.92 -24.29 -12.90
N SER C 9 28.10 -23.01 -13.25
CA SER C 9 29.26 -22.61 -14.04
C SER C 9 30.55 -22.90 -13.29
N HIS C 10 30.57 -22.63 -11.98
CA HIS C 10 31.75 -22.95 -11.18
C HIS C 10 32.00 -24.45 -11.16
N LEU C 11 30.94 -25.26 -11.17
CA LEU C 11 31.11 -26.70 -11.27
C LEU C 11 31.76 -27.08 -12.60
N VAL C 12 31.32 -26.45 -13.69
CA VAL C 12 31.90 -26.74 -15.01
C VAL C 12 33.38 -26.37 -15.03
N GLU C 13 33.72 -25.20 -14.48
CA GLU C 13 35.12 -24.80 -14.43
C GLU C 13 35.94 -25.73 -13.55
N ALA C 14 35.35 -26.20 -12.44
CA ALA C 14 36.05 -27.15 -11.59
C ALA C 14 36.36 -28.44 -12.34
N LEU C 15 35.39 -28.96 -13.10
CA LEU C 15 35.66 -30.14 -13.92
C LEU C 15 36.72 -29.86 -14.98
N TYR C 16 36.68 -28.69 -15.60
CA TYR C 16 37.66 -28.39 -16.65
C TYR C 16 39.07 -28.26 -16.09
N LEU C 17 39.23 -27.70 -14.89
CA LEU C 17 40.55 -27.61 -14.28
C LEU C 17 41.01 -28.96 -13.76
N VAL C 18 40.07 -29.78 -13.26
CA VAL C 18 40.44 -31.10 -12.74
C VAL C 18 40.91 -32.00 -13.87
N CYS C 19 40.15 -32.04 -14.97
CA CYS C 19 40.51 -32.86 -16.12
C CYS C 19 40.13 -32.12 -17.40
N GLY C 20 40.65 -32.61 -18.52
CA GLY C 20 40.48 -31.94 -19.78
C GLY C 20 41.69 -32.11 -20.69
N GLU C 21 42.83 -32.49 -20.09
CA GLU C 21 43.93 -33.00 -20.90
C GLU C 21 43.58 -34.36 -21.48
N ARG C 22 42.76 -35.13 -20.77
CA ARG C 22 42.25 -36.41 -21.25
C ARG C 22 40.81 -36.33 -21.75
N GLY C 23 40.04 -35.36 -21.26
CA GLY C 23 38.71 -35.10 -21.76
C GLY C 23 37.62 -35.68 -20.87
N PHE C 24 36.41 -35.16 -21.04
CA PHE C 24 35.26 -35.66 -20.32
C PHE C 24 34.87 -37.05 -20.82
N PHE C 25 34.10 -37.76 -20.00
CA PHE C 25 33.66 -39.11 -20.34
C PHE C 25 32.19 -39.11 -20.68
N TYR C 26 31.82 -39.86 -21.72
CA TYR C 26 30.43 -40.11 -22.07
C TYR C 26 30.30 -41.59 -22.44
N THR C 27 29.18 -42.19 -22.07
CA THR C 27 29.00 -43.62 -22.28
C THR C 27 29.00 -43.94 -23.76
N PRO C 28 29.59 -45.08 -24.17
CA PRO C 28 29.64 -45.50 -25.57
C PRO C 28 28.25 -45.77 -26.15
N VAL D 2 -37.19 -26.30 20.09
CA VAL D 2 -36.07 -25.38 19.97
C VAL D 2 -34.78 -26.08 20.36
N ASN D 3 -33.88 -26.25 19.38
CA ASN D 3 -32.60 -26.90 19.60
C ASN D 3 -31.56 -26.20 18.75
N GLN D 4 -30.53 -25.65 19.38
CA GLN D 4 -29.52 -24.87 18.68
C GLN D 4 -28.34 -24.66 19.61
N HIS D 5 -27.27 -24.09 19.06
CA HIS D 5 -26.12 -23.71 19.87
C HIS D 5 -26.48 -22.52 20.77
N LEU D 6 -26.01 -22.57 22.01
CA LEU D 6 -26.29 -21.55 23.01
C LEU D 6 -24.97 -21.00 23.52
N CYS D 7 -24.71 -19.72 23.27
CA CYS D 7 -23.44 -19.11 23.60
C CYS D 7 -23.66 -17.75 24.26
N GLY D 8 -22.96 -17.51 25.37
CA GLY D 8 -22.94 -16.18 25.96
C GLY D 8 -24.30 -15.70 26.44
N SER D 9 -24.69 -14.53 25.95
CA SER D 9 -25.95 -13.93 26.40
C SER D 9 -27.14 -14.81 26.05
N HIS D 10 -27.14 -15.39 24.84
CA HIS D 10 -28.21 -16.30 24.47
C HIS D 10 -28.22 -17.52 25.36
N LEU D 11 -27.05 -17.99 25.79
CA LEU D 11 -26.98 -19.08 26.76
C LEU D 11 -27.64 -18.67 28.08
N VAL D 12 -27.37 -17.46 28.54
CA VAL D 12 -27.96 -16.99 29.79
C VAL D 12 -29.48 -16.92 29.68
N GLU D 13 -29.97 -16.39 28.56
CA GLU D 13 -31.42 -16.35 28.36
C GLU D 13 -32.02 -17.75 28.26
N ALA D 14 -31.30 -18.68 27.64
CA ALA D 14 -31.79 -20.05 27.56
C ALA D 14 -31.93 -20.66 28.95
N LEU D 15 -30.93 -20.45 29.81
CA LEU D 15 -31.05 -20.92 31.19
C LEU D 15 -32.19 -20.24 31.92
N TYR D 16 -32.38 -18.93 31.71
CA TYR D 16 -33.45 -18.23 32.42
C TYR D 16 -34.83 -18.69 31.97
N LEU D 17 -35.00 -19.03 30.69
CA LEU D 17 -36.29 -19.55 30.24
C LEU D 17 -36.49 -21.00 30.67
N VAL D 18 -35.41 -21.79 30.69
CA VAL D 18 -35.53 -23.18 31.11
C VAL D 18 -35.91 -23.26 32.59
N CYS D 19 -35.24 -22.48 33.43
CA CYS D 19 -35.52 -22.46 34.86
C CYS D 19 -35.33 -21.06 35.40
N GLY D 20 -35.83 -20.84 36.61
CA GLY D 20 -35.85 -19.51 37.19
C GLY D 20 -37.06 -19.30 38.07
N GLU D 21 -38.08 -20.15 37.90
CA GLU D 21 -39.12 -20.24 38.91
C GLU D 21 -38.61 -20.94 40.15
N ARG D 22 -37.57 -21.76 40.00
CA ARG D 22 -36.90 -22.42 41.11
C ARG D 22 -35.53 -21.83 41.41
N GLY D 23 -34.90 -21.21 40.42
CA GLY D 23 -33.64 -20.52 40.61
C GLY D 23 -32.44 -21.33 40.16
N PHE D 24 -31.34 -20.64 39.93
CA PHE D 24 -30.08 -21.29 39.58
C PHE D 24 -29.50 -22.00 40.79
N PHE D 25 -28.59 -22.94 40.52
CA PHE D 25 -27.97 -23.73 41.56
C PHE D 25 -26.52 -23.29 41.75
N TYR D 26 -26.11 -23.18 43.01
CA TYR D 26 -24.72 -22.95 43.37
C TYR D 26 -24.38 -23.86 44.54
N THR D 27 -23.15 -24.36 44.56
CA THR D 27 -22.76 -25.32 45.58
C THR D 27 -22.81 -24.69 46.97
N PRO D 28 -23.24 -25.44 48.00
CA PRO D 28 -23.31 -24.93 49.37
C PRO D 28 -21.94 -24.55 49.93
N VAL E 2 -12.69 11.85 -0.87
CA VAL E 2 -13.82 11.19 -1.50
C VAL E 2 -14.55 10.33 -0.47
N ASN E 3 -13.80 9.69 0.42
CA ASN E 3 -14.36 8.87 1.48
C ASN E 3 -14.14 9.54 2.83
N GLN E 4 -14.98 10.53 3.13
CA GLN E 4 -14.80 11.37 4.31
C GLN E 4 -16.17 11.45 5.00
N HIS E 5 -16.25 12.17 6.11
CA HIS E 5 -17.48 12.26 6.87
C HIS E 5 -18.55 13.02 6.07
N LEU E 6 -19.80 12.89 6.53
CA LEU E 6 -20.94 13.54 5.91
C LEU E 6 -21.31 14.75 6.74
N CYS E 7 -21.48 15.91 6.09
CA CYS E 7 -21.83 17.13 6.78
C CYS E 7 -22.78 17.96 5.92
N GLY E 8 -23.98 18.21 6.46
CA GLY E 8 -24.95 19.06 5.79
C GLY E 8 -25.83 18.37 4.77
N SER E 9 -25.75 18.83 3.51
CA SER E 9 -26.57 18.25 2.45
C SER E 9 -26.28 16.77 2.28
N HIS E 10 -25.01 16.37 2.46
CA HIS E 10 -24.68 14.95 2.39
C HIS E 10 -25.44 14.17 3.46
N LEU E 11 -25.50 14.73 4.68
CA LEU E 11 -26.24 14.06 5.75
C LEU E 11 -27.73 13.98 5.43
N VAL E 12 -28.30 15.07 4.90
CA VAL E 12 -29.76 15.05 4.66
C VAL E 12 -30.09 14.05 3.57
N GLU E 13 -29.27 13.96 2.52
CA GLU E 13 -29.51 12.94 1.50
C GLU E 13 -29.29 11.54 2.06
N ALA E 14 -28.29 11.35 2.93
CA ALA E 14 -28.07 10.03 3.52
C ALA E 14 -29.27 9.59 4.36
N LEU E 15 -29.80 10.51 5.19
CA LEU E 15 -30.97 10.17 5.99
C LEU E 15 -32.21 9.94 5.13
N TYR E 16 -32.38 10.72 4.06
CA TYR E 16 -33.47 10.45 3.14
C TYR E 16 -33.31 9.09 2.47
N LEU E 17 -32.07 8.64 2.29
CA LEU E 17 -31.83 7.32 1.72
C LEU E 17 -32.19 6.21 2.71
N VAL E 18 -31.69 6.33 3.95
CA VAL E 18 -31.94 5.28 4.94
C VAL E 18 -33.41 5.20 5.30
N CYS E 19 -34.06 6.35 5.49
CA CYS E 19 -35.45 6.39 5.91
C CYS E 19 -36.19 7.47 5.14
N GLY E 20 -37.52 7.44 5.25
CA GLY E 20 -38.38 8.34 4.52
C GLY E 20 -39.64 7.63 4.07
N GLU E 21 -39.56 6.30 3.98
CA GLU E 21 -40.76 5.50 3.79
C GLU E 21 -41.56 5.42 5.09
N ARG E 22 -40.88 5.35 6.23
CA ARG E 22 -41.53 5.44 7.53
C ARG E 22 -41.50 6.86 8.08
N GLY E 23 -40.48 7.64 7.73
CA GLY E 23 -40.40 9.02 8.13
C GLY E 23 -39.26 9.33 9.08
N PHE E 24 -38.57 10.44 8.84
CA PHE E 24 -37.51 10.92 9.72
C PHE E 24 -37.69 12.42 9.93
N PHE E 25 -37.43 12.86 11.16
CA PHE E 25 -37.55 14.27 11.53
C PHE E 25 -36.16 14.85 11.74
N TYR E 26 -35.85 15.93 11.04
CA TYR E 26 -34.54 16.55 11.10
C TYR E 26 -34.59 17.99 10.57
N VAL F 2 11.01 12.38 -7.21
CA VAL F 2 12.01 11.85 -6.29
C VAL F 2 12.77 10.65 -6.90
N ASN F 3 12.32 9.43 -6.66
CA ASN F 3 12.96 8.23 -7.19
C ASN F 3 12.56 8.06 -8.66
N GLN F 4 13.39 8.56 -9.55
CA GLN F 4 13.10 8.53 -10.98
C GLN F 4 14.45 8.43 -11.71
N HIS F 5 14.41 8.38 -13.04
CA HIS F 5 15.61 8.23 -13.84
C HIS F 5 16.50 9.47 -13.70
N LEU F 6 17.76 9.30 -14.06
CA LEU F 6 18.76 10.36 -14.02
C LEU F 6 18.98 10.87 -15.43
N CYS F 7 18.93 12.20 -15.60
CA CYS F 7 19.12 12.80 -16.92
C CYS F 7 19.89 14.11 -16.76
N GLY F 8 21.05 14.19 -17.42
CA GLY F 8 21.83 15.41 -17.45
C GLY F 8 22.77 15.63 -16.28
N SER F 9 22.53 16.72 -15.54
CA SER F 9 23.37 17.04 -14.40
C SER F 9 23.32 15.94 -13.35
N HIS F 10 22.15 15.33 -13.18
CA HIS F 10 22.05 14.20 -12.25
C HIS F 10 22.97 13.07 -12.68
N LEU F 11 23.00 12.77 -13.98
CA LEU F 11 23.91 11.73 -14.48
C LEU F 11 25.36 12.11 -14.26
N VAL F 12 25.73 13.37 -14.52
CA VAL F 12 27.15 13.71 -14.41
C VAL F 12 27.59 13.66 -12.94
N GLU F 13 26.73 14.08 -12.02
CA GLU F 13 27.07 13.93 -10.60
C GLU F 13 27.12 12.47 -10.19
N ALA F 14 26.21 11.65 -10.71
CA ALA F 14 26.24 10.22 -10.38
C ALA F 14 27.53 9.57 -10.85
N LEU F 15 27.96 9.86 -12.08
CA LEU F 15 29.21 9.30 -12.58
C LEU F 15 30.41 9.84 -11.82
N TYR F 16 30.40 11.13 -11.45
CA TYR F 16 31.48 11.64 -10.61
C TYR F 16 31.49 10.95 -9.25
N LEU F 17 30.33 10.51 -8.77
CA LEU F 17 30.27 9.78 -7.51
C LEU F 17 30.84 8.37 -7.66
N VAL F 18 30.41 7.64 -8.68
CA VAL F 18 30.87 6.26 -8.84
C VAL F 18 32.35 6.21 -9.16
N CYS F 19 32.82 7.10 -10.04
CA CYS F 19 34.21 7.09 -10.47
C CYS F 19 34.74 8.52 -10.52
N GLY F 20 36.06 8.62 -10.66
CA GLY F 20 36.74 9.90 -10.64
C GLY F 20 38.09 9.77 -9.95
N GLU F 21 38.23 8.75 -9.12
CA GLU F 21 39.55 8.41 -8.59
C GLU F 21 40.40 7.75 -9.66
N ARG F 22 39.82 6.84 -10.44
CA ARG F 22 40.49 6.26 -11.60
C ARG F 22 40.23 7.06 -12.87
N GLY F 23 39.08 7.73 -12.95
CA GLY F 23 38.78 8.59 -14.08
C GLY F 23 37.65 8.08 -14.96
N PHE F 24 36.80 8.99 -15.41
CA PHE F 24 35.73 8.67 -16.34
C PHE F 24 35.69 9.74 -17.43
N PHE F 25 35.43 9.32 -18.65
CA PHE F 25 35.34 10.21 -19.80
C PHE F 25 33.89 10.31 -20.25
N TYR F 26 33.38 11.53 -20.32
CA TYR F 26 31.99 11.77 -20.68
C TYR F 26 31.78 13.22 -21.12
N GLY G 1 23.35 -38.09 -9.66
CA GLY G 1 23.94 -37.14 -10.58
C GLY G 1 25.08 -36.36 -9.96
N ILE G 2 25.79 -35.60 -10.81
CA ILE G 2 26.92 -34.81 -10.31
C ILE G 2 26.43 -33.66 -9.44
N VAL G 3 25.24 -33.12 -9.72
CA VAL G 3 24.75 -31.98 -8.95
C VAL G 3 24.52 -32.37 -7.49
N GLU G 4 23.81 -33.48 -7.25
CA GLU G 4 23.55 -33.91 -5.89
C GLU G 4 24.84 -34.23 -5.15
N GLN G 5 25.87 -34.69 -5.86
CA GLN G 5 27.14 -35.00 -5.22
C GLN G 5 27.91 -33.74 -4.85
N CYS G 6 27.94 -32.74 -5.75
CA CYS G 6 28.86 -31.62 -5.61
C CYS G 6 28.21 -30.35 -5.09
N CYS G 7 27.07 -29.94 -5.65
CA CYS G 7 26.46 -28.68 -5.23
C CYS G 7 25.77 -28.78 -3.89
N THR G 8 25.16 -29.92 -3.58
CA THR G 8 24.49 -30.12 -2.30
C THR G 8 25.45 -30.71 -1.26
N SER G 9 26.04 -31.85 -1.58
CA SER G 9 27.07 -32.45 -0.73
C SER G 9 28.41 -31.80 -1.05
N ILE G 10 29.50 -32.42 -0.59
CA ILE G 10 30.85 -31.92 -0.84
C ILE G 10 31.60 -32.97 -1.64
N CYS G 11 32.20 -32.54 -2.75
CA CYS G 11 33.00 -33.42 -3.60
C CYS G 11 34.48 -33.24 -3.30
N SER G 12 35.22 -34.34 -3.36
CA SER G 12 36.66 -34.31 -3.20
C SER G 12 37.34 -34.34 -4.58
N ARG G 13 38.67 -34.26 -4.57
CA ARG G 13 39.41 -34.32 -5.83
C ARG G 13 39.25 -35.67 -6.52
N TYR G 14 39.24 -36.76 -5.74
CA TYR G 14 39.12 -38.09 -6.33
C TYR G 14 37.74 -38.31 -6.92
N GLN G 15 36.71 -37.74 -6.29
CA GLN G 15 35.34 -37.94 -6.77
C GLN G 15 35.15 -37.36 -8.17
N LEU G 16 35.76 -36.21 -8.44
CA LEU G 16 35.64 -35.59 -9.76
C LEU G 16 36.34 -36.36 -10.86
N GLU G 17 37.23 -37.31 -10.51
CA GLU G 17 37.87 -38.13 -11.53
C GLU G 17 36.91 -39.14 -12.14
N ASN G 18 35.78 -39.42 -11.48
CA ASN G 18 34.81 -40.35 -12.04
C ASN G 18 34.08 -39.78 -13.24
N TYR G 19 34.14 -38.46 -13.45
CA TYR G 19 33.47 -37.81 -14.57
C TYR G 19 34.43 -37.52 -15.71
N CYS G 20 35.59 -38.17 -15.74
CA CYS G 20 36.59 -37.95 -16.76
C CYS G 20 36.99 -39.30 -17.36
N ASN G 21 37.55 -39.24 -18.57
CA ASN G 21 37.96 -40.45 -19.28
C ASN G 21 38.96 -41.28 -18.48
N GLY H 1 -17.41 -27.70 31.91
CA GLY H 1 -18.20 -26.49 32.10
C GLY H 1 -19.42 -26.43 31.20
N ILE H 2 -20.28 -25.45 31.45
CA ILE H 2 -21.49 -25.31 30.64
C ILE H 2 -21.15 -24.86 29.23
N VAL H 3 -20.08 -24.09 29.06
CA VAL H 3 -19.73 -23.58 27.74
C VAL H 3 -19.37 -24.74 26.80
N GLU H 4 -18.48 -25.63 27.25
CA GLU H 4 -18.08 -26.75 26.41
C GLU H 4 -19.26 -27.65 26.08
N GLN H 5 -20.24 -27.73 26.97
CA GLN H 5 -21.41 -28.57 26.72
C GLN H 5 -22.36 -27.92 25.70
N CYS H 6 -22.58 -26.62 25.82
CA CYS H 6 -23.67 -25.97 25.09
C CYS H 6 -23.19 -25.17 23.86
N CYS H 7 -22.16 -24.35 24.00
CA CYS H 7 -21.75 -23.51 22.88
C CYS H 7 -20.98 -24.30 21.83
N THR H 8 -20.18 -25.28 22.25
CA THR H 8 -19.42 -26.10 21.31
C THR H 8 -20.22 -27.34 20.90
N SER H 9 -20.64 -28.14 21.88
CA SER H 9 -21.51 -29.28 21.61
C SER H 9 -22.97 -28.80 21.56
N ILE H 10 -23.90 -29.73 21.61
CA ILE H 10 -25.33 -29.42 21.59
C ILE H 10 -25.95 -29.87 22.91
N CYS H 11 -26.67 -28.96 23.57
CA CYS H 11 -27.36 -29.25 24.80
C CYS H 11 -28.84 -29.51 24.54
N SER H 12 -29.39 -30.44 25.31
CA SER H 12 -30.82 -30.75 25.26
C SER H 12 -31.53 -30.05 26.40
N ARG H 13 -32.87 -30.17 26.41
CA ARG H 13 -33.65 -29.57 27.48
C ARG H 13 -33.35 -30.20 28.83
N TYR H 14 -33.12 -31.52 28.87
CA TYR H 14 -32.81 -32.19 30.12
C TYR H 14 -31.45 -31.77 30.66
N GLN H 15 -30.47 -31.55 29.76
CA GLN H 15 -29.13 -31.20 30.22
C GLN H 15 -29.11 -29.86 30.94
N LEU H 16 -29.89 -28.89 30.48
CA LEU H 16 -29.92 -27.59 31.12
C LEU H 16 -30.55 -27.64 32.51
N GLU H 17 -31.28 -28.71 32.83
CA GLU H 17 -31.86 -28.84 34.16
C GLU H 17 -30.80 -29.05 35.23
N ASN H 18 -29.65 -29.63 34.87
CA ASN H 18 -28.58 -29.86 35.83
C ASN H 18 -28.00 -28.56 36.38
N TYR H 19 -28.24 -27.43 35.71
CA TYR H 19 -27.75 -26.13 36.16
C TYR H 19 -28.81 -25.36 36.94
N CYS H 20 -29.81 -26.06 37.48
CA CYS H 20 -30.89 -25.43 38.22
C CYS H 20 -31.09 -26.20 39.52
N ASN H 21 -31.72 -25.53 40.48
CA ASN H 21 -31.97 -26.11 41.80
C ASN H 21 -32.78 -27.39 41.70
N GLY I 1 -27.50 13.94 18.65
CA GLY I 1 -26.57 14.82 17.96
C GLY I 1 -25.84 14.13 16.82
N ILE I 2 -26.47 14.11 15.65
CA ILE I 2 -25.86 13.47 14.48
C ILE I 2 -24.62 14.22 14.03
N GLU I 3 -24.62 15.56 14.14
CA GLU I 3 -23.49 16.34 13.68
C GLU I 3 -22.24 16.01 14.48
N GLU I 4 -22.34 16.06 15.81
CA GLU I 4 -21.16 15.83 16.65
C GLU I 4 -20.65 14.40 16.52
N GLN I 5 -21.50 13.46 16.11
CA GLN I 5 -21.07 12.08 16.06
C GLN I 5 -20.50 11.68 14.70
N CYS I 6 -21.00 12.21 13.58
CA CYS I 6 -20.34 11.85 12.33
C CYS I 6 -20.20 12.99 11.32
N CYS I 7 -19.91 14.21 11.76
CA CYS I 7 -19.37 15.22 10.86
C CYS I 7 -17.86 15.34 11.01
N THR I 8 -17.33 15.01 12.18
CA THR I 8 -15.90 14.87 12.41
C THR I 8 -15.45 13.42 12.47
N SER I 9 -16.38 12.49 12.69
CA SER I 9 -16.13 11.06 12.66
C SER I 9 -16.96 10.41 11.56
N ILE I 10 -16.93 9.08 11.51
CA ILE I 10 -17.65 8.30 10.52
C ILE I 10 -18.75 7.53 11.24
N CYS I 11 -19.99 7.69 10.75
CA CYS I 11 -21.13 6.96 11.28
C CYS I 11 -21.53 5.86 10.32
N SER I 12 -21.66 4.64 10.84
CA SER I 12 -22.03 3.47 10.05
C SER I 12 -23.54 3.46 9.86
N LEU I 13 -24.06 2.40 9.24
CA LEU I 13 -25.49 2.35 8.97
C LEU I 13 -26.31 2.20 10.25
N TYR I 14 -25.81 1.39 11.21
CA TYR I 14 -26.64 1.01 12.36
C TYR I 14 -27.09 2.22 13.17
N GLN I 15 -26.17 3.15 13.44
CA GLN I 15 -26.54 4.32 14.20
C GLN I 15 -27.18 5.39 13.34
N LEU I 16 -27.73 5.02 12.18
CA LEU I 16 -28.54 5.92 11.38
C LEU I 16 -30.01 5.55 11.36
N GLU I 17 -30.35 4.27 11.60
CA GLU I 17 -31.78 3.95 11.69
C GLU I 17 -32.37 4.42 13.01
N ASN I 18 -31.53 4.76 13.99
CA ASN I 18 -32.02 5.27 15.27
C ASN I 18 -32.67 6.63 15.15
N TYR I 19 -32.51 7.32 14.02
CA TYR I 19 -33.11 8.63 13.77
C TYR I 19 -34.36 8.49 12.91
N CYS I 20 -35.07 7.38 13.05
CA CYS I 20 -36.19 7.04 12.19
C CYS I 20 -37.40 6.68 13.03
N ASN I 21 -38.58 6.79 12.43
CA ASN I 21 -39.83 6.45 13.10
C ASN I 21 -40.02 4.94 13.17
N GLY J 1 25.86 4.08 -24.73
CA GLY J 1 24.75 5.01 -24.66
C GLY J 1 24.07 5.04 -23.31
N ILE J 2 24.63 5.85 -22.39
CA ILE J 2 24.08 5.96 -21.05
C ILE J 2 22.70 6.61 -21.08
N GLU J 3 22.50 7.59 -21.97
CA GLU J 3 21.23 8.29 -22.03
C GLU J 3 20.09 7.35 -22.39
N GLU J 4 20.25 6.60 -23.48
CA GLU J 4 19.18 5.72 -23.94
C GLU J 4 18.90 4.60 -22.93
N GLN J 5 19.88 4.27 -22.09
CA GLN J 5 19.67 3.14 -21.18
C GLN J 5 19.09 3.57 -19.83
N CYS J 6 19.45 4.74 -19.29
CA CYS J 6 18.78 5.10 -18.05
C CYS J 6 18.42 6.59 -17.93
N CYS J 7 17.96 7.22 -19.01
CA CYS J 7 17.21 8.47 -18.87
C CYS J 7 15.71 8.24 -18.99
N THR J 8 15.31 7.19 -19.68
CA THR J 8 13.93 6.70 -19.68
C THR J 8 13.73 5.46 -18.82
N SER J 9 14.81 4.76 -18.49
CA SER J 9 14.79 3.60 -17.60
C SER J 9 15.67 3.89 -16.38
N ILE J 10 15.85 2.86 -15.56
CA ILE J 10 16.62 2.98 -14.32
C ILE J 10 17.88 2.13 -14.47
N CYS J 11 19.03 2.75 -14.23
CA CYS J 11 20.31 2.06 -14.30
C CYS J 11 20.86 1.84 -12.90
N SER J 12 21.23 0.59 -12.59
CA SER J 12 21.76 0.22 -11.29
C SER J 12 23.26 0.53 -11.25
N LEU J 13 23.90 0.19 -10.13
CA LEU J 13 25.32 0.50 -9.97
C LEU J 13 26.17 -0.30 -10.95
N TYR J 14 25.84 -1.58 -11.15
CA TYR J 14 26.71 -2.50 -11.88
C TYR J 14 27.00 -2.01 -13.29
N GLN J 15 25.98 -1.53 -14.00
CA GLN J 15 26.23 -1.02 -15.34
C GLN J 15 26.69 0.43 -15.35
N LEU J 16 27.25 0.93 -14.24
CA LEU J 16 27.81 2.27 -14.21
C LEU J 16 29.34 2.27 -14.10
N GLU J 17 29.95 1.24 -13.53
CA GLU J 17 31.41 1.21 -13.51
C GLU J 17 31.98 0.83 -14.87
N ASN J 18 31.14 0.33 -15.77
CA ASN J 18 31.58 0.03 -17.12
C ASN J 18 31.99 1.28 -17.89
N TYR J 19 31.63 2.46 -17.39
CA TYR J 19 31.98 3.74 -17.99
C TYR J 19 33.18 4.36 -17.29
N CYS J 20 34.10 3.53 -16.80
CA CYS J 20 35.20 3.97 -15.97
C CYS J 20 36.51 3.38 -16.47
N ASN J 21 37.61 4.02 -16.12
CA ASN J 21 38.94 3.55 -16.50
C ASN J 21 39.36 2.36 -15.64
#